data_8BL8
#
_entry.id   8BL8
#
_cell.length_a   1.00
_cell.length_b   1.00
_cell.length_c   1.00
_cell.angle_alpha   90.00
_cell.angle_beta   90.00
_cell.angle_gamma   90.00
#
_symmetry.space_group_name_H-M   'P 1'
#
loop_
_entity.id
_entity.type
_entity.pdbx_description
1 polymer '5-hydroxytryptamine receptor 3A'
2 branched 2-acetamido-2-deoxy-beta-D-glucopyranose-(1-4)-2-acetamido-2-deoxy-beta-D-glucopyranose
3 non-polymer 2-acetamido-2-deoxy-beta-D-glucopyranose
#
_entity_poly.entity_id   1
_entity_poly.type   'polypeptide(L)'
_entity_poly.pdbx_seq_one_letter_code
;TTRPALLRLSDYLLTNYRKGVRPVRDWRKPTTVSIDVIVYAILNVDEKNQVLTTYIWYRQYWTDEFLQWNPEDFDNITKL
SIPTDSIWVPDILINEFVDVGKSPNIPYVYIRHQGEVQNYKPLQVVTACSLDIYNFPFDVQNCSLTFTSWLHTIQDINIS
LWRLPEKVKSDRSVFMNQGEWELLGVLPYFREFSMESSNYYAEMKFYVVIRRRPLFYVVSLLLPSIFLMVMDIVGFYLPP
NSGERVSFKITLLLGYSVFLIIVSDTLPATAIGTPLIGVYFVVCMALLVISLAETIFIVRLVHKQDLQQPVPAWLRHLVL
ERIAWLLCLASLAVCGLLQELSSIRQFLEKRDEIREVARDWLRVGSVLDKLLFHIYLLAVLAYSITLVMLWSIWQYA
;
_entity_poly.pdbx_strand_id   A,B,C,D,E
#
loop_
_chem_comp.id
_chem_comp.type
_chem_comp.name
_chem_comp.formula
NAG D-saccharide, beta linking 2-acetamido-2-deoxy-beta-D-glucopyranose 'C8 H15 N O6'
#
# COMPACT_ATOMS: atom_id res chain seq x y z
N ARG A 3 -51.93 -12.20 10.34
CA ARG A 3 -50.47 -11.91 10.35
C ARG A 3 -50.19 -10.50 10.82
N PRO A 4 -48.98 -10.24 11.30
CA PRO A 4 -48.65 -8.89 11.77
C PRO A 4 -48.66 -7.88 10.63
N ALA A 5 -48.94 -6.63 10.99
CA ALA A 5 -49.14 -5.59 9.98
C ALA A 5 -47.91 -5.41 9.11
N LEU A 6 -46.72 -5.35 9.72
CA LEU A 6 -45.52 -5.12 8.94
C LEU A 6 -45.31 -6.21 7.90
N LEU A 7 -45.52 -7.46 8.29
CA LEU A 7 -45.24 -8.57 7.40
C LEU A 7 -46.17 -8.57 6.20
N ARG A 8 -47.47 -8.39 6.43
CA ARG A 8 -48.41 -8.40 5.31
C ARG A 8 -48.28 -7.15 4.46
N LEU A 9 -47.90 -6.02 5.05
CA LEU A 9 -47.62 -4.83 4.25
C LEU A 9 -46.42 -5.08 3.33
N SER A 10 -45.36 -5.69 3.86
CA SER A 10 -44.19 -5.96 3.04
C SER A 10 -44.54 -6.94 1.92
N ASP A 11 -45.34 -7.96 2.23
CA ASP A 11 -45.78 -8.88 1.18
C ASP A 11 -46.62 -8.16 0.13
N TYR A 12 -47.51 -7.26 0.56
CA TYR A 12 -48.34 -6.51 -0.37
C TYR A 12 -47.47 -5.68 -1.31
N LEU A 13 -46.42 -5.06 -0.78
CA LEU A 13 -45.58 -4.20 -1.61
C LEU A 13 -44.69 -5.00 -2.55
N LEU A 14 -43.87 -5.89 -1.99
CA LEU A 14 -42.74 -6.44 -2.72
C LEU A 14 -43.03 -7.76 -3.42
N THR A 15 -44.20 -8.35 -3.25
CA THR A 15 -44.47 -9.62 -3.93
C THR A 15 -44.49 -9.45 -5.44
N ASN A 16 -45.18 -8.43 -5.93
CA ASN A 16 -45.30 -8.18 -7.37
C ASN A 16 -44.40 -7.03 -7.84
N TYR A 17 -43.70 -6.37 -6.94
CA TYR A 17 -42.76 -5.33 -7.35
C TYR A 17 -41.68 -5.93 -8.24
N ARG A 18 -41.36 -5.23 -9.32
CA ARG A 18 -40.40 -5.70 -10.33
C ARG A 18 -39.31 -4.64 -10.46
N LYS A 19 -38.27 -4.77 -9.64
CA LYS A 19 -37.17 -3.83 -9.70
C LYS A 19 -36.46 -3.91 -11.05
N GLY A 20 -35.72 -2.86 -11.37
CA GLY A 20 -35.07 -2.76 -12.65
C GLY A 20 -35.76 -1.75 -13.54
N VAL A 21 -37.09 -1.74 -13.51
CA VAL A 21 -37.86 -0.74 -14.25
C VAL A 21 -37.97 0.52 -13.43
N ARG A 22 -37.78 1.67 -14.07
CA ARG A 22 -37.89 2.94 -13.38
C ARG A 22 -39.28 3.08 -12.79
N PRO A 23 -39.42 3.37 -11.48
CA PRO A 23 -40.75 3.32 -10.86
C PRO A 23 -41.63 4.49 -11.23
N VAL A 24 -42.15 4.49 -12.45
CA VAL A 24 -43.06 5.53 -12.93
C VAL A 24 -44.12 4.87 -13.78
N ARG A 25 -45.39 5.23 -13.53
CA ARG A 25 -46.50 4.63 -14.26
C ARG A 25 -46.85 5.40 -15.53
N ASP A 26 -46.19 6.51 -15.81
CA ASP A 26 -46.27 7.20 -17.10
C ASP A 26 -44.84 7.52 -17.51
N TRP A 27 -44.30 6.73 -18.45
CA TRP A 27 -42.87 6.73 -18.70
C TRP A 27 -42.35 8.10 -19.11
N ARG A 28 -43.23 8.98 -19.60
CA ARG A 28 -42.78 10.30 -20.03
C ARG A 28 -42.36 11.18 -18.86
N LYS A 29 -42.82 10.87 -17.66
CA LYS A 29 -42.52 11.71 -16.51
C LYS A 29 -41.15 11.35 -15.94
N PRO A 30 -40.23 12.31 -15.78
CA PRO A 30 -38.94 11.99 -15.18
C PRO A 30 -39.05 11.73 -13.69
N THR A 31 -38.07 11.00 -13.16
CA THR A 31 -37.96 10.74 -11.73
C THR A 31 -37.03 11.78 -11.12
N THR A 32 -37.57 12.63 -10.24
CA THR A 32 -36.80 13.71 -9.64
C THR A 32 -36.16 13.21 -8.35
N VAL A 33 -34.84 13.09 -8.34
CA VAL A 33 -34.10 12.58 -7.20
C VAL A 33 -33.54 13.76 -6.41
N SER A 34 -34.15 14.05 -5.27
CA SER A 34 -33.62 15.07 -4.38
C SER A 34 -32.46 14.52 -3.59
N ILE A 35 -31.39 15.29 -3.48
CA ILE A 35 -30.17 14.83 -2.82
C ILE A 35 -29.70 15.90 -1.84
N ASP A 36 -28.81 15.46 -0.94
CA ASP A 36 -28.17 16.34 0.03
C ASP A 36 -26.83 15.76 0.39
N VAL A 37 -25.92 16.61 0.86
CA VAL A 37 -24.58 16.18 1.23
C VAL A 37 -24.14 16.96 2.46
N ILE A 38 -23.64 16.25 3.47
CA ILE A 38 -23.03 16.85 4.65
C ILE A 38 -21.61 16.31 4.75
N VAL A 39 -20.64 17.21 4.73
CA VAL A 39 -19.24 16.80 4.80
C VAL A 39 -18.92 16.47 6.25
N TYR A 40 -18.41 15.25 6.46
CA TYR A 40 -18.09 14.81 7.82
C TYR A 40 -16.61 15.03 8.15
N ALA A 41 -15.72 14.77 7.21
CA ALA A 41 -14.30 14.98 7.46
C ALA A 41 -13.55 14.95 6.13
N ILE A 42 -12.52 15.78 6.05
CA ILE A 42 -11.62 15.79 4.90
C ILE A 42 -10.45 14.89 5.29
N LEU A 43 -10.58 13.60 4.99
CA LEU A 43 -9.65 12.61 5.51
C LEU A 43 -8.24 12.86 5.00
N ASN A 44 -8.08 13.21 3.73
CA ASN A 44 -6.76 13.32 3.14
C ASN A 44 -6.82 14.19 1.90
N VAL A 45 -5.95 15.19 1.84
CA VAL A 45 -5.73 15.99 0.63
C VAL A 45 -4.34 15.66 0.14
N ASP A 46 -4.26 15.07 -1.05
CA ASP A 46 -3.00 14.57 -1.60
C ASP A 46 -2.58 15.47 -2.76
N GLU A 47 -1.79 16.49 -2.43
CA GLU A 47 -1.34 17.43 -3.46
C GLU A 47 -0.31 16.82 -4.39
N LYS A 48 0.31 15.70 -4.01
CA LYS A 48 1.18 14.98 -4.92
C LYS A 48 0.37 14.33 -6.04
N ASN A 49 -0.61 13.51 -5.65
CA ASN A 49 -1.43 12.80 -6.62
C ASN A 49 -2.61 13.63 -7.11
N GLN A 50 -2.80 14.83 -6.57
CA GLN A 50 -3.89 15.71 -6.98
C GLN A 50 -5.25 15.06 -6.78
N VAL A 51 -5.40 14.37 -5.66
CA VAL A 51 -6.67 13.79 -5.25
C VAL A 51 -6.88 14.10 -3.78
N LEU A 52 -8.14 14.07 -3.35
CA LEU A 52 -8.49 14.22 -1.95
C LEU A 52 -9.55 13.19 -1.60
N THR A 53 -9.62 12.85 -0.31
CA THR A 53 -10.60 11.90 0.19
C THR A 53 -11.47 12.62 1.21
N THR A 54 -12.77 12.67 0.93
CA THR A 54 -13.73 13.35 1.80
C THR A 54 -14.77 12.34 2.27
N TYR A 55 -14.95 12.27 3.58
CA TYR A 55 -16.01 11.45 4.18
C TYR A 55 -17.27 12.32 4.25
N ILE A 56 -18.27 12.01 3.43
CA ILE A 56 -19.48 12.81 3.33
C ILE A 56 -20.69 11.94 3.59
N TRP A 57 -21.64 12.47 4.36
CA TRP A 57 -22.92 11.81 4.59
C TRP A 57 -23.86 12.22 3.47
N TYR A 58 -24.24 11.26 2.64
CA TYR A 58 -25.03 11.51 1.44
C TYR A 58 -26.41 10.90 1.61
N ARG A 59 -27.44 11.71 1.44
CA ARG A 59 -28.82 11.26 1.58
C ARG A 59 -29.64 11.79 0.41
N GLN A 60 -30.49 10.92 -0.14
CA GLN A 60 -31.28 11.23 -1.32
C GLN A 60 -32.65 10.59 -1.18
N TYR A 61 -33.65 11.20 -1.80
CA TYR A 61 -34.98 10.61 -1.82
C TYR A 61 -35.63 10.83 -3.18
N TRP A 62 -36.46 9.87 -3.57
CA TRP A 62 -37.19 9.91 -4.82
C TRP A 62 -38.57 9.30 -4.60
N THR A 63 -39.49 9.59 -5.51
CA THR A 63 -40.85 9.08 -5.42
C THR A 63 -40.95 7.80 -6.24
N ASP A 64 -41.31 6.71 -5.58
CA ASP A 64 -41.53 5.42 -6.24
C ASP A 64 -43.03 5.21 -6.37
N GLU A 65 -43.53 5.22 -7.61
CA GLU A 65 -44.97 5.21 -7.83
C GLU A 65 -45.62 3.89 -7.46
N PHE A 66 -44.86 2.81 -7.39
CA PHE A 66 -45.44 1.49 -7.09
C PHE A 66 -45.44 1.17 -5.60
N LEU A 67 -44.47 1.69 -4.84
CA LEU A 67 -44.40 1.42 -3.41
C LEU A 67 -45.33 2.38 -2.64
N GLN A 68 -46.62 2.20 -2.88
CA GLN A 68 -47.65 3.01 -2.24
C GLN A 68 -48.69 2.11 -1.58
N TRP A 69 -49.23 2.57 -0.46
CA TRP A 69 -50.26 1.84 0.24
C TRP A 69 -51.12 2.82 1.02
N ASN A 70 -52.27 2.34 1.49
CA ASN A 70 -53.19 3.15 2.27
C ASN A 70 -53.03 2.80 3.74
N PRO A 71 -52.57 3.72 4.60
CA PRO A 71 -52.24 3.30 5.97
C PRO A 71 -53.36 2.61 6.72
N GLU A 72 -54.61 3.07 6.54
CA GLU A 72 -55.70 2.49 7.32
C GLU A 72 -55.86 1.00 7.07
N ASP A 73 -55.41 0.50 5.92
CA ASP A 73 -55.54 -0.91 5.60
C ASP A 73 -54.46 -1.77 6.23
N PHE A 74 -53.39 -1.17 6.76
CA PHE A 74 -52.24 -1.89 7.27
C PHE A 74 -51.89 -1.42 8.67
N ASP A 75 -52.90 -1.33 9.54
CA ASP A 75 -52.69 -0.97 10.94
C ASP A 75 -52.09 0.43 11.08
N ASN A 76 -52.45 1.33 10.16
CA ASN A 76 -52.08 2.74 10.26
C ASN A 76 -50.57 2.95 10.15
N ILE A 77 -49.87 2.02 9.50
CA ILE A 77 -48.43 2.18 9.30
C ILE A 77 -48.19 3.32 8.32
N THR A 78 -47.40 4.30 8.75
CA THR A 78 -47.08 5.43 7.88
C THR A 78 -45.78 5.23 7.11
N LYS A 79 -44.81 4.52 7.70
CA LYS A 79 -43.55 4.25 7.03
C LYS A 79 -43.00 2.93 7.52
N LEU A 80 -42.15 2.33 6.69
CA LEU A 80 -41.46 1.10 7.06
C LEU A 80 -40.13 1.04 6.33
N SER A 81 -39.23 0.22 6.84
CA SER A 81 -37.91 0.04 6.27
C SER A 81 -37.85 -1.29 5.51
N ILE A 82 -37.23 -1.25 4.33
CA ILE A 82 -37.07 -2.44 3.50
C ILE A 82 -35.68 -2.45 2.90
N PRO A 83 -35.19 -3.63 2.52
CA PRO A 83 -33.81 -3.72 2.01
C PRO A 83 -33.61 -2.84 0.78
N THR A 84 -32.44 -2.23 0.69
CA THR A 84 -32.16 -1.34 -0.43
C THR A 84 -32.10 -2.10 -1.74
N ASP A 85 -31.60 -3.34 -1.72
CA ASP A 85 -31.46 -4.12 -2.93
C ASP A 85 -32.78 -4.71 -3.41
N SER A 86 -33.87 -4.48 -2.70
CA SER A 86 -35.18 -4.99 -3.07
C SER A 86 -35.99 -4.02 -3.91
N ILE A 87 -35.46 -2.84 -4.21
CA ILE A 87 -36.18 -1.80 -4.93
C ILE A 87 -35.25 -1.12 -5.95
N TRP A 88 -35.87 -0.44 -6.91
CA TRP A 88 -35.11 0.36 -7.87
C TRP A 88 -34.42 1.51 -7.16
N VAL A 89 -33.15 1.72 -7.47
CA VAL A 89 -32.35 2.77 -6.85
C VAL A 89 -31.68 3.56 -7.97
N PRO A 90 -31.83 4.89 -8.01
CA PRO A 90 -31.23 5.65 -9.12
C PRO A 90 -29.72 5.51 -9.12
N ASP A 91 -29.14 5.52 -10.32
CA ASP A 91 -27.70 5.38 -10.46
C ASP A 91 -27.01 6.73 -10.37
N ILE A 92 -27.32 7.50 -9.33
CA ILE A 92 -26.64 8.77 -9.12
C ILE A 92 -25.19 8.48 -8.74
N LEU A 93 -24.27 8.93 -9.58
CA LEU A 93 -22.85 8.62 -9.44
C LEU A 93 -22.04 9.90 -9.47
N ILE A 94 -21.03 9.96 -8.61
CA ILE A 94 -20.11 11.08 -8.59
C ILE A 94 -19.09 10.92 -9.70
N ASN A 95 -18.79 12.02 -10.40
CA ASN A 95 -17.75 11.99 -11.42
C ASN A 95 -16.39 12.16 -10.76
N GLU A 96 -15.34 12.15 -11.58
CA GLU A 96 -13.98 12.47 -11.17
C GLU A 96 -13.56 11.69 -9.92
N PHE A 97 -14.16 10.54 -9.67
CA PHE A 97 -13.70 9.70 -8.58
C PHE A 97 -12.51 8.87 -9.03
N VAL A 98 -11.65 8.52 -8.08
CA VAL A 98 -10.49 7.68 -8.36
C VAL A 98 -10.62 6.30 -7.74
N ASP A 99 -11.55 6.11 -6.81
CA ASP A 99 -11.79 4.81 -6.19
C ASP A 99 -13.27 4.73 -5.87
N VAL A 100 -13.84 3.54 -6.08
CA VAL A 100 -15.25 3.35 -5.75
C VAL A 100 -15.50 3.65 -4.29
N GLY A 101 -14.48 3.51 -3.45
CA GLY A 101 -14.58 3.85 -2.05
C GLY A 101 -14.64 2.62 -1.16
N LYS A 102 -14.38 2.85 0.13
CA LYS A 102 -14.40 1.81 1.15
C LYS A 102 -15.60 1.94 2.08
N SER A 103 -16.76 2.32 1.54
CA SER A 103 -17.95 2.52 2.35
C SER A 103 -18.78 1.25 2.44
N PRO A 104 -19.57 1.07 3.50
CA PRO A 104 -20.43 -0.11 3.62
C PRO A 104 -21.69 0.03 2.77
N ASN A 105 -22.55 -0.98 2.88
CA ASN A 105 -23.67 -1.12 1.96
C ASN A 105 -24.98 -0.54 2.49
N ILE A 106 -25.12 -0.35 3.80
CA ILE A 106 -26.33 0.26 4.35
C ILE A 106 -27.56 -0.48 3.86
N PRO A 107 -27.88 -1.65 4.42
CA PRO A 107 -28.88 -2.53 3.79
C PRO A 107 -30.23 -1.89 3.51
N TYR A 108 -30.72 -1.01 4.39
CA TYR A 108 -32.13 -0.65 4.40
C TYR A 108 -32.36 0.77 3.89
N VAL A 109 -33.58 0.99 3.40
CA VAL A 109 -34.09 2.31 3.03
C VAL A 109 -35.47 2.47 3.64
N TYR A 110 -35.89 3.72 3.85
CA TYR A 110 -37.21 4.02 4.37
C TYR A 110 -38.18 4.27 3.24
N ILE A 111 -39.41 3.77 3.40
CA ILE A 111 -40.51 4.03 2.49
C ILE A 111 -41.64 4.67 3.28
N ARG A 112 -42.17 5.77 2.76
CA ARG A 112 -43.36 6.40 3.32
C ARG A 112 -44.54 6.15 2.39
N HIS A 113 -45.74 6.11 2.98
CA HIS A 113 -46.90 5.59 2.26
C HIS A 113 -47.19 6.38 0.98
N GLN A 114 -46.72 7.62 0.89
CA GLN A 114 -46.88 8.37 -0.35
C GLN A 114 -45.99 7.85 -1.47
N GLY A 115 -45.06 6.95 -1.16
CA GLY A 115 -44.13 6.42 -2.14
C GLY A 115 -42.75 7.04 -2.09
N GLU A 116 -42.52 8.02 -1.23
CA GLU A 116 -41.20 8.64 -1.12
C GLU A 116 -40.23 7.66 -0.46
N VAL A 117 -39.11 7.40 -1.13
CA VAL A 117 -38.07 6.50 -0.64
C VAL A 117 -36.90 7.34 -0.19
N GLN A 118 -36.46 7.14 1.05
CA GLN A 118 -35.33 7.86 1.62
C GLN A 118 -34.15 6.92 1.75
N ASN A 119 -33.01 7.33 1.21
CA ASN A 119 -31.80 6.51 1.23
C ASN A 119 -30.66 7.33 1.81
N TYR A 120 -30.17 6.91 2.98
CA TYR A 120 -29.03 7.53 3.63
C TYR A 120 -27.83 6.60 3.50
N LYS A 121 -26.69 7.13 3.07
CA LYS A 121 -25.52 6.30 2.90
C LYS A 121 -24.26 7.13 3.12
N PRO A 122 -23.24 6.57 3.78
CA PRO A 122 -21.96 7.28 3.90
C PRO A 122 -21.06 6.96 2.71
N LEU A 123 -20.41 7.98 2.18
CA LEU A 123 -19.52 7.84 1.03
C LEU A 123 -18.11 8.25 1.41
N GLN A 124 -17.16 7.34 1.20
CA GLN A 124 -15.74 7.65 1.34
C GLN A 124 -15.13 7.99 -0.02
N VAL A 125 -15.69 9.01 -0.66
CA VAL A 125 -15.29 9.36 -2.01
C VAL A 125 -13.86 9.86 -2.01
N VAL A 126 -13.10 9.47 -3.04
CA VAL A 126 -11.79 10.03 -3.32
C VAL A 126 -11.82 10.50 -4.76
N THR A 127 -11.56 11.78 -4.98
CA THR A 127 -11.79 12.40 -6.28
C THR A 127 -10.60 13.26 -6.66
N ALA A 128 -10.56 13.62 -7.94
CA ALA A 128 -9.51 14.48 -8.46
C ALA A 128 -9.92 15.95 -8.40
N CYS A 129 -9.04 16.79 -7.87
CA CYS A 129 -9.12 18.24 -8.05
C CYS A 129 -7.72 18.79 -8.18
N SER A 130 -7.65 19.96 -8.82
CA SER A 130 -6.38 20.61 -9.11
C SER A 130 -5.89 21.33 -7.86
N LEU A 131 -5.22 20.58 -6.99
CA LEU A 131 -4.74 21.10 -5.71
C LEU A 131 -3.47 21.92 -5.95
N ASP A 132 -3.65 23.22 -6.18
CA ASP A 132 -2.53 24.11 -6.43
C ASP A 132 -2.09 24.72 -5.11
N ILE A 133 -0.83 24.47 -4.73
CA ILE A 133 -0.32 24.84 -3.42
C ILE A 133 0.56 26.08 -3.52
N TYR A 134 0.29 26.93 -4.50
CA TYR A 134 1.06 28.16 -4.67
C TYR A 134 1.15 28.95 -3.37
N ASN A 135 0.04 29.02 -2.63
CA ASN A 135 -0.04 29.72 -1.37
C ASN A 135 0.23 28.81 -0.17
N PHE A 136 1.08 27.79 -0.33
CA PHE A 136 1.07 26.58 0.48
C PHE A 136 0.72 26.79 1.95
N PRO A 137 1.45 27.58 2.72
CA PRO A 137 1.10 27.67 4.15
C PRO A 137 -0.26 28.26 4.38
N PHE A 138 -0.69 29.18 3.52
CA PHE A 138 -1.94 29.91 3.70
C PHE A 138 -2.89 29.57 2.57
N ASP A 139 -3.03 28.28 2.29
CA ASP A 139 -3.61 27.79 1.06
C ASP A 139 -5.10 27.52 1.21
N VAL A 140 -5.89 27.98 0.24
CA VAL A 140 -7.32 27.71 0.19
C VAL A 140 -7.61 26.96 -1.10
N GLN A 141 -8.18 25.76 -0.97
CA GLN A 141 -8.45 24.89 -2.10
C GLN A 141 -9.95 24.85 -2.38
N ASN A 142 -10.30 24.90 -3.66
CA ASN A 142 -11.70 24.93 -4.09
C ASN A 142 -11.93 23.67 -4.94
N CYS A 143 -12.18 22.55 -4.28
CA CYS A 143 -12.41 21.23 -4.85
C CYS A 143 -13.90 20.98 -5.00
N SER A 144 -14.27 20.19 -6.02
CA SER A 144 -15.67 20.07 -6.38
C SER A 144 -16.09 18.62 -6.51
N LEU A 145 -17.32 18.37 -6.09
CA LEU A 145 -18.01 17.12 -6.32
C LEU A 145 -19.23 17.38 -7.20
N THR A 146 -19.44 16.53 -8.20
CA THR A 146 -20.61 16.61 -9.06
C THR A 146 -21.30 15.25 -9.08
N PHE A 147 -22.59 15.24 -8.74
CA PHE A 147 -23.40 14.03 -8.75
C PHE A 147 -24.29 14.05 -9.98
N THR A 148 -24.25 12.97 -10.76
CA THR A 148 -24.99 12.91 -12.01
C THR A 148 -25.49 11.49 -12.22
N SER A 149 -26.69 11.39 -12.77
CA SER A 149 -27.22 10.09 -13.18
C SER A 149 -26.38 9.58 -14.34
N TRP A 150 -25.58 8.55 -14.07
CA TRP A 150 -24.55 8.14 -15.03
C TRP A 150 -25.17 7.79 -16.38
N LEU A 151 -26.21 6.95 -16.38
CA LEU A 151 -26.83 6.55 -17.64
C LEU A 151 -28.00 7.46 -18.00
N HIS A 152 -28.99 7.55 -17.12
CA HIS A 152 -30.25 8.18 -17.48
C HIS A 152 -30.06 9.66 -17.79
N THR A 153 -30.70 10.11 -18.87
CA THR A 153 -30.71 11.51 -19.24
C THR A 153 -31.74 12.26 -18.39
N ILE A 154 -31.87 13.56 -18.64
CA ILE A 154 -32.82 14.36 -17.88
C ILE A 154 -34.25 13.96 -18.18
N GLN A 155 -34.49 13.30 -19.31
CA GLN A 155 -35.83 12.82 -19.63
C GLN A 155 -36.26 11.67 -18.72
N ASP A 156 -35.31 11.05 -18.00
CA ASP A 156 -35.61 9.95 -17.11
C ASP A 156 -35.35 10.30 -15.66
N ILE A 157 -34.15 10.78 -15.33
CA ILE A 157 -33.77 11.12 -13.97
C ILE A 157 -33.32 12.58 -13.95
N ASN A 158 -33.87 13.36 -13.02
CA ASN A 158 -33.48 14.74 -12.80
C ASN A 158 -33.12 14.91 -11.34
N ILE A 159 -32.16 15.78 -11.06
CA ILE A 159 -31.60 15.93 -9.73
C ILE A 159 -31.99 17.29 -9.17
N SER A 160 -32.13 17.34 -7.84
CA SER A 160 -32.53 18.56 -7.16
C SER A 160 -32.00 18.52 -5.74
N LEU A 161 -32.05 19.66 -5.07
CA LEU A 161 -31.58 19.76 -3.70
C LEU A 161 -32.69 19.40 -2.72
N TRP A 162 -32.30 18.74 -1.62
CA TRP A 162 -33.24 18.41 -0.57
C TRP A 162 -33.52 19.62 0.30
N ARG A 163 -32.47 20.31 0.74
CA ARG A 163 -32.57 21.48 1.59
C ARG A 163 -32.42 22.75 0.76
N LEU A 164 -32.72 23.88 1.39
CA LEU A 164 -32.51 25.15 0.73
C LEU A 164 -31.02 25.38 0.51
N PRO A 165 -30.63 26.01 -0.61
CA PRO A 165 -29.19 26.09 -0.92
C PRO A 165 -28.37 26.75 0.18
N GLU A 166 -28.87 27.81 0.79
CA GLU A 166 -28.11 28.49 1.83
C GLU A 166 -27.99 27.64 3.08
N LYS A 167 -28.97 26.75 3.32
CA LYS A 167 -28.91 25.90 4.50
C LYS A 167 -27.85 24.82 4.36
N VAL A 168 -27.61 24.33 3.13
CA VAL A 168 -26.55 23.37 2.92
C VAL A 168 -25.20 24.07 2.76
N LYS A 169 -25.21 25.32 2.30
CA LYS A 169 -23.97 26.05 2.12
C LYS A 169 -23.27 26.31 3.45
N SER A 170 -24.04 26.55 4.51
CA SER A 170 -23.52 26.88 5.82
C SER A 170 -23.57 25.70 6.78
N ASP A 171 -23.67 24.47 6.28
CA ASP A 171 -23.86 23.31 7.13
C ASP A 171 -22.50 22.77 7.57
N ARG A 172 -22.20 22.90 8.85
CA ARG A 172 -21.07 22.25 9.50
C ARG A 172 -21.53 21.56 10.77
N SER A 173 -22.68 20.89 10.69
CA SER A 173 -23.30 20.32 11.88
C SER A 173 -22.44 19.24 12.51
N VAL A 174 -21.82 18.39 11.69
CA VAL A 174 -21.16 17.19 12.20
C VAL A 174 -19.73 17.12 11.68
N PHE A 175 -19.21 18.22 11.15
CA PHE A 175 -17.87 18.21 10.58
C PHE A 175 -16.82 18.07 11.67
N MET A 176 -15.86 17.17 11.45
CA MET A 176 -14.75 16.96 12.39
C MET A 176 -13.73 18.06 12.16
N ASN A 177 -13.79 19.11 13.00
CA ASN A 177 -13.01 20.30 12.74
C ASN A 177 -11.54 20.13 13.09
N GLN A 178 -11.22 19.31 14.08
CA GLN A 178 -9.83 19.17 14.52
C GLN A 178 -9.05 18.41 13.45
N GLY A 179 -8.31 19.14 12.64
CA GLY A 179 -7.53 18.54 11.57
C GLY A 179 -6.79 19.62 10.81
N GLU A 180 -6.03 19.18 9.82
CA GLU A 180 -5.21 20.12 9.06
C GLU A 180 -6.07 21.09 8.26
N TRP A 181 -7.27 20.67 7.86
CA TRP A 181 -8.13 21.47 6.99
C TRP A 181 -9.44 21.81 7.69
N GLU A 182 -9.94 23.01 7.41
CA GLU A 182 -11.27 23.43 7.81
C GLU A 182 -12.04 23.87 6.57
N LEU A 183 -13.32 23.55 6.52
CA LEU A 183 -14.13 23.81 5.34
C LEU A 183 -14.94 25.09 5.54
N LEU A 184 -14.92 25.95 4.53
CA LEU A 184 -15.67 27.21 4.57
C LEU A 184 -17.08 27.09 4.00
N GLY A 185 -17.42 25.96 3.40
CA GLY A 185 -18.75 25.75 2.89
C GLY A 185 -18.73 24.87 1.65
N VAL A 186 -19.91 24.37 1.31
CA VAL A 186 -20.12 23.61 0.09
C VAL A 186 -21.20 24.33 -0.72
N LEU A 187 -20.86 24.72 -1.94
CA LEU A 187 -21.73 25.56 -2.74
C LEU A 187 -22.41 24.72 -3.82
N PRO A 188 -23.72 24.50 -3.75
CA PRO A 188 -24.40 23.72 -4.80
C PRO A 188 -24.58 24.54 -6.08
N TYR A 189 -24.67 23.82 -7.20
CA TYR A 189 -24.85 24.48 -8.49
C TYR A 189 -25.39 23.46 -9.48
N PHE A 190 -26.62 23.67 -9.94
CA PHE A 190 -27.26 22.79 -10.90
C PHE A 190 -26.98 23.24 -12.32
N ARG A 191 -26.77 22.27 -13.22
CA ARG A 191 -26.56 22.57 -14.63
C ARG A 191 -26.93 21.34 -15.43
N GLU A 192 -27.19 21.55 -16.73
CA GLU A 192 -27.55 20.47 -17.65
C GLU A 192 -26.36 20.18 -18.56
N PHE A 193 -25.57 19.18 -18.19
CA PHE A 193 -24.45 18.75 -19.01
C PHE A 193 -24.96 18.11 -20.30
N SER A 194 -24.14 18.18 -21.34
CA SER A 194 -24.50 17.59 -22.64
C SER A 194 -23.21 17.11 -23.30
N MET A 195 -22.93 15.81 -23.18
CA MET A 195 -21.78 15.24 -23.88
C MET A 195 -21.96 15.32 -25.38
N GLU A 196 -23.17 15.05 -25.87
CA GLU A 196 -23.53 15.30 -27.26
C GLU A 196 -24.88 16.00 -27.26
N SER A 197 -25.05 16.97 -28.15
CA SER A 197 -26.22 17.86 -28.11
C SER A 197 -27.54 17.12 -28.19
N SER A 198 -27.54 15.83 -28.55
CA SER A 198 -28.78 15.07 -28.61
C SER A 198 -29.29 14.66 -27.23
N ASN A 199 -28.43 14.66 -26.21
CA ASN A 199 -28.81 14.24 -24.88
C ASN A 199 -28.40 15.30 -23.87
N TYR A 200 -29.24 15.51 -22.85
CA TYR A 200 -28.98 16.47 -21.79
C TYR A 200 -29.00 15.76 -20.46
N TYR A 201 -27.94 15.95 -19.66
CA TYR A 201 -27.75 15.24 -18.41
C TYR A 201 -27.79 16.24 -17.27
N ALA A 202 -28.68 16.01 -16.30
CA ALA A 202 -28.75 16.86 -15.13
C ALA A 202 -27.68 16.46 -14.13
N GLU A 203 -26.93 17.45 -13.63
CA GLU A 203 -25.87 17.21 -12.66
C GLU A 203 -25.90 18.29 -11.60
N MET A 204 -25.39 17.95 -10.42
CA MET A 204 -25.39 18.81 -9.25
C MET A 204 -23.96 18.92 -8.74
N LYS A 205 -23.32 20.06 -8.98
CA LYS A 205 -21.97 20.31 -8.51
C LYS A 205 -21.98 20.91 -7.12
N PHE A 206 -21.25 20.30 -6.21
CA PHE A 206 -20.99 20.86 -4.89
C PHE A 206 -19.52 21.26 -4.82
N TYR A 207 -19.27 22.56 -4.68
CA TYR A 207 -17.91 23.07 -4.53
C TYR A 207 -17.59 23.13 -3.04
N VAL A 208 -16.81 22.16 -2.56
CA VAL A 208 -16.37 22.16 -1.17
C VAL A 208 -15.12 23.05 -1.07
N VAL A 209 -15.21 24.09 -0.26
CA VAL A 209 -14.13 25.06 -0.09
C VAL A 209 -13.45 24.78 1.24
N ILE A 210 -12.15 24.57 1.22
CA ILE A 210 -11.37 24.20 2.39
C ILE A 210 -10.09 24.99 2.40
N ARG A 211 -9.61 25.37 3.59
CA ARG A 211 -8.37 26.11 3.74
C ARG A 211 -7.52 25.49 4.82
N ARG A 212 -6.23 25.35 4.53
CA ARG A 212 -5.28 24.83 5.51
C ARG A 212 -5.18 25.78 6.68
N ARG A 213 -5.17 25.22 7.91
CA ARG A 213 -4.89 26.05 9.07
C ARG A 213 -3.38 26.13 9.29
N PRO A 214 -2.76 27.30 9.17
CA PRO A 214 -1.30 27.34 8.94
C PRO A 214 -0.44 27.16 10.18
N LEU A 215 -0.98 27.31 11.39
CA LEU A 215 -0.13 27.57 12.55
C LEU A 215 1.01 26.56 12.66
N PHE A 216 0.73 25.27 12.44
CA PHE A 216 1.80 24.29 12.46
C PHE A 216 2.92 24.67 11.51
N TYR A 217 2.56 25.00 10.27
CA TYR A 217 3.57 25.36 9.28
C TYR A 217 4.21 26.70 9.59
N VAL A 218 3.45 27.67 10.08
CA VAL A 218 4.07 28.90 10.57
C VAL A 218 5.22 28.55 11.51
N VAL A 219 4.91 27.88 12.62
CA VAL A 219 5.92 27.60 13.65
C VAL A 219 7.08 26.81 13.07
N SER A 220 6.79 25.78 12.28
CA SER A 220 7.84 24.84 11.88
C SER A 220 8.72 25.37 10.74
N LEU A 221 8.17 26.20 9.86
CA LEU A 221 8.89 26.65 8.67
C LEU A 221 9.15 28.15 8.68
N LEU A 222 8.10 28.96 8.84
CA LEU A 222 8.25 30.38 8.55
C LEU A 222 9.06 31.08 9.63
N LEU A 223 8.83 30.74 10.90
CA LEU A 223 9.64 31.33 11.96
C LEU A 223 11.09 30.92 11.86
N PRO A 224 11.45 29.64 11.72
CA PRO A 224 12.86 29.30 11.51
C PRO A 224 13.46 29.95 10.28
N SER A 225 12.70 30.07 9.19
CA SER A 225 13.21 30.73 8.01
C SER A 225 13.51 32.20 8.29
N ILE A 226 12.60 32.88 8.97
CA ILE A 226 12.84 34.27 9.36
C ILE A 226 14.07 34.37 10.25
N PHE A 227 14.22 33.41 11.18
CA PHE A 227 15.36 33.41 12.08
C PHE A 227 16.66 33.31 11.31
N LEU A 228 16.74 32.36 10.38
CA LEU A 228 17.97 32.18 9.60
C LEU A 228 18.23 33.39 8.70
N MET A 229 17.19 33.95 8.10
CA MET A 229 17.37 35.12 7.25
C MET A 229 17.85 36.32 8.06
N VAL A 230 17.31 36.50 9.27
CA VAL A 230 17.77 37.58 10.14
C VAL A 230 19.22 37.35 10.55
N MET A 231 19.60 36.11 10.83
CA MET A 231 20.98 35.81 11.12
C MET A 231 21.89 36.14 9.93
N ASP A 232 21.44 35.83 8.71
CA ASP A 232 22.24 36.17 7.54
C ASP A 232 22.38 37.68 7.39
N ILE A 233 21.30 38.42 7.64
CA ILE A 233 21.38 39.88 7.62
C ILE A 233 22.39 40.37 8.64
N VAL A 234 22.36 39.79 9.84
CA VAL A 234 23.33 40.14 10.87
C VAL A 234 24.75 39.88 10.37
N GLY A 235 24.93 38.77 9.66
CA GLY A 235 26.27 38.40 9.23
C GLY A 235 26.96 39.46 8.41
N PHE A 236 26.21 40.28 7.66
CA PHE A 236 26.83 41.27 6.80
C PHE A 236 27.55 42.36 7.58
N TYR A 237 27.29 42.48 8.89
CA TYR A 237 28.03 43.46 9.68
C TYR A 237 29.53 43.18 9.68
N LEU A 238 29.91 41.91 9.61
CA LEU A 238 31.32 41.57 9.64
C LEU A 238 32.01 42.07 8.38
N PRO A 239 33.30 42.44 8.47
CA PRO A 239 33.98 42.96 7.29
C PRO A 239 34.10 41.89 6.22
N PRO A 240 34.04 42.27 4.94
CA PRO A 240 34.24 41.27 3.88
C PRO A 240 35.61 40.62 3.92
N ASN A 241 36.65 41.35 4.30
CA ASN A 241 38.01 40.82 4.27
C ASN A 241 38.27 39.78 5.36
N SER A 242 37.36 39.64 6.32
CA SER A 242 37.61 38.83 7.50
C SER A 242 37.28 37.37 7.23
N GLY A 243 38.20 36.48 7.58
CA GLY A 243 37.88 35.07 7.59
C GLY A 243 36.76 34.74 8.56
N GLU A 244 36.57 35.60 9.57
CA GLU A 244 35.43 35.45 10.46
C GLU A 244 34.13 35.47 9.68
N ARG A 245 33.99 36.42 8.75
CA ARG A 245 32.78 36.50 7.95
C ARG A 245 32.60 35.25 7.11
N VAL A 246 33.68 34.75 6.51
CA VAL A 246 33.58 33.56 5.67
C VAL A 246 33.13 32.37 6.49
N SER A 247 33.73 32.17 7.66
CA SER A 247 33.33 31.05 8.51
C SER A 247 31.89 31.21 8.97
N PHE A 248 31.49 32.42 9.34
CA PHE A 248 30.12 32.66 9.77
C PHE A 248 29.14 32.33 8.66
N LYS A 249 29.44 32.76 7.43
CA LYS A 249 28.56 32.48 6.32
C LYS A 249 28.52 30.98 6.02
N ILE A 250 29.66 30.29 6.14
CA ILE A 250 29.66 28.85 5.93
C ILE A 250 28.77 28.15 6.94
N THR A 251 28.88 28.52 8.21
CA THR A 251 28.06 27.86 9.22
C THR A 251 26.58 28.21 9.05
N LEU A 252 26.29 29.45 8.64
CA LEU A 252 24.90 29.82 8.39
C LEU A 252 24.33 29.06 7.19
N LEU A 253 25.16 28.84 6.17
CA LEU A 253 24.73 28.03 5.03
C LEU A 253 24.49 26.59 5.46
N LEU A 254 25.34 26.07 6.36
CA LEU A 254 25.09 24.75 6.93
C LEU A 254 23.76 24.71 7.67
N GLY A 255 23.45 25.79 8.40
CA GLY A 255 22.15 25.89 9.05
C GLY A 255 21.01 25.86 8.05
N TYR A 256 21.15 26.61 6.96
CA TYR A 256 20.18 26.54 5.86
C TYR A 256 20.00 25.10 5.41
N SER A 257 21.11 24.40 5.18
CA SER A 257 21.05 23.03 4.68
C SER A 257 20.29 22.12 5.64
N VAL A 258 20.62 22.19 6.93
CA VAL A 258 19.95 21.34 7.91
C VAL A 258 18.47 21.71 8.01
N PHE A 259 18.16 23.00 7.96
CA PHE A 259 16.77 23.44 8.01
C PHE A 259 15.97 22.83 6.87
N LEU A 260 16.48 22.93 5.64
CA LEU A 260 15.78 22.34 4.51
C LEU A 260 15.74 20.82 4.61
N ILE A 261 16.79 20.21 5.16
CA ILE A 261 16.81 18.76 5.34
C ILE A 261 15.61 18.33 6.18
N ILE A 262 15.43 18.99 7.32
CA ILE A 262 14.31 18.63 8.19
C ILE A 262 12.98 19.03 7.56
N VAL A 263 12.94 20.18 6.89
CA VAL A 263 11.70 20.65 6.27
C VAL A 263 11.23 19.72 5.17
N SER A 264 12.14 18.95 4.57
CA SER A 264 11.74 18.02 3.52
C SER A 264 10.66 17.06 3.99
N ASP A 265 10.59 16.80 5.31
CA ASP A 265 9.56 15.89 5.82
C ASP A 265 8.16 16.48 5.69
N THR A 266 8.04 17.82 5.68
CA THR A 266 6.73 18.44 5.84
C THR A 266 6.34 19.30 4.64
N LEU A 267 7.30 19.88 3.94
CA LEU A 267 6.94 20.69 2.79
C LEU A 267 6.36 19.78 1.72
N PRO A 268 5.09 19.95 1.32
CA PRO A 268 4.46 18.95 0.45
C PRO A 268 5.16 18.82 -0.88
N ALA A 269 5.19 17.59 -1.39
CA ALA A 269 5.67 17.34 -2.75
C ALA A 269 4.57 17.59 -3.75
N THR A 270 4.95 18.02 -4.94
CA THR A 270 4.00 18.25 -6.01
C THR A 270 4.75 18.43 -7.32
N ALA A 271 4.00 18.37 -8.43
CA ALA A 271 4.56 18.59 -9.75
C ALA A 271 3.77 19.62 -10.55
N ILE A 272 2.66 20.13 -10.02
CA ILE A 272 1.90 21.13 -10.74
C ILE A 272 2.58 22.49 -10.67
N GLY A 273 3.27 22.79 -9.57
CA GLY A 273 3.94 24.06 -9.41
C GLY A 273 4.59 24.25 -8.06
N THR A 274 5.72 24.94 -8.03
CA THR A 274 6.43 25.16 -6.78
C THR A 274 5.67 26.16 -5.91
N PRO A 275 5.67 25.98 -4.59
CA PRO A 275 5.09 27.01 -3.72
C PRO A 275 5.91 28.28 -3.73
N LEU A 276 5.21 29.40 -3.54
CA LEU A 276 5.86 30.71 -3.55
C LEU A 276 6.92 30.79 -2.44
N ILE A 277 6.58 30.28 -1.26
CA ILE A 277 7.53 30.28 -0.15
C ILE A 277 8.78 29.50 -0.53
N GLY A 278 8.61 28.42 -1.29
CA GLY A 278 9.77 27.67 -1.77
C GLY A 278 10.65 28.51 -2.67
N VAL A 279 10.05 29.32 -3.54
CA VAL A 279 10.82 30.19 -4.42
C VAL A 279 11.62 31.18 -3.60
N TYR A 280 11.01 31.76 -2.57
CA TYR A 280 11.76 32.68 -1.71
C TYR A 280 12.87 31.95 -0.97
N PHE A 281 12.60 30.74 -0.47
CA PHE A 281 13.66 29.96 0.14
C PHE A 281 14.86 29.83 -0.80
N VAL A 282 14.59 29.39 -2.03
CA VAL A 282 15.69 29.09 -2.95
C VAL A 282 16.40 30.37 -3.38
N VAL A 283 15.66 31.46 -3.57
CA VAL A 283 16.30 32.70 -3.99
C VAL A 283 17.20 33.25 -2.89
N CYS A 284 16.73 33.19 -1.63
CA CYS A 284 17.58 33.61 -0.52
C CYS A 284 18.82 32.72 -0.42
N MET A 285 18.64 31.41 -0.61
CA MET A 285 19.79 30.51 -0.59
C MET A 285 20.81 30.90 -1.66
N ALA A 286 20.34 31.12 -2.88
CA ALA A 286 21.24 31.47 -3.97
C ALA A 286 21.92 32.80 -3.73
N LEU A 287 21.18 33.78 -3.18
CA LEU A 287 21.78 35.06 -2.86
C LEU A 287 22.89 34.90 -1.84
N LEU A 288 22.63 34.13 -0.78
CA LEU A 288 23.67 33.85 0.21
C LEU A 288 24.89 33.23 -0.46
N VAL A 289 24.67 32.24 -1.30
CA VAL A 289 25.79 31.52 -1.93
C VAL A 289 26.61 32.47 -2.79
N ILE A 290 25.94 33.30 -3.60
CA ILE A 290 26.66 34.17 -4.53
C ILE A 290 27.39 35.27 -3.76
N SER A 291 26.78 35.80 -2.70
CA SER A 291 27.47 36.77 -1.87
C SER A 291 28.72 36.16 -1.26
N LEU A 292 28.61 34.93 -0.77
CA LEU A 292 29.78 34.26 -0.19
C LEU A 292 30.87 34.04 -1.22
N ALA A 293 30.49 33.64 -2.44
CA ALA A 293 31.48 33.44 -3.49
C ALA A 293 32.19 34.74 -3.82
N GLU A 294 31.44 35.84 -3.93
CA GLU A 294 32.07 37.14 -4.18
C GLU A 294 32.99 37.53 -3.04
N THR A 295 32.59 37.25 -1.80
CA THR A 295 33.46 37.55 -0.66
C THR A 295 34.76 36.76 -0.75
N ILE A 296 34.67 35.48 -1.11
CA ILE A 296 35.89 34.67 -1.22
C ILE A 296 36.78 35.21 -2.33
N PHE A 297 36.18 35.61 -3.46
CA PHE A 297 36.99 36.14 -4.56
C PHE A 297 37.68 37.44 -4.17
N ILE A 298 36.96 38.34 -3.48
CA ILE A 298 37.58 39.60 -3.07
C ILE A 298 38.67 39.32 -2.03
N VAL A 299 38.48 38.32 -1.18
CA VAL A 299 39.56 37.89 -0.30
C VAL A 299 40.77 37.45 -1.11
N ARG A 300 40.53 36.72 -2.20
CA ARG A 300 41.63 36.31 -3.07
C ARG A 300 42.36 37.53 -3.63
N LEU A 301 41.61 38.55 -4.05
CA LEU A 301 42.25 39.78 -4.51
C LEU A 301 43.08 40.41 -3.40
N VAL A 302 42.53 40.45 -2.19
CA VAL A 302 43.25 40.99 -1.03
C VAL A 302 44.30 39.98 -0.55
N LEU A 362 39.85 47.03 -3.89
CA LEU A 362 38.99 46.74 -2.75
C LEU A 362 37.80 47.70 -2.71
N ARG A 363 37.92 48.83 -3.40
CA ARG A 363 36.78 49.73 -3.54
C ARG A 363 35.59 49.01 -4.15
N VAL A 364 35.81 48.30 -5.26
CA VAL A 364 34.74 47.51 -5.86
C VAL A 364 34.26 46.46 -4.87
N GLY A 365 35.17 45.92 -4.06
CA GLY A 365 34.76 44.97 -3.04
C GLY A 365 33.75 45.57 -2.06
N SER A 366 34.04 46.77 -1.57
CA SER A 366 33.11 47.44 -0.65
C SER A 366 31.79 47.75 -1.32
N VAL A 367 31.83 48.27 -2.55
CA VAL A 367 30.59 48.59 -3.25
C VAL A 367 29.74 47.35 -3.44
N LEU A 368 30.36 46.24 -3.85
CA LEU A 368 29.61 45.01 -4.04
C LEU A 368 29.10 44.46 -2.72
N ASP A 369 29.87 44.61 -1.65
CA ASP A 369 29.39 44.19 -0.34
C ASP A 369 28.11 44.92 0.01
N LYS A 370 28.12 46.25 -0.11
CA LYS A 370 26.93 47.04 0.21
C LYS A 370 25.78 46.69 -0.73
N LEU A 371 26.08 46.47 -2.01
CA LEU A 371 25.02 46.15 -2.97
C LEU A 371 24.37 44.81 -2.64
N LEU A 372 25.18 43.79 -2.35
CA LEU A 372 24.62 42.49 -1.98
C LEU A 372 23.83 42.59 -0.69
N PHE A 373 24.32 43.38 0.28
CA PHE A 373 23.54 43.60 1.50
C PHE A 373 22.18 44.19 1.16
N HIS A 374 22.16 45.20 0.29
CA HIS A 374 20.92 45.85 -0.06
C HIS A 374 19.98 44.89 -0.76
N ILE A 375 20.50 44.06 -1.66
CA ILE A 375 19.66 43.08 -2.34
C ILE A 375 19.08 42.08 -1.35
N TYR A 376 19.90 41.62 -0.41
CA TYR A 376 19.39 40.69 0.61
C TYR A 376 18.30 41.35 1.44
N LEU A 377 18.50 42.61 1.84
CA LEU A 377 17.50 43.32 2.62
C LEU A 377 16.21 43.48 1.83
N LEU A 378 16.33 43.81 0.54
CA LEU A 378 15.16 43.95 -0.32
C LEU A 378 14.42 42.62 -0.44
N ALA A 379 15.17 41.52 -0.58
CA ALA A 379 14.55 40.21 -0.65
C ALA A 379 13.79 39.88 0.63
N VAL A 380 14.39 40.19 1.78
CA VAL A 380 13.70 39.93 3.05
C VAL A 380 12.44 40.78 3.16
N LEU A 381 12.52 42.04 2.73
CA LEU A 381 11.35 42.90 2.72
C LEU A 381 10.24 42.32 1.85
N ALA A 382 10.61 41.84 0.65
CA ALA A 382 9.64 41.22 -0.23
C ALA A 382 9.07 39.96 0.39
N TYR A 383 9.89 39.22 1.13
CA TYR A 383 9.40 38.02 1.83
C TYR A 383 8.35 38.39 2.86
N SER A 384 8.59 39.44 3.63
CA SER A 384 7.58 39.91 4.59
C SER A 384 6.31 40.34 3.86
N ILE A 385 6.46 41.06 2.76
CA ILE A 385 5.29 41.56 2.04
C ILE A 385 4.47 40.39 1.50
N THR A 386 5.14 39.39 0.92
CA THR A 386 4.40 38.25 0.37
C THR A 386 3.77 37.43 1.48
N LEU A 387 4.44 37.30 2.63
CA LEU A 387 3.83 36.61 3.75
C LEU A 387 2.53 37.29 4.17
N VAL A 388 2.57 38.61 4.36
CA VAL A 388 1.37 39.31 4.81
C VAL A 388 0.29 39.25 3.73
N MET A 389 0.69 39.31 2.45
CA MET A 389 -0.29 39.19 1.38
C MET A 389 -0.99 37.83 1.41
N LEU A 390 -0.21 36.75 1.47
CA LEU A 390 -0.79 35.42 1.54
C LEU A 390 -1.74 35.30 2.72
N TRP A 391 -1.33 35.84 3.87
CA TRP A 391 -2.21 35.82 5.04
C TRP A 391 -3.51 36.58 4.76
N SER A 392 -3.41 37.71 4.09
CA SER A 392 -4.60 38.51 3.79
C SER A 392 -5.56 37.73 2.90
N ILE A 393 -5.05 37.08 1.85
CA ILE A 393 -5.92 36.28 0.98
C ILE A 393 -6.54 35.14 1.77
N TRP A 394 -5.74 34.48 2.60
CA TRP A 394 -6.23 33.33 3.36
C TRP A 394 -7.35 33.72 4.31
N GLN A 395 -7.36 34.95 4.80
CA GLN A 395 -8.46 35.41 5.65
C GLN A 395 -9.78 35.45 4.88
N TYR A 396 -9.72 35.60 3.56
CA TYR A 396 -10.93 35.71 2.75
C TYR A 396 -10.90 34.72 1.58
N ARG B 3 -38.54 -36.80 11.11
CA ARG B 3 -37.30 -36.04 10.78
C ARG B 3 -36.56 -35.64 12.05
N PRO B 4 -35.26 -35.40 11.94
CA PRO B 4 -34.50 -34.96 13.11
C PRO B 4 -34.97 -33.60 13.60
N ALA B 5 -34.81 -33.38 14.91
CA ALA B 5 -35.40 -32.20 15.54
C ALA B 5 -34.84 -30.92 14.95
N LEU B 6 -33.52 -30.82 14.83
CA LEU B 6 -32.91 -29.58 14.33
C LEU B 6 -33.40 -29.25 12.93
N LEU B 7 -33.46 -30.24 12.05
CA LEU B 7 -33.82 -29.99 10.66
C LEU B 7 -35.24 -29.43 10.55
N ARG B 8 -36.19 -30.09 11.20
CA ARG B 8 -37.58 -29.65 11.07
C ARG B 8 -37.84 -28.38 11.85
N LEU B 9 -37.11 -28.14 12.94
CA LEU B 9 -37.22 -26.86 13.63
C LEU B 9 -36.74 -25.71 12.74
N SER B 10 -35.58 -25.89 12.10
CA SER B 10 -35.07 -24.85 11.21
C SER B 10 -36.02 -24.61 10.06
N ASP B 11 -36.57 -25.68 9.48
CA ASP B 11 -37.56 -25.52 8.42
C ASP B 11 -38.77 -24.74 8.92
N TYR B 12 -39.33 -25.17 10.06
CA TYR B 12 -40.49 -24.52 10.64
C TYR B 12 -40.27 -23.02 10.83
N LEU B 13 -39.07 -22.65 11.29
CA LEU B 13 -38.80 -21.23 11.49
C LEU B 13 -38.64 -20.50 10.17
N LEU B 14 -37.75 -20.97 9.30
CA LEU B 14 -37.26 -20.15 8.21
C LEU B 14 -38.02 -20.31 6.90
N THR B 15 -38.93 -21.28 6.77
CA THR B 15 -39.76 -21.32 5.58
C THR B 15 -40.87 -20.28 5.62
N ASN B 16 -41.41 -20.01 6.82
CA ASN B 16 -42.42 -18.98 6.96
C ASN B 16 -41.80 -17.60 7.13
N TYR B 17 -40.64 -17.54 7.79
CA TYR B 17 -40.01 -16.28 8.10
C TYR B 17 -39.54 -15.57 6.85
N ARG B 18 -39.69 -14.25 6.85
CA ARG B 18 -39.18 -13.38 5.79
C ARG B 18 -38.34 -12.28 6.40
N LYS B 19 -37.10 -12.17 5.96
CA LYS B 19 -36.22 -11.11 6.45
C LYS B 19 -36.57 -9.79 5.76
N GLY B 20 -35.83 -8.75 6.10
CA GLY B 20 -36.12 -7.42 5.58
C GLY B 20 -36.99 -6.62 6.53
N VAL B 21 -38.17 -7.14 6.87
CA VAL B 21 -39.05 -6.45 7.80
C VAL B 21 -38.45 -6.51 9.20
N ARG B 22 -38.60 -5.42 9.95
CA ARG B 22 -38.12 -5.42 11.32
C ARG B 22 -38.91 -6.45 12.12
N PRO B 23 -38.24 -7.39 12.80
CA PRO B 23 -38.96 -8.49 13.46
C PRO B 23 -39.72 -8.04 14.70
N VAL B 24 -40.87 -7.41 14.47
CA VAL B 24 -41.73 -6.95 15.55
C VAL B 24 -43.17 -7.06 15.06
N ARG B 25 -44.02 -7.71 15.87
CA ARG B 25 -45.42 -7.92 15.50
C ARG B 25 -46.32 -6.76 15.91
N ASP B 26 -45.75 -5.70 16.49
CA ASP B 26 -46.48 -4.46 16.76
C ASP B 26 -45.54 -3.32 16.39
N TRP B 27 -45.78 -2.70 15.23
CA TRP B 27 -44.80 -1.80 14.63
C TRP B 27 -44.52 -0.58 15.50
N ARG B 28 -45.37 -0.29 16.49
CA ARG B 28 -45.14 0.86 17.36
C ARG B 28 -44.06 0.62 18.40
N LYS B 29 -43.51 -0.59 18.47
CA LYS B 29 -42.53 -0.93 19.50
C LYS B 29 -41.13 -0.96 18.91
N PRO B 30 -40.15 -0.27 19.49
CA PRO B 30 -38.79 -0.31 18.94
C PRO B 30 -38.06 -1.59 19.28
N THR B 31 -37.08 -1.92 18.45
CA THR B 31 -36.22 -3.08 18.66
C THR B 31 -34.98 -2.63 19.43
N THR B 32 -34.84 -3.11 20.67
CA THR B 32 -33.74 -2.70 21.53
C THR B 32 -32.55 -3.64 21.28
N VAL B 33 -31.49 -3.11 20.69
CA VAL B 33 -30.31 -3.89 20.32
C VAL B 33 -29.26 -3.70 21.42
N SER B 34 -29.15 -4.68 22.31
CA SER B 34 -28.07 -4.66 23.29
C SER B 34 -26.75 -4.98 22.61
N ILE B 35 -25.68 -4.29 23.01
CA ILE B 35 -24.38 -4.46 22.41
C ILE B 35 -23.30 -4.52 23.49
N ASP B 36 -22.13 -5.00 23.08
CA ASP B 36 -20.95 -5.01 23.94
C ASP B 36 -19.71 -5.01 23.06
N VAL B 37 -18.62 -4.50 23.60
CA VAL B 37 -17.36 -4.41 22.87
C VAL B 37 -16.21 -4.79 23.80
N ILE B 38 -15.31 -5.63 23.31
CA ILE B 38 -14.07 -5.97 24.00
C ILE B 38 -12.93 -5.68 23.06
N VAL B 39 -11.99 -4.84 23.48
CA VAL B 39 -10.87 -4.46 22.63
C VAL B 39 -9.83 -5.57 22.68
N TYR B 40 -9.53 -6.16 21.54
CA TYR B 40 -8.56 -7.24 21.46
C TYR B 40 -7.14 -6.71 21.28
N ALA B 41 -6.96 -5.75 20.38
CA ALA B 41 -5.64 -5.20 20.12
C ALA B 41 -5.78 -3.85 19.45
N ILE B 42 -4.81 -2.98 19.70
CA ILE B 42 -4.70 -1.69 19.02
C ILE B 42 -3.61 -1.86 17.96
N LEU B 43 -4.04 -2.15 16.73
CA LEU B 43 -3.10 -2.58 15.71
C LEU B 43 -2.19 -1.45 15.25
N ASN B 44 -2.75 -0.25 15.11
CA ASN B 44 -2.00 0.85 14.48
C ASN B 44 -2.63 2.17 14.87
N VAL B 45 -1.84 3.07 15.45
CA VAL B 45 -2.23 4.45 15.70
C VAL B 45 -1.40 5.32 14.78
N ASP B 46 -2.05 6.02 13.87
CA ASP B 46 -1.38 6.80 12.82
C ASP B 46 -1.64 8.28 13.08
N GLU B 47 -0.63 8.97 13.59
CA GLU B 47 -0.76 10.40 13.86
C GLU B 47 -0.59 11.25 12.60
N LYS B 48 -0.08 10.67 11.51
CA LYS B 48 0.00 11.39 10.25
C LYS B 48 -1.36 11.37 9.55
N ASN B 49 -1.99 10.21 9.47
CA ASN B 49 -3.32 10.08 8.88
C ASN B 49 -4.44 10.45 9.84
N GLN B 50 -4.14 10.60 11.13
CA GLN B 50 -5.13 10.94 12.15
C GLN B 50 -6.21 9.86 12.24
N VAL B 51 -5.78 8.60 12.17
CA VAL B 51 -6.66 7.45 12.30
C VAL B 51 -5.97 6.44 13.21
N LEU B 52 -6.77 5.51 13.74
CA LEU B 52 -6.24 4.37 14.47
C LEU B 52 -7.06 3.14 14.12
N THR B 53 -6.41 1.98 14.14
CA THR B 53 -7.04 0.71 13.81
C THR B 53 -7.07 -0.14 15.07
N THR B 54 -8.26 -0.61 15.43
CA THR B 54 -8.45 -1.45 16.61
C THR B 54 -9.15 -2.73 16.20
N TYR B 55 -8.76 -3.83 16.84
CA TYR B 55 -9.38 -5.13 16.65
C TYR B 55 -10.23 -5.40 17.88
N ILE B 56 -11.55 -5.40 17.69
CA ILE B 56 -12.50 -5.46 18.80
C ILE B 56 -13.45 -6.63 18.56
N TRP B 57 -13.73 -7.38 19.62
CA TRP B 57 -14.74 -8.43 19.59
C TRP B 57 -16.09 -7.80 19.93
N TYR B 58 -16.95 -7.66 18.93
CA TYR B 58 -18.22 -6.97 19.06
C TYR B 58 -19.35 -8.00 19.06
N ARG B 59 -20.19 -7.94 20.08
CA ARG B 59 -21.31 -8.86 20.20
C ARG B 59 -22.56 -8.07 20.56
N GLN B 60 -23.69 -8.50 20.00
CA GLN B 60 -24.95 -7.79 20.17
C GLN B 60 -26.08 -8.80 20.15
N TYR B 61 -27.14 -8.54 20.92
CA TYR B 61 -28.30 -9.40 20.91
C TYR B 61 -29.57 -8.55 20.92
N TRP B 62 -30.59 -9.08 20.26
CA TRP B 62 -31.89 -8.43 20.17
C TRP B 62 -32.96 -9.50 20.13
N THR B 63 -34.20 -9.10 20.40
CA THR B 63 -35.32 -10.03 20.42
C THR B 63 -36.03 -10.00 19.07
N ASP B 64 -36.11 -11.14 18.41
CA ASP B 64 -36.83 -11.31 17.16
C ASP B 64 -38.15 -12.00 17.48
N GLU B 65 -39.26 -11.32 17.20
CA GLU B 65 -40.57 -11.79 17.64
C GLU B 65 -41.18 -12.84 16.70
N PHE B 66 -40.52 -13.15 15.58
CA PHE B 66 -40.98 -14.20 14.69
C PHE B 66 -40.22 -15.51 14.86
N LEU B 67 -38.99 -15.46 15.37
CA LEU B 67 -38.19 -16.65 15.59
C LEU B 67 -38.40 -17.18 17.02
N GLN B 68 -39.62 -17.64 17.27
CA GLN B 68 -39.99 -18.20 18.57
C GLN B 68 -40.66 -19.55 18.36
N TRP B 69 -40.45 -20.45 19.32
CA TRP B 69 -41.01 -21.78 19.24
C TRP B 69 -41.17 -22.34 20.64
N ASN B 70 -41.96 -23.41 20.74
CA ASN B 70 -42.15 -24.12 22.00
C ASN B 70 -41.21 -25.30 22.04
N PRO B 71 -40.26 -25.37 22.97
CA PRO B 71 -39.29 -26.48 22.94
C PRO B 71 -39.93 -27.85 22.99
N GLU B 72 -41.08 -27.98 23.66
CA GLU B 72 -41.70 -29.29 23.81
C GLU B 72 -41.95 -29.95 22.47
N ASP B 73 -42.19 -29.15 21.42
CA ASP B 73 -42.50 -29.70 20.12
C ASP B 73 -41.27 -30.15 19.34
N PHE B 74 -40.08 -29.75 19.77
CA PHE B 74 -38.85 -29.95 19.00
C PHE B 74 -37.77 -30.60 19.85
N ASP B 75 -38.13 -31.65 20.59
CA ASP B 75 -37.17 -32.44 21.35
C ASP B 75 -36.36 -31.57 22.30
N ASN B 76 -37.04 -30.63 22.96
CA ASN B 76 -36.42 -29.75 23.96
C ASN B 76 -35.21 -29.01 23.39
N ILE B 77 -35.30 -28.58 22.14
CA ILE B 77 -34.28 -27.69 21.59
C ILE B 77 -34.55 -26.29 22.13
N THR B 78 -33.73 -25.85 23.09
CA THR B 78 -33.86 -24.52 23.66
C THR B 78 -32.93 -23.50 23.01
N LYS B 79 -32.05 -23.93 22.11
CA LYS B 79 -31.16 -23.01 21.42
C LYS B 79 -30.62 -23.70 20.17
N LEU B 80 -30.48 -22.93 19.10
CA LEU B 80 -29.92 -23.44 17.86
C LEU B 80 -29.28 -22.30 17.09
N SER B 81 -28.47 -22.66 16.11
CA SER B 81 -27.75 -21.70 15.29
C SER B 81 -28.25 -21.73 13.86
N ILE B 82 -28.37 -20.56 13.25
CA ILE B 82 -28.79 -20.44 11.86
C ILE B 82 -28.01 -19.33 11.19
N PRO B 83 -27.89 -19.36 9.86
CA PRO B 83 -27.02 -18.41 9.18
C PRO B 83 -27.45 -16.97 9.45
N THR B 84 -26.46 -16.09 9.58
CA THR B 84 -26.74 -14.70 9.89
C THR B 84 -27.46 -13.98 8.76
N ASP B 85 -27.26 -14.43 7.52
CA ASP B 85 -27.91 -13.83 6.37
C ASP B 85 -29.31 -14.35 6.13
N SER B 86 -29.78 -15.28 6.97
CA SER B 86 -31.12 -15.83 6.86
C SER B 86 -32.14 -15.11 7.75
N ILE B 87 -31.71 -14.06 8.47
CA ILE B 87 -32.57 -13.35 9.40
C ILE B 87 -32.30 -11.85 9.30
N TRP B 88 -33.23 -11.08 9.86
CA TRP B 88 -33.06 -9.63 9.92
C TRP B 88 -31.96 -9.27 10.89
N VAL B 89 -30.97 -8.51 10.42
CA VAL B 89 -29.83 -8.10 11.22
C VAL B 89 -29.84 -6.57 11.29
N PRO B 90 -29.83 -5.97 12.48
CA PRO B 90 -29.90 -4.51 12.55
C PRO B 90 -28.67 -3.87 11.93
N ASP B 91 -28.88 -2.67 11.38
CA ASP B 91 -27.80 -1.95 10.71
C ASP B 91 -27.02 -1.09 11.70
N ILE B 92 -26.56 -1.67 12.80
CA ILE B 92 -25.74 -0.94 13.74
C ILE B 92 -24.39 -0.68 13.10
N LEU B 93 -24.03 0.59 12.97
CA LEU B 93 -22.83 0.99 12.25
C LEU B 93 -22.08 2.03 13.07
N ILE B 94 -20.78 2.14 12.82
CA ILE B 94 -19.88 2.99 13.58
C ILE B 94 -19.60 4.24 12.75
N ASN B 95 -19.82 5.41 13.34
CA ASN B 95 -19.79 6.65 12.56
C ASN B 95 -18.37 7.04 12.16
N GLU B 96 -17.42 6.97 13.09
CA GLU B 96 -16.09 7.47 12.79
C GLU B 96 -15.34 6.63 11.77
N PHE B 97 -15.93 5.55 11.27
CA PHE B 97 -15.20 4.63 10.42
C PHE B 97 -14.63 5.35 9.20
N VAL B 98 -13.47 4.90 8.76
CA VAL B 98 -12.83 5.40 7.55
C VAL B 98 -12.79 4.28 6.53
N ASP B 99 -12.82 3.04 7.01
CA ASP B 99 -12.84 1.87 6.14
C ASP B 99 -13.46 0.73 6.93
N VAL B 100 -14.22 -0.13 6.24
CA VAL B 100 -14.91 -1.21 6.93
C VAL B 100 -13.92 -2.17 7.57
N GLY B 101 -12.80 -2.42 6.92
CA GLY B 101 -11.76 -3.28 7.45
C GLY B 101 -11.71 -4.62 6.75
N LYS B 102 -10.75 -5.43 7.20
CA LYS B 102 -10.48 -6.74 6.62
C LYS B 102 -11.10 -7.88 7.42
N SER B 103 -12.26 -7.66 8.04
CA SER B 103 -12.87 -8.63 8.93
C SER B 103 -13.63 -9.71 8.16
N PRO B 104 -13.74 -10.92 8.73
CA PRO B 104 -14.58 -11.96 8.10
C PRO B 104 -16.05 -11.78 8.44
N ASN B 105 -16.86 -12.73 7.98
CA ASN B 105 -18.31 -12.55 7.99
C ASN B 105 -19.03 -13.36 9.06
N ILE B 106 -18.42 -14.38 9.65
CA ILE B 106 -19.03 -15.11 10.76
C ILE B 106 -20.42 -15.60 10.36
N PRO B 107 -20.53 -16.68 9.59
CA PRO B 107 -21.81 -17.04 8.97
C PRO B 107 -22.99 -17.16 9.92
N TYR B 108 -22.81 -17.65 11.14
CA TYR B 108 -23.92 -18.10 11.97
C TYR B 108 -24.21 -17.16 13.13
N VAL B 109 -25.44 -17.27 13.66
CA VAL B 109 -25.87 -16.61 14.87
C VAL B 109 -26.68 -17.62 15.69
N TYR B 110 -26.80 -17.34 16.98
CA TYR B 110 -27.60 -18.17 17.88
C TYR B 110 -29.00 -17.61 18.04
N ILE B 111 -29.96 -18.51 18.21
CA ILE B 111 -31.34 -18.17 18.51
C ILE B 111 -31.77 -18.96 19.74
N ARG B 112 -32.37 -18.28 20.71
CA ARG B 112 -33.00 -18.95 21.84
C ARG B 112 -34.51 -18.98 21.64
N HIS B 113 -35.16 -19.95 22.29
CA HIS B 113 -36.56 -20.22 21.99
C HIS B 113 -37.44 -19.02 22.31
N GLN B 114 -37.03 -18.18 23.24
CA GLN B 114 -37.80 -16.96 23.52
C GLN B 114 -37.62 -15.90 22.44
N GLY B 115 -36.69 -16.09 21.51
CA GLY B 115 -36.54 -15.23 20.36
C GLY B 115 -35.25 -14.42 20.33
N GLU B 116 -34.60 -14.24 21.47
CA GLU B 116 -33.41 -13.40 21.49
C GLU B 116 -32.32 -14.00 20.62
N VAL B 117 -31.76 -13.16 19.73
CA VAL B 117 -30.72 -13.57 18.79
C VAL B 117 -29.38 -13.08 19.33
N GLN B 118 -28.38 -13.95 19.35
CA GLN B 118 -27.04 -13.60 19.80
C GLN B 118 -26.12 -13.59 18.59
N ASN B 119 -25.42 -12.48 18.37
CA ASN B 119 -24.57 -12.30 17.21
C ASN B 119 -23.20 -11.84 17.68
N TYR B 120 -22.17 -12.62 17.37
CA TYR B 120 -20.79 -12.28 17.69
C TYR B 120 -20.03 -12.08 16.39
N LYS B 121 -19.26 -11.00 16.30
CA LYS B 121 -18.52 -10.71 15.09
C LYS B 121 -17.26 -9.92 15.42
N PRO B 122 -16.11 -10.28 14.87
CA PRO B 122 -14.90 -9.47 15.07
C PRO B 122 -14.84 -8.35 14.04
N LEU B 123 -14.34 -7.20 14.48
CA LEU B 123 -14.28 -6.00 13.65
C LEU B 123 -12.87 -5.45 13.63
N GLN B 124 -12.33 -5.23 12.44
CA GLN B 124 -11.07 -4.52 12.26
C GLN B 124 -11.29 -3.04 12.01
N VAL B 125 -12.06 -2.39 12.89
CA VAL B 125 -12.48 -1.01 12.63
C VAL B 125 -11.27 -0.10 12.56
N VAL B 126 -11.26 0.76 11.56
CA VAL B 126 -10.29 1.86 11.44
C VAL B 126 -11.09 3.14 11.39
N THR B 127 -10.83 4.05 12.33
CA THR B 127 -11.68 5.20 12.55
C THR B 127 -10.85 6.47 12.56
N ALA B 128 -11.46 7.57 12.13
CA ALA B 128 -10.84 8.87 12.24
C ALA B 128 -10.83 9.32 13.69
N CYS B 129 -9.73 9.94 14.10
CA CYS B 129 -9.58 10.41 15.48
C CYS B 129 -8.67 11.62 15.48
N SER B 130 -8.87 12.49 16.46
CA SER B 130 -7.98 13.63 16.66
C SER B 130 -6.84 13.17 17.56
N LEU B 131 -5.71 12.82 16.95
CA LEU B 131 -4.56 12.27 17.66
C LEU B 131 -3.48 13.33 17.71
N ASP B 132 -3.36 13.99 18.87
CA ASP B 132 -2.32 14.98 19.08
C ASP B 132 -1.16 14.37 19.88
N ILE B 133 0.06 14.70 19.47
CA ILE B 133 1.26 14.20 20.12
C ILE B 133 1.94 15.29 20.94
N TYR B 134 1.16 16.26 21.44
CA TYR B 134 1.73 17.36 22.21
C TYR B 134 2.62 16.84 23.33
N ASN B 135 2.21 15.74 23.98
CA ASN B 135 2.97 15.13 25.07
C ASN B 135 3.76 13.90 24.61
N PHE B 136 4.32 13.95 23.39
CA PHE B 136 4.63 12.75 22.61
C PHE B 136 5.11 11.55 23.44
N PRO B 137 6.25 11.63 24.13
CA PRO B 137 6.75 10.41 24.78
C PRO B 137 5.77 9.85 25.79
N PHE B 138 5.04 10.72 26.46
CA PHE B 138 4.10 10.34 27.51
C PHE B 138 2.66 10.50 27.03
N ASP B 139 2.41 10.15 25.77
CA ASP B 139 1.11 10.38 25.15
C ASP B 139 0.00 9.61 25.86
N VAL B 140 -1.17 10.24 25.91
CA VAL B 140 -2.42 9.57 26.28
C VAL B 140 -3.49 10.03 25.29
N GLN B 141 -4.17 9.07 24.67
CA GLN B 141 -5.14 9.35 23.64
C GLN B 141 -6.54 9.00 24.13
N ASN B 142 -7.54 9.69 23.56
CA ASN B 142 -8.84 9.81 24.20
C ASN B 142 -10.00 9.55 23.24
N CYS B 143 -9.73 9.16 21.99
CA CYS B 143 -10.76 9.15 20.96
C CYS B 143 -11.65 7.91 21.11
N SER B 144 -12.74 7.87 20.33
CA SER B 144 -13.89 7.06 20.69
C SER B 144 -14.43 6.30 19.47
N LEU B 145 -15.35 5.38 19.77
CA LEU B 145 -16.15 4.66 18.78
C LEU B 145 -17.61 4.83 19.16
N THR B 146 -18.44 5.22 18.20
CA THR B 146 -19.88 5.37 18.44
C THR B 146 -20.65 4.44 17.52
N PHE B 147 -21.53 3.63 18.11
CA PHE B 147 -22.36 2.71 17.35
C PHE B 147 -23.78 3.26 17.30
N THR B 148 -24.35 3.31 16.10
CA THR B 148 -25.68 3.86 15.91
C THR B 148 -26.36 3.19 14.74
N SER B 149 -27.67 2.99 14.88
CA SER B 149 -28.46 2.50 13.76
C SER B 149 -28.46 3.56 12.68
N TRP B 150 -27.83 3.25 11.54
CA TRP B 150 -27.57 4.28 10.55
C TRP B 150 -28.86 4.88 10.02
N LEU B 151 -29.83 4.05 9.66
CA LEU B 151 -31.08 4.52 9.08
C LEU B 151 -32.17 4.69 10.13
N HIS B 152 -32.39 3.66 10.95
CA HIS B 152 -33.55 3.62 11.81
C HIS B 152 -33.46 4.68 12.91
N THR B 153 -34.57 5.36 13.15
CA THR B 153 -34.67 6.30 14.25
C THR B 153 -34.85 5.54 15.56
N ILE B 154 -34.88 6.29 16.67
CA ILE B 154 -35.01 5.66 17.98
C ILE B 154 -36.40 5.06 18.17
N GLN B 155 -37.38 5.43 17.35
CA GLN B 155 -38.68 4.78 17.40
C GLN B 155 -38.67 3.42 16.74
N ASP B 156 -37.59 3.06 16.03
CA ASP B 156 -37.44 1.75 15.42
C ASP B 156 -36.37 0.92 16.11
N ILE B 157 -35.16 1.44 16.26
CA ILE B 157 -34.06 0.74 16.89
C ILE B 157 -33.49 1.60 18.00
N ASN B 158 -33.39 1.04 19.20
CA ASN B 158 -32.71 1.66 20.32
C ASN B 158 -31.57 0.75 20.78
N ILE B 159 -30.52 1.35 21.31
CA ILE B 159 -29.30 0.63 21.64
C ILE B 159 -29.09 0.67 23.15
N SER B 160 -28.45 -0.39 23.66
CA SER B 160 -28.23 -0.52 25.10
C SER B 160 -27.00 -1.37 25.33
N LEU B 161 -26.52 -1.35 26.58
CA LEU B 161 -25.36 -2.14 26.95
C LEU B 161 -25.77 -3.54 27.38
N TRP B 162 -25.00 -4.53 26.90
CA TRP B 162 -25.22 -5.91 27.33
C TRP B 162 -24.87 -6.07 28.81
N ARG B 163 -23.76 -5.48 29.23
CA ARG B 163 -23.25 -5.62 30.59
C ARG B 163 -23.43 -4.32 31.36
N LEU B 164 -23.17 -4.38 32.65
CA LEU B 164 -23.13 -3.17 33.46
C LEU B 164 -21.96 -2.29 33.01
N PRO B 165 -22.11 -0.96 33.10
CA PRO B 165 -21.04 -0.10 32.56
C PRO B 165 -19.69 -0.36 33.19
N GLU B 166 -19.64 -0.63 34.50
CA GLU B 166 -18.35 -0.83 35.16
C GLU B 166 -17.68 -2.13 34.74
N LYS B 167 -18.44 -3.14 34.33
CA LYS B 167 -17.84 -4.39 33.91
C LYS B 167 -17.17 -4.25 32.54
N VAL B 168 -17.84 -3.59 31.60
CA VAL B 168 -17.21 -3.31 30.31
C VAL B 168 -16.06 -2.33 30.49
N LYS B 169 -16.18 -1.40 31.43
CA LYS B 169 -15.15 -0.40 31.64
C LYS B 169 -13.84 -1.05 32.09
N SER B 170 -13.92 -2.04 32.96
CA SER B 170 -12.74 -2.69 33.52
C SER B 170 -12.33 -3.95 32.75
N ASP B 171 -12.96 -4.23 31.62
CA ASP B 171 -12.73 -5.49 30.90
C ASP B 171 -11.41 -5.41 30.13
N ARG B 172 -10.41 -6.14 30.60
CA ARG B 172 -9.15 -6.33 29.88
C ARG B 172 -8.82 -7.81 29.77
N SER B 173 -9.85 -8.63 29.55
CA SER B 173 -9.68 -10.08 29.63
C SER B 173 -8.93 -10.67 28.45
N VAL B 174 -8.95 -10.02 27.30
CA VAL B 174 -8.37 -10.58 26.08
C VAL B 174 -7.42 -9.62 25.38
N PHE B 175 -7.15 -8.45 25.97
CA PHE B 175 -6.32 -7.48 25.29
C PHE B 175 -4.90 -8.00 25.11
N MET B 176 -4.34 -7.79 23.91
CA MET B 176 -2.95 -8.12 23.62
C MET B 176 -2.08 -7.02 24.22
N ASN B 177 -1.54 -7.28 25.41
CA ASN B 177 -0.86 -6.23 26.16
C ASN B 177 0.49 -5.87 25.57
N GLN B 178 1.18 -6.82 24.95
CA GLN B 178 2.49 -6.55 24.36
C GLN B 178 2.31 -5.68 23.11
N GLY B 179 2.80 -4.45 23.18
CA GLY B 179 2.67 -3.53 22.07
C GLY B 179 3.02 -2.13 22.51
N GLU B 180 2.98 -1.21 21.53
CA GLU B 180 3.36 0.17 21.83
C GLU B 180 2.31 0.90 22.64
N TRP B 181 1.06 0.44 22.62
CA TRP B 181 -0.04 1.12 23.30
C TRP B 181 -0.67 0.19 24.32
N GLU B 182 -1.11 0.76 25.44
CA GLU B 182 -1.90 0.05 26.43
C GLU B 182 -3.17 0.85 26.68
N LEU B 183 -4.29 0.15 26.87
CA LEU B 183 -5.58 0.80 27.06
C LEU B 183 -5.88 0.89 28.55
N LEU B 184 -6.36 2.07 28.96
CA LEU B 184 -6.75 2.30 30.35
C LEU B 184 -8.21 1.94 30.60
N GLY B 185 -9.04 1.94 29.56
CA GLY B 185 -10.42 1.54 29.71
C GLY B 185 -11.23 1.96 28.50
N VAL B 186 -12.42 1.40 28.42
CA VAL B 186 -13.42 1.77 27.42
C VAL B 186 -14.62 2.33 28.16
N LEU B 187 -15.03 3.54 27.81
CA LEU B 187 -16.05 4.27 28.56
C LEU B 187 -17.33 4.35 27.75
N PRO B 188 -18.40 3.64 28.12
CA PRO B 188 -19.66 3.78 27.40
C PRO B 188 -20.40 5.07 27.76
N TYR B 189 -21.16 5.56 26.79
CA TYR B 189 -21.94 6.78 26.99
C TYR B 189 -23.09 6.80 25.99
N PHE B 190 -24.31 6.84 26.48
CA PHE B 190 -25.50 6.83 25.63
C PHE B 190 -26.07 8.24 25.47
N ARG B 191 -26.50 8.54 24.25
CA ARG B 191 -27.14 9.82 23.97
C ARG B 191 -28.06 9.65 22.77
N GLU B 192 -29.03 10.56 22.65
CA GLU B 192 -29.97 10.57 21.54
C GLU B 192 -29.54 11.65 20.56
N PHE B 193 -28.79 11.24 19.54
CA PHE B 193 -28.35 12.18 18.51
C PHE B 193 -29.55 12.66 17.70
N SER B 194 -29.44 13.88 17.18
CA SER B 194 -30.51 14.46 16.37
C SER B 194 -29.89 15.45 15.39
N MET B 195 -29.70 14.99 14.14
CA MET B 195 -29.20 15.89 13.11
C MET B 195 -30.27 16.84 12.61
N GLU B 196 -31.51 16.38 12.54
CA GLU B 196 -32.65 17.20 12.10
C GLU B 196 -33.75 17.08 13.13
N SER B 197 -34.42 18.19 13.40
CA SER B 197 -35.29 18.28 14.57
C SER B 197 -36.43 17.26 14.55
N SER B 198 -36.78 16.72 13.38
CA SER B 198 -37.91 15.80 13.32
C SER B 198 -37.56 14.39 13.74
N ASN B 199 -36.26 14.04 13.82
CA ASN B 199 -35.84 12.67 14.06
C ASN B 199 -34.86 12.61 15.22
N TYR B 200 -34.89 11.49 15.94
CA TYR B 200 -33.92 11.20 17.00
C TYR B 200 -33.30 9.84 16.74
N TYR B 201 -32.00 9.72 16.98
CA TYR B 201 -31.25 8.50 16.74
C TYR B 201 -30.50 8.11 18.00
N ALA B 202 -30.51 6.81 18.31
CA ALA B 202 -29.77 6.30 19.45
C ALA B 202 -28.35 5.97 19.04
N GLU B 203 -27.38 6.48 19.79
CA GLU B 203 -25.97 6.20 19.53
C GLU B 203 -25.27 5.94 20.85
N MET B 204 -24.31 5.02 20.82
CA MET B 204 -23.62 4.54 22.01
C MET B 204 -22.13 4.77 21.81
N LYS B 205 -21.59 5.81 22.46
CA LYS B 205 -20.18 6.14 22.32
C LYS B 205 -19.33 5.35 23.28
N PHE B 206 -18.29 4.70 22.75
CA PHE B 206 -17.25 4.07 23.56
C PHE B 206 -15.97 4.86 23.38
N TYR B 207 -15.48 5.44 24.47
CA TYR B 207 -14.18 6.13 24.47
C TYR B 207 -13.11 5.11 24.84
N VAL B 208 -12.26 4.76 23.89
CA VAL B 208 -11.16 3.84 24.13
C VAL B 208 -9.95 4.68 24.53
N VAL B 209 -9.67 4.73 25.82
CA VAL B 209 -8.56 5.52 26.34
C VAL B 209 -7.29 4.66 26.31
N ILE B 210 -6.24 5.19 25.69
CA ILE B 210 -4.98 4.47 25.55
C ILE B 210 -3.83 5.44 25.80
N ARG B 211 -2.69 4.90 26.22
CA ARG B 211 -1.50 5.70 26.47
C ARG B 211 -0.27 4.94 25.97
N ARG B 212 0.67 5.68 25.39
CA ARG B 212 1.91 5.08 24.89
C ARG B 212 2.79 4.68 26.07
N ARG B 213 3.42 3.51 25.97
CA ARG B 213 4.42 3.13 26.96
C ARG B 213 5.78 3.68 26.53
N PRO B 214 6.38 4.61 27.28
CA PRO B 214 7.40 5.49 26.67
C PRO B 214 8.80 4.91 26.60
N LEU B 215 9.12 3.84 27.31
CA LEU B 215 10.51 3.55 27.66
C LEU B 215 11.44 3.63 26.46
N PHE B 216 11.02 3.10 25.31
CA PHE B 216 11.89 3.15 24.14
C PHE B 216 12.21 4.59 23.75
N TYR B 217 11.20 5.47 23.77
CA TYR B 217 11.44 6.86 23.42
C TYR B 217 12.14 7.62 24.53
N VAL B 218 11.92 7.24 25.80
CA VAL B 218 12.64 7.88 26.89
C VAL B 218 14.13 7.62 26.74
N VAL B 219 14.51 6.36 26.49
CA VAL B 219 15.92 6.03 26.34
C VAL B 219 16.47 6.60 25.04
N SER B 220 15.69 6.55 23.97
CA SER B 220 16.20 6.93 22.65
C SER B 220 16.33 8.45 22.49
N LEU B 221 15.39 9.22 23.04
CA LEU B 221 15.33 10.65 22.80
C LEU B 221 15.67 11.48 24.05
N LEU B 222 14.96 11.26 25.15
CA LEU B 222 15.01 12.20 26.26
C LEU B 222 16.40 12.23 26.90
N LEU B 223 16.93 11.06 27.25
CA LEU B 223 18.22 11.04 27.95
C LEU B 223 19.36 11.57 27.11
N PRO B 224 19.53 11.18 25.84
CA PRO B 224 20.57 11.83 25.03
C PRO B 224 20.40 13.34 24.92
N SER B 225 19.15 13.80 24.79
CA SER B 225 18.92 15.23 24.71
C SER B 225 19.39 15.93 25.98
N ILE B 226 18.98 15.41 27.14
CA ILE B 226 19.45 15.99 28.39
C ILE B 226 20.96 15.91 28.55
N PHE B 227 21.58 14.83 28.05
CA PHE B 227 23.04 14.75 28.05
C PHE B 227 23.65 15.92 27.28
N LEU B 228 23.15 16.17 26.07
CA LEU B 228 23.68 17.28 25.27
C LEU B 228 23.46 18.63 25.98
N MET B 229 22.29 18.81 26.56
CA MET B 229 21.96 20.10 27.18
C MET B 229 22.84 20.35 28.41
N VAL B 230 22.99 19.33 29.25
CA VAL B 230 23.88 19.47 30.41
C VAL B 230 25.33 19.63 29.95
N MET B 231 25.70 19.02 28.83
CA MET B 231 27.03 19.23 28.28
C MET B 231 27.23 20.71 27.94
N ASP B 232 26.23 21.33 27.34
CA ASP B 232 26.33 22.77 27.04
C ASP B 232 26.44 23.59 28.33
N ILE B 233 25.67 23.21 29.35
CA ILE B 233 25.77 23.90 30.63
C ILE B 233 27.19 23.80 31.17
N VAL B 234 27.78 22.61 31.11
CA VAL B 234 29.17 22.44 31.54
C VAL B 234 30.09 23.32 30.70
N GLY B 235 29.86 23.38 29.39
CA GLY B 235 30.71 24.16 28.53
C GLY B 235 30.72 25.63 28.89
N PHE B 236 29.56 26.15 29.31
CA PHE B 236 29.51 27.57 29.67
C PHE B 236 30.51 27.97 30.74
N TYR B 237 31.14 27.01 31.44
CA TYR B 237 32.16 27.36 32.41
C TYR B 237 33.47 27.82 31.78
N LEU B 238 33.66 27.62 30.48
CA LEU B 238 34.91 28.00 29.85
C LEU B 238 35.05 29.52 29.77
N PRO B 239 36.27 30.02 29.64
CA PRO B 239 36.45 31.47 29.59
C PRO B 239 35.75 32.06 28.38
N PRO B 240 35.30 33.31 28.47
CA PRO B 240 34.45 33.85 27.38
C PRO B 240 35.14 33.90 26.04
N ASN B 241 36.32 34.49 25.95
CA ASN B 241 37.01 34.69 24.67
C ASN B 241 37.94 33.54 24.30
N SER B 242 37.98 32.49 25.11
CA SER B 242 38.90 31.39 24.85
C SER B 242 38.52 30.64 23.58
N GLY B 243 39.54 30.18 22.86
CA GLY B 243 39.29 29.31 21.72
C GLY B 243 38.66 27.99 22.12
N GLU B 244 38.92 27.54 23.34
CA GLU B 244 38.28 26.33 23.84
C GLU B 244 36.76 26.48 23.86
N ARG B 245 36.27 27.64 24.28
CA ARG B 245 34.83 27.87 24.33
C ARG B 245 34.23 27.79 22.94
N VAL B 246 34.85 28.43 21.95
CA VAL B 246 34.33 28.40 20.59
C VAL B 246 34.36 26.98 20.04
N SER B 247 35.46 26.26 20.28
CA SER B 247 35.56 24.89 19.82
C SER B 247 34.46 24.03 20.41
N PHE B 248 34.24 24.15 21.73
CA PHE B 248 33.19 23.38 22.38
C PHE B 248 31.83 23.72 21.79
N LYS B 249 31.56 25.01 21.60
CA LYS B 249 30.26 25.42 21.08
C LYS B 249 30.03 24.83 19.69
N ILE B 250 31.02 24.91 18.80
CA ILE B 250 30.81 24.45 17.43
C ILE B 250 30.70 22.93 17.37
N THR B 251 31.54 22.22 18.14
CA THR B 251 31.43 20.76 18.15
C THR B 251 30.09 20.33 18.71
N LEU B 252 29.60 21.00 19.76
CA LEU B 252 28.31 20.63 20.31
C LEU B 252 27.21 20.96 19.31
N LEU B 253 27.37 22.04 18.55
CA LEU B 253 26.41 22.34 17.49
C LEU B 253 26.31 21.17 16.52
N LEU B 254 27.46 20.66 16.06
CA LEU B 254 27.43 19.54 15.13
C LEU B 254 26.74 18.33 15.75
N GLY B 255 27.13 17.98 16.97
CA GLY B 255 26.54 16.81 17.63
C GLY B 255 25.05 16.96 17.85
N TYR B 256 24.61 18.13 18.29
CA TYR B 256 23.21 18.36 18.56
C TYR B 256 22.40 18.37 17.26
N SER B 257 22.97 18.90 16.18
CA SER B 257 22.28 18.89 14.90
C SER B 257 22.09 17.45 14.39
N VAL B 258 23.13 16.62 14.52
CA VAL B 258 22.95 15.24 14.12
C VAL B 258 21.94 14.55 15.03
N PHE B 259 21.90 14.93 16.31
CA PHE B 259 20.87 14.38 17.19
C PHE B 259 19.48 14.80 16.73
N LEU B 260 19.32 16.05 16.27
CA LEU B 260 18.04 16.48 15.73
C LEU B 260 17.67 15.67 14.49
N ILE B 261 18.66 15.35 13.66
CA ILE B 261 18.39 14.47 12.52
C ILE B 261 17.88 13.11 13.00
N ILE B 262 18.53 12.57 14.03
CA ILE B 262 18.07 11.29 14.59
C ILE B 262 16.64 11.41 15.08
N VAL B 263 16.33 12.50 15.79
CA VAL B 263 14.98 12.70 16.28
C VAL B 263 13.99 12.73 15.13
N SER B 264 14.29 13.51 14.09
CA SER B 264 13.44 13.53 12.91
C SER B 264 13.22 12.13 12.37
N ASP B 265 14.27 11.31 12.38
CA ASP B 265 14.12 9.93 11.93
C ASP B 265 13.17 9.15 12.84
N THR B 266 13.19 9.43 14.15
CA THR B 266 12.43 8.64 15.11
C THR B 266 11.12 9.28 15.54
N LEU B 267 11.04 10.60 15.61
CA LEU B 267 9.83 11.25 16.08
C LEU B 267 8.68 10.98 15.12
N PRO B 268 7.47 10.72 15.63
CA PRO B 268 6.35 10.43 14.72
C PRO B 268 6.06 11.60 13.80
N ALA B 269 5.68 11.28 12.57
CA ALA B 269 5.29 12.32 11.62
C ALA B 269 3.88 12.79 11.90
N THR B 270 3.66 14.11 11.76
CA THR B 270 2.33 14.68 11.94
C THR B 270 2.33 16.08 11.37
N ALA B 271 1.11 16.62 11.21
CA ALA B 271 0.93 18.00 10.81
C ALA B 271 -0.09 18.73 11.67
N ILE B 272 -0.77 18.02 12.59
CA ILE B 272 -1.75 18.68 13.45
C ILE B 272 -1.06 19.56 14.48
N GLY B 273 0.12 19.16 14.95
CA GLY B 273 0.82 19.94 15.94
C GLY B 273 2.17 19.38 16.36
N THR B 274 3.11 20.28 16.70
CA THR B 274 4.44 19.88 17.14
C THR B 274 4.40 19.45 18.61
N PRO B 275 5.23 18.50 19.02
CA PRO B 275 5.33 18.16 20.43
C PRO B 275 6.16 19.18 21.20
N LEU B 276 5.91 19.27 22.51
CA LEU B 276 6.70 20.17 23.35
C LEU B 276 8.17 19.78 23.32
N ILE B 277 8.45 18.47 23.32
CA ILE B 277 9.84 18.01 23.26
C ILE B 277 10.53 18.60 22.05
N GLY B 278 9.86 18.58 20.90
CA GLY B 278 10.45 19.13 19.69
C GLY B 278 10.73 20.61 19.78
N VAL B 279 9.78 21.37 20.36
CA VAL B 279 9.95 22.82 20.45
C VAL B 279 11.17 23.17 21.28
N TYR B 280 11.34 22.51 22.42
CA TYR B 280 12.48 22.81 23.28
C TYR B 280 13.80 22.48 22.61
N PHE B 281 13.86 21.34 21.90
CA PHE B 281 15.04 21.04 21.09
C PHE B 281 15.37 22.19 20.13
N VAL B 282 14.37 22.64 19.37
CA VAL B 282 14.61 23.69 18.39
C VAL B 282 15.00 24.99 19.08
N VAL B 283 14.30 25.34 20.16
CA VAL B 283 14.60 26.57 20.87
C VAL B 283 16.04 26.57 21.35
N CYS B 284 16.47 25.50 22.01
CA CYS B 284 17.81 25.45 22.58
C CYS B 284 18.88 25.48 21.49
N MET B 285 18.64 24.79 20.38
CA MET B 285 19.53 24.93 19.23
C MET B 285 19.65 26.39 18.81
N ALA B 286 18.52 27.07 18.64
CA ALA B 286 18.55 28.47 18.24
C ALA B 286 19.27 29.32 19.29
N LEU B 287 19.00 29.05 20.57
CA LEU B 287 19.70 29.77 21.63
C LEU B 287 21.20 29.53 21.55
N LEU B 288 21.61 28.29 21.29
CA LEU B 288 23.03 28.00 21.12
C LEU B 288 23.61 28.76 19.94
N VAL B 289 22.88 28.79 18.82
CA VAL B 289 23.38 29.50 17.63
C VAL B 289 23.60 30.96 17.97
N ILE B 290 22.67 31.56 18.71
CA ILE B 290 22.85 32.94 19.14
C ILE B 290 24.10 33.07 19.99
N SER B 291 24.30 32.13 20.91
CA SER B 291 25.52 32.13 21.73
C SER B 291 26.76 32.01 20.84
N LEU B 292 26.77 31.05 19.93
CA LEU B 292 27.90 30.89 19.03
C LEU B 292 28.14 32.15 18.21
N ALA B 293 27.10 32.63 17.53
CA ALA B 293 27.24 33.84 16.72
C ALA B 293 27.84 34.97 17.55
N GLU B 294 27.48 35.04 18.83
CA GLU B 294 27.94 36.15 19.66
C GLU B 294 29.45 36.13 19.82
N THR B 295 30.02 34.94 20.05
CA THR B 295 31.45 34.86 20.32
C THR B 295 32.27 35.31 19.12
N ILE B 296 31.73 35.15 17.91
CA ILE B 296 32.46 35.57 16.72
C ILE B 296 32.70 37.08 16.76
N PHE B 297 31.65 37.84 17.08
CA PHE B 297 31.80 39.29 17.17
C PHE B 297 32.75 39.67 18.30
N ILE B 298 32.54 39.09 19.48
CA ILE B 298 33.32 39.48 20.66
C ILE B 298 34.79 39.14 20.45
N VAL B 299 35.07 37.92 19.98
CA VAL B 299 36.45 37.53 19.74
C VAL B 299 37.06 38.33 18.60
N ARG B 300 36.28 38.64 17.57
CA ARG B 300 36.78 39.48 16.50
C ARG B 300 37.15 40.86 17.02
N LEU B 301 36.32 41.42 17.89
CA LEU B 301 36.62 42.71 18.50
C LEU B 301 37.59 42.55 19.67
N LEU B 362 36.60 43.61 27.53
CA LEU B 362 35.79 42.40 27.49
C LEU B 362 34.67 42.42 28.51
N ARG B 363 34.45 43.59 29.11
CA ARG B 363 33.35 43.72 30.07
C ARG B 363 32.01 43.41 29.40
N VAL B 364 31.80 43.97 28.20
CA VAL B 364 30.56 43.69 27.48
C VAL B 364 30.46 42.20 27.16
N GLY B 365 31.56 41.59 26.73
CA GLY B 365 31.54 40.16 26.47
C GLY B 365 31.19 39.35 27.70
N SER B 366 31.72 39.76 28.85
CA SER B 366 31.50 39.00 30.08
C SER B 366 30.04 39.05 30.51
N VAL B 367 29.45 40.25 30.53
CA VAL B 367 28.05 40.37 30.94
C VAL B 367 27.14 39.70 29.91
N LEU B 368 27.47 39.85 28.63
CA LEU B 368 26.73 39.16 27.58
C LEU B 368 26.81 37.65 27.74
N ASP B 369 28.01 37.14 28.04
CA ASP B 369 28.17 35.72 28.29
C ASP B 369 27.34 35.27 29.48
N LYS B 370 27.35 36.06 30.56
CA LYS B 370 26.58 35.72 31.74
C LYS B 370 25.08 35.67 31.42
N LEU B 371 24.59 36.65 30.68
CA LEU B 371 23.19 36.67 30.30
C LEU B 371 22.83 35.44 29.47
N LEU B 372 23.67 35.12 28.49
CA LEU B 372 23.40 33.93 27.68
C LEU B 372 23.39 32.67 28.54
N PHE B 373 24.36 32.54 29.44
CA PHE B 373 24.44 31.35 30.28
C PHE B 373 23.21 31.21 31.15
N HIS B 374 22.79 32.30 31.79
CA HIS B 374 21.63 32.22 32.67
C HIS B 374 20.35 31.94 31.89
N ILE B 375 20.20 32.55 30.71
CA ILE B 375 19.00 32.29 29.91
C ILE B 375 18.96 30.83 29.48
N TYR B 376 20.10 30.30 29.03
CA TYR B 376 20.14 28.91 28.60
C TYR B 376 19.88 27.97 29.77
N LEU B 377 20.40 28.29 30.95
CA LEU B 377 20.14 27.48 32.12
C LEU B 377 18.66 27.51 32.50
N LEU B 378 18.02 28.68 32.37
CA LEU B 378 16.59 28.77 32.61
C LEU B 378 15.81 27.91 31.63
N ALA B 379 16.24 27.92 30.36
CA ALA B 379 15.58 27.06 29.37
C ALA B 379 15.76 25.58 29.72
N VAL B 380 16.97 25.21 30.17
CA VAL B 380 17.21 23.83 30.58
C VAL B 380 16.27 23.43 31.72
N LEU B 381 16.15 24.32 32.71
CA LEU B 381 15.26 24.05 33.83
C LEU B 381 13.82 23.92 33.38
N ALA B 382 13.39 24.79 32.46
CA ALA B 382 12.03 24.70 31.94
C ALA B 382 11.81 23.35 31.24
N TYR B 383 12.79 22.89 30.47
CA TYR B 383 12.67 21.60 29.82
C TYR B 383 12.53 20.47 30.84
N SER B 384 13.37 20.48 31.86
CA SER B 384 13.30 19.40 32.85
C SER B 384 11.96 19.41 33.57
N ILE B 385 11.48 20.60 33.94
CA ILE B 385 10.19 20.70 34.62
C ILE B 385 9.07 20.26 33.68
N THR B 386 9.20 20.54 32.39
CA THR B 386 8.22 20.06 31.42
C THR B 386 8.18 18.55 31.38
N LEU B 387 9.35 17.90 31.41
CA LEU B 387 9.36 16.44 31.45
C LEU B 387 8.68 15.93 32.71
N VAL B 388 8.94 16.55 33.86
CA VAL B 388 8.27 16.12 35.07
C VAL B 388 6.76 16.27 34.93
N MET B 389 6.31 17.40 34.37
CA MET B 389 4.88 17.62 34.19
C MET B 389 4.27 16.55 33.29
N LEU B 390 4.90 16.29 32.15
CA LEU B 390 4.37 15.31 31.21
C LEU B 390 4.27 13.93 31.84
N TRP B 391 5.31 13.52 32.57
CA TRP B 391 5.25 12.23 33.25
C TRP B 391 4.13 12.22 34.29
N SER B 392 3.97 13.32 35.03
CA SER B 392 2.94 13.37 36.05
C SER B 392 1.55 13.22 35.45
N ILE B 393 1.31 13.82 34.29
CA ILE B 393 0.01 13.67 33.63
C ILE B 393 -0.17 12.23 33.15
N TRP B 394 0.87 11.67 32.51
CA TRP B 394 0.74 10.35 31.91
C TRP B 394 0.59 9.25 32.97
N GLN B 395 1.27 9.41 34.10
CA GLN B 395 1.19 8.40 35.14
C GLN B 395 -0.22 8.28 35.71
N TYR B 396 -1.05 9.30 35.54
CA TYR B 396 -2.41 9.29 36.08
C TYR B 396 -3.41 9.80 35.07
N ARG C 3 -30.12 -43.00 -15.21
CA ARG C 3 -29.19 -41.84 -15.09
C ARG C 3 -27.87 -42.27 -14.46
N PRO C 4 -26.81 -41.52 -14.73
CA PRO C 4 -25.49 -41.89 -14.19
C PRO C 4 -25.48 -41.86 -12.67
N ALA C 5 -24.63 -42.71 -12.09
CA ALA C 5 -24.64 -42.89 -10.64
C ALA C 5 -24.30 -41.60 -9.91
N LEU C 6 -23.30 -40.86 -10.39
CA LEU C 6 -22.90 -39.63 -9.71
C LEU C 6 -24.04 -38.64 -9.64
N LEU C 7 -24.75 -38.44 -10.76
CA LEU C 7 -25.79 -37.43 -10.82
C LEU C 7 -26.93 -37.76 -9.86
N ARG C 8 -27.42 -39.00 -9.90
CA ARG C 8 -28.55 -39.35 -9.04
C ARG C 8 -28.14 -39.47 -7.59
N LEU C 9 -26.88 -39.83 -7.32
CA LEU C 9 -26.38 -39.79 -5.94
C LEU C 9 -26.38 -38.36 -5.41
N SER C 10 -25.89 -37.41 -6.22
CA SER C 10 -25.90 -36.02 -5.79
C SER C 10 -27.33 -35.53 -5.56
N ASP C 11 -28.25 -35.90 -6.45
CA ASP C 11 -29.64 -35.51 -6.24
C ASP C 11 -30.19 -36.12 -4.95
N TYR C 12 -29.88 -37.40 -4.70
CA TYR C 12 -30.37 -38.05 -3.49
C TYR C 12 -29.85 -37.35 -2.24
N LEU C 13 -28.57 -36.99 -2.23
CA LEU C 13 -28.01 -36.34 -1.05
C LEU C 13 -28.59 -34.94 -0.85
N LEU C 14 -28.58 -34.12 -1.90
CA LEU C 14 -28.80 -32.69 -1.74
C LEU C 14 -30.23 -32.23 -2.01
N THR C 15 -31.11 -33.10 -2.49
CA THR C 15 -32.46 -32.65 -2.82
C THR C 15 -33.20 -32.15 -1.59
N ASN C 16 -33.07 -32.87 -0.47
CA ASN C 16 -33.72 -32.47 0.78
C ASN C 16 -32.74 -31.92 1.80
N TYR C 17 -31.45 -31.83 1.47
CA TYR C 17 -30.48 -31.28 2.39
C TYR C 17 -30.74 -29.80 2.62
N ARG C 18 -30.43 -29.34 3.83
CA ARG C 18 -30.71 -27.95 4.25
C ARG C 18 -29.47 -27.41 4.96
N LYS C 19 -28.65 -26.67 4.22
CA LYS C 19 -27.49 -26.02 4.82
C LYS C 19 -27.96 -24.99 5.83
N GLY C 20 -27.12 -24.75 6.83
CA GLY C 20 -27.44 -23.82 7.89
C GLY C 20 -27.94 -24.46 9.17
N VAL C 21 -28.06 -25.78 9.21
CA VAL C 21 -28.38 -26.51 10.42
C VAL C 21 -27.25 -27.47 10.71
N ARG C 22 -26.78 -27.48 11.96
CA ARG C 22 -25.66 -28.33 12.30
C ARG C 22 -26.03 -29.79 12.02
N PRO C 23 -25.22 -30.52 11.25
CA PRO C 23 -25.63 -31.85 10.77
C PRO C 23 -25.48 -32.94 11.83
N VAL C 24 -26.41 -32.97 12.77
CA VAL C 24 -26.55 -34.07 13.72
C VAL C 24 -28.03 -34.35 13.91
N ARG C 25 -28.39 -35.63 13.90
CA ARG C 25 -29.78 -36.01 14.09
C ARG C 25 -30.19 -36.05 15.56
N ASP C 26 -29.22 -35.96 16.47
CA ASP C 26 -29.49 -35.78 17.89
C ASP C 26 -28.76 -34.51 18.31
N TRP C 27 -29.52 -33.45 18.61
CA TRP C 27 -28.92 -32.13 18.79
C TRP C 27 -28.01 -32.06 20.00
N ARG C 28 -28.06 -33.06 20.88
CA ARG C 28 -27.22 -33.03 22.08
C ARG C 28 -25.76 -33.42 21.78
N LYS C 29 -25.51 -34.09 20.66
CA LYS C 29 -24.16 -34.53 20.37
C LYS C 29 -23.33 -33.41 19.75
N PRO C 30 -22.08 -33.24 20.15
CA PRO C 30 -21.24 -32.22 19.52
C PRO C 30 -20.64 -32.69 18.21
N THR C 31 -20.41 -31.73 17.32
CA THR C 31 -19.75 -31.99 16.04
C THR C 31 -18.24 -31.81 16.24
N THR C 32 -17.49 -32.90 16.14
CA THR C 32 -16.06 -32.88 16.39
C THR C 32 -15.34 -32.62 15.07
N VAL C 33 -14.77 -31.43 14.94
CA VAL C 33 -14.07 -31.02 13.72
C VAL C 33 -12.59 -31.32 13.90
N SER C 34 -12.13 -32.42 13.30
CA SER C 34 -10.70 -32.74 13.33
C SER C 34 -9.97 -31.87 12.31
N ILE C 35 -8.87 -31.27 12.73
CA ILE C 35 -8.16 -30.30 11.90
C ILE C 35 -6.68 -30.67 11.84
N ASP C 36 -6.04 -30.17 10.78
CA ASP C 36 -4.61 -30.36 10.57
C ASP C 36 -4.06 -29.12 9.90
N VAL C 37 -2.80 -28.79 10.21
CA VAL C 37 -2.15 -27.60 9.67
C VAL C 37 -0.73 -27.97 9.25
N ILE C 38 -0.36 -27.57 8.03
CA ILE C 38 0.98 -27.75 7.51
C ILE C 38 1.46 -26.38 7.05
N VAL C 39 2.59 -25.93 7.58
CA VAL C 39 3.13 -24.63 7.21
C VAL C 39 3.83 -24.78 5.86
N TYR C 40 3.39 -24.02 4.85
CA TYR C 40 4.02 -24.04 3.56
C TYR C 40 5.17 -23.03 3.46
N ALA C 41 4.95 -21.82 3.95
CA ALA C 41 5.99 -20.79 3.85
C ALA C 41 5.67 -19.68 4.83
N ILE C 42 6.72 -19.04 5.34
CA ILE C 42 6.60 -17.85 6.17
C ILE C 42 6.86 -16.67 5.24
N LEU C 43 5.78 -16.06 4.75
CA LEU C 43 5.91 -15.08 3.69
C LEU C 43 6.51 -13.77 4.19
N ASN C 44 6.20 -13.37 5.41
CA ASN C 44 6.64 -12.06 5.90
C ASN C 44 6.55 -12.02 7.42
N VAL C 45 7.62 -11.57 8.06
CA VAL C 45 7.64 -11.27 9.48
C VAL C 45 7.96 -9.79 9.63
N ASP C 46 7.01 -9.03 10.17
CA ASP C 46 7.11 -7.57 10.28
C ASP C 46 7.17 -7.22 11.76
N GLU C 47 8.33 -6.78 12.22
CA GLU C 47 8.52 -6.43 13.63
C GLU C 47 8.17 -4.98 13.93
N LYS C 48 7.76 -4.21 12.93
CA LYS C 48 7.23 -2.87 13.18
C LYS C 48 5.73 -2.90 13.37
N ASN C 49 5.02 -3.66 12.55
CA ASN C 49 3.58 -3.85 12.69
C ASN C 49 3.22 -4.99 13.62
N GLN C 50 4.20 -5.77 14.08
CA GLN C 50 3.96 -6.89 15.00
C GLN C 50 2.99 -7.90 14.40
N VAL C 51 3.20 -8.21 13.11
CA VAL C 51 2.41 -9.24 12.43
C VAL C 51 3.36 -10.07 11.58
N LEU C 52 2.96 -11.32 11.33
CA LEU C 52 3.66 -12.19 10.40
C LEU C 52 2.64 -12.89 9.53
N THR C 53 2.98 -13.04 8.24
CA THR C 53 2.12 -13.71 7.28
C THR C 53 2.69 -15.09 6.97
N THR C 54 1.90 -16.12 7.22
CA THR C 54 2.30 -17.50 6.94
C THR C 54 1.31 -18.14 5.99
N TYR C 55 1.84 -18.87 5.02
CA TYR C 55 1.02 -19.62 4.06
C TYR C 55 0.96 -21.06 4.56
N ILE C 56 -0.23 -21.49 4.96
CA ILE C 56 -0.43 -22.80 5.59
C ILE C 56 -1.46 -23.58 4.80
N TRP C 57 -1.22 -24.87 4.64
CA TRP C 57 -2.21 -25.79 4.09
C TRP C 57 -3.06 -26.32 5.23
N TYR C 58 -4.30 -25.87 5.31
CA TYR C 58 -5.21 -26.19 6.40
C TYR C 58 -6.26 -27.15 5.88
N ARG C 59 -6.41 -28.29 6.56
CA ARG C 59 -7.40 -29.29 6.20
C ARG C 59 -8.12 -29.77 7.45
N GLN C 60 -9.40 -30.11 7.29
CA GLN C 60 -10.23 -30.50 8.41
C GLN C 60 -11.29 -31.47 7.91
N TYR C 61 -11.83 -32.28 8.83
CA TYR C 61 -12.92 -33.15 8.47
C TYR C 61 -13.87 -33.33 9.64
N TRP C 62 -15.13 -33.58 9.33
CA TRP C 62 -16.16 -33.79 10.33
C TRP C 62 -17.19 -34.76 9.78
N THR C 63 -18.04 -35.28 10.66
CA THR C 63 -19.08 -36.21 10.26
C THR C 63 -20.39 -35.46 10.07
N ASP C 64 -20.89 -35.43 8.84
CA ASP C 64 -22.19 -34.86 8.52
C ASP C 64 -23.19 -36.00 8.48
N GLU C 65 -24.07 -36.07 9.48
CA GLU C 65 -24.93 -37.23 9.67
C GLU C 65 -26.07 -37.32 8.66
N PHE C 66 -26.27 -36.29 7.84
CA PHE C 66 -27.29 -36.33 6.79
C PHE C 66 -26.74 -36.77 5.44
N LEU C 67 -25.46 -36.52 5.16
CA LEU C 67 -24.87 -36.89 3.88
C LEU C 67 -24.33 -38.32 3.94
N GLN C 68 -25.26 -39.27 4.04
CA GLN C 68 -24.93 -40.69 4.13
C GLN C 68 -25.75 -41.46 3.13
N TRP C 69 -25.13 -42.51 2.57
CA TRP C 69 -25.81 -43.35 1.59
C TRP C 69 -25.19 -44.74 1.60
N ASN C 70 -25.92 -45.69 1.05
CA ASN C 70 -25.39 -47.04 0.85
C ASN C 70 -24.79 -47.13 -0.54
N PRO C 71 -23.49 -47.41 -0.69
CA PRO C 71 -22.91 -47.50 -2.04
C PRO C 71 -23.57 -48.55 -2.90
N GLU C 72 -24.20 -49.57 -2.30
CA GLU C 72 -24.85 -50.59 -3.10
C GLU C 72 -25.88 -50.00 -4.04
N ASP C 73 -26.57 -48.95 -3.61
CA ASP C 73 -27.60 -48.33 -4.45
C ASP C 73 -27.03 -47.41 -5.52
N PHE C 74 -25.76 -47.02 -5.41
CA PHE C 74 -25.18 -45.99 -6.27
C PHE C 74 -23.87 -46.46 -6.89
N ASP C 75 -23.88 -47.68 -7.44
CA ASP C 75 -22.76 -48.17 -8.24
C ASP C 75 -21.46 -48.17 -7.44
N ASN C 76 -21.56 -48.50 -6.14
CA ASN C 76 -20.39 -48.56 -5.28
C ASN C 76 -19.60 -47.26 -5.27
N ILE C 77 -20.29 -46.12 -5.37
CA ILE C 77 -19.61 -44.85 -5.23
C ILE C 77 -19.27 -44.68 -3.76
N THR C 78 -17.99 -44.82 -3.41
CA THR C 78 -17.57 -44.76 -2.02
C THR C 78 -17.37 -43.34 -1.53
N LYS C 79 -16.90 -42.44 -2.39
CA LYS C 79 -16.80 -41.03 -2.04
C LYS C 79 -16.95 -40.20 -3.30
N LEU C 80 -17.47 -38.99 -3.12
CA LEU C 80 -17.70 -38.07 -4.22
C LEU C 80 -17.43 -36.65 -3.73
N SER C 81 -17.25 -35.75 -4.69
CA SER C 81 -16.98 -34.34 -4.40
C SER C 81 -18.20 -33.50 -4.72
N ILE C 82 -18.54 -32.60 -3.80
CA ILE C 82 -19.67 -31.68 -4.00
C ILE C 82 -19.26 -30.29 -3.53
N PRO C 83 -19.91 -29.26 -4.06
CA PRO C 83 -19.47 -27.89 -3.78
C PRO C 83 -19.47 -27.60 -2.29
N THR C 84 -18.45 -26.86 -1.85
CA THR C 84 -18.32 -26.55 -0.42
C THR C 84 -19.48 -25.68 0.05
N ASP C 85 -19.94 -24.75 -0.80
CA ASP C 85 -21.02 -23.85 -0.42
C ASP C 85 -22.37 -24.55 -0.37
N SER C 86 -22.45 -25.81 -0.76
CA SER C 86 -23.70 -26.55 -0.78
C SER C 86 -23.94 -27.37 0.48
N ILE C 87 -23.07 -27.27 1.49
CA ILE C 87 -23.19 -28.05 2.71
C ILE C 87 -22.83 -27.18 3.91
N TRP C 88 -23.22 -27.64 5.09
CA TRP C 88 -22.86 -26.95 6.33
C TRP C 88 -21.35 -27.08 6.56
N VAL C 89 -20.71 -25.95 6.85
CA VAL C 89 -19.27 -25.88 7.05
C VAL C 89 -19.02 -25.25 8.41
N PRO C 90 -18.23 -25.86 9.29
CA PRO C 90 -18.04 -25.28 10.62
C PRO C 90 -17.36 -23.93 10.56
N ASP C 91 -17.63 -23.12 11.58
CA ASP C 91 -17.17 -21.74 11.64
C ASP C 91 -15.79 -21.60 12.27
N ILE C 92 -14.95 -22.64 12.20
CA ILE C 92 -13.62 -22.60 12.78
C ILE C 92 -12.88 -21.37 12.26
N LEU C 93 -12.41 -20.53 13.18
CA LEU C 93 -11.78 -19.27 12.87
C LEU C 93 -10.52 -19.10 13.70
N ILE C 94 -9.53 -18.41 13.15
CA ILE C 94 -8.27 -18.14 13.85
C ILE C 94 -8.39 -16.82 14.58
N ASN C 95 -8.13 -16.82 15.90
CA ASN C 95 -8.48 -15.68 16.74
C ASN C 95 -7.61 -14.46 16.42
N GLU C 96 -6.30 -14.63 16.44
CA GLU C 96 -5.41 -13.47 16.36
C GLU C 96 -5.14 -13.05 14.92
N PHE C 97 -6.04 -13.37 14.01
CA PHE C 97 -5.95 -12.83 12.66
C PHE C 97 -6.03 -11.31 12.68
N VAL C 98 -5.25 -10.68 11.80
CA VAL C 98 -5.34 -9.25 11.58
C VAL C 98 -6.07 -8.91 10.30
N ASP C 99 -5.95 -9.77 9.29
CA ASP C 99 -6.64 -9.60 8.02
C ASP C 99 -7.13 -10.95 7.55
N VAL C 100 -8.33 -10.98 6.96
CA VAL C 100 -8.91 -12.24 6.53
C VAL C 100 -8.00 -12.94 5.53
N GLY C 101 -7.19 -12.20 4.79
CA GLY C 101 -6.28 -12.76 3.83
C GLY C 101 -6.87 -12.81 2.42
N LYS C 102 -6.01 -13.22 1.49
CA LYS C 102 -6.35 -13.27 0.07
C LYS C 102 -6.32 -14.69 -0.49
N SER C 103 -6.80 -15.67 0.28
CA SER C 103 -6.82 -17.05 -0.18
C SER C 103 -8.05 -17.32 -1.05
N PRO C 104 -7.96 -18.30 -1.96
CA PRO C 104 -9.09 -18.59 -2.84
C PRO C 104 -10.19 -19.37 -2.11
N ASN C 105 -11.21 -19.73 -2.88
CA ASN C 105 -12.44 -20.28 -2.28
C ASN C 105 -12.49 -21.80 -2.26
N ILE C 106 -11.71 -22.47 -3.11
CA ILE C 106 -11.65 -23.94 -3.10
C ILE C 106 -13.05 -24.52 -3.21
N PRO C 107 -13.65 -24.53 -4.41
CA PRO C 107 -15.09 -24.83 -4.54
C PRO C 107 -15.54 -26.13 -3.88
N TYR C 108 -14.77 -27.21 -3.95
CA TYR C 108 -15.29 -28.55 -3.65
C TYR C 108 -14.76 -29.10 -2.34
N VAL C 109 -15.47 -30.10 -1.83
CA VAL C 109 -15.03 -30.92 -0.70
C VAL C 109 -15.41 -32.37 -1.02
N TYR C 110 -14.74 -33.29 -0.34
CA TYR C 110 -15.01 -34.73 -0.49
C TYR C 110 -16.01 -35.19 0.56
N ILE C 111 -16.93 -36.06 0.15
CA ILE C 111 -17.85 -36.74 1.05
C ILE C 111 -17.62 -38.23 0.94
N ARG C 112 -17.42 -38.90 2.07
CA ARG C 112 -17.37 -40.35 2.11
C ARG C 112 -18.73 -40.89 2.52
N HIS C 113 -19.00 -42.14 2.15
CA HIS C 113 -20.34 -42.69 2.31
C HIS C 113 -20.73 -42.85 3.77
N GLN C 114 -19.78 -42.74 4.69
CA GLN C 114 -20.09 -42.75 6.12
C GLN C 114 -20.45 -41.37 6.66
N GLY C 115 -20.52 -40.36 5.80
CA GLY C 115 -20.82 -39.01 6.22
C GLY C 115 -19.62 -38.15 6.53
N GLU C 116 -18.41 -38.71 6.53
CA GLU C 116 -17.21 -37.93 6.81
C GLU C 116 -16.96 -36.96 5.67
N VAL C 117 -16.86 -35.68 5.99
CA VAL C 117 -16.61 -34.63 5.01
C VAL C 117 -15.19 -34.13 5.19
N GLN C 118 -14.41 -34.13 4.11
CA GLN C 118 -13.01 -33.72 4.14
C GLN C 118 -12.87 -32.42 3.38
N ASN C 119 -12.33 -31.40 4.05
CA ASN C 119 -12.21 -30.06 3.48
C ASN C 119 -10.75 -29.63 3.54
N TYR C 120 -10.13 -29.48 2.37
CA TYR C 120 -8.76 -29.00 2.25
C TYR C 120 -8.83 -27.56 1.73
N LYS C 121 -8.05 -26.66 2.34
CA LYS C 121 -8.09 -25.28 1.91
C LYS C 121 -6.76 -24.60 2.26
N PRO C 122 -6.20 -23.80 1.35
CA PRO C 122 -4.99 -23.04 1.68
C PRO C 122 -5.35 -21.72 2.33
N LEU C 123 -4.51 -21.29 3.27
CA LEU C 123 -4.73 -20.04 3.99
C LEU C 123 -3.45 -19.23 4.04
N GLN C 124 -3.53 -17.97 3.59
CA GLN C 124 -2.47 -17.00 3.83
C GLN C 124 -2.86 -16.12 5.01
N VAL C 125 -2.73 -16.70 6.20
CA VAL C 125 -3.13 -16.02 7.41
C VAL C 125 -2.09 -14.97 7.79
N VAL C 126 -2.57 -13.78 8.13
CA VAL C 126 -1.74 -12.73 8.69
C VAL C 126 -2.24 -12.49 10.11
N THR C 127 -1.37 -12.71 11.10
CA THR C 127 -1.77 -12.74 12.50
C THR C 127 -0.90 -11.79 13.31
N ALA C 128 -1.47 -11.24 14.38
CA ALA C 128 -0.69 -10.45 15.31
C ALA C 128 0.18 -11.36 16.16
N CYS C 129 1.40 -10.90 16.45
CA CYS C 129 2.33 -11.69 17.23
C CYS C 129 3.24 -10.75 18.02
N SER C 130 3.73 -11.25 19.16
CA SER C 130 4.61 -10.46 20.02
C SER C 130 6.07 -10.63 19.59
N LEU C 131 6.34 -10.17 18.37
CA LEU C 131 7.70 -10.25 17.83
C LEU C 131 8.62 -9.29 18.57
N ASP C 132 9.83 -9.77 18.87
CA ASP C 132 10.87 -8.94 19.46
C ASP C 132 12.18 -9.24 18.78
N ILE C 133 12.97 -8.19 18.53
CA ILE C 133 14.21 -8.32 17.80
C ILE C 133 15.39 -8.15 18.76
N TYR C 134 15.17 -8.49 20.03
CA TYR C 134 16.23 -8.32 21.02
C TYR C 134 17.51 -9.03 20.61
N ASN C 135 17.40 -10.14 19.89
CA ASN C 135 18.55 -10.92 19.44
C ASN C 135 18.76 -10.84 17.93
N PHE C 136 18.55 -9.66 17.36
CA PHE C 136 18.17 -9.51 15.95
C PHE C 136 18.78 -10.54 15.02
N PRO C 137 20.10 -10.59 14.85
CA PRO C 137 20.67 -11.54 13.89
C PRO C 137 20.43 -12.98 14.27
N PHE C 138 20.13 -13.25 15.54
CA PHE C 138 19.98 -14.61 16.06
C PHE C 138 18.60 -14.81 16.66
N ASP C 139 17.57 -14.22 16.06
CA ASP C 139 16.23 -14.29 16.61
C ASP C 139 15.70 -15.71 16.60
N VAL C 140 14.83 -16.00 17.57
CA VAL C 140 13.99 -17.20 17.51
C VAL C 140 12.58 -16.79 17.92
N GLN C 141 11.73 -16.49 16.94
CA GLN C 141 10.37 -16.07 17.20
C GLN C 141 9.49 -17.27 17.50
N ASN C 142 8.44 -17.03 18.29
CA ASN C 142 7.61 -18.13 18.79
C ASN C 142 6.24 -17.54 19.12
N CYS C 143 5.30 -17.68 18.19
CA CYS C 143 3.96 -17.14 18.38
C CYS C 143 2.95 -18.06 17.74
N SER C 144 1.69 -17.93 18.16
CA SER C 144 0.70 -18.98 18.02
C SER C 144 -0.31 -18.68 16.90
N LEU C 145 -0.91 -19.77 16.41
CA LEU C 145 -2.17 -19.74 15.68
C LEU C 145 -3.15 -20.61 16.44
N THR C 146 -4.28 -20.04 16.85
CA THR C 146 -5.30 -20.77 17.60
C THR C 146 -6.58 -20.80 16.80
N PHE C 147 -7.06 -22.01 16.49
CA PHE C 147 -8.30 -22.20 15.76
C PHE C 147 -9.41 -22.53 16.74
N THR C 148 -10.52 -21.80 16.65
CA THR C 148 -11.63 -22.01 17.57
C THR C 148 -12.94 -21.80 16.82
N SER C 149 -13.97 -22.53 17.26
CA SER C 149 -15.31 -22.30 16.75
C SER C 149 -15.79 -20.95 17.25
N TRP C 150 -15.96 -19.99 16.35
CA TRP C 150 -16.17 -18.61 16.77
C TRP C 150 -17.46 -18.47 17.58
N LEU C 151 -18.57 -18.99 17.05
CA LEU C 151 -19.85 -18.86 17.72
C LEU C 151 -20.16 -20.08 18.59
N HIS C 152 -19.97 -21.28 18.06
CA HIS C 152 -20.47 -22.48 18.71
C HIS C 152 -19.66 -22.80 19.96
N THR C 153 -20.37 -23.11 21.04
CA THR C 153 -19.71 -23.56 22.26
C THR C 153 -19.28 -25.02 22.12
N ILE C 154 -18.60 -25.53 23.15
CA ILE C 154 -17.94 -26.82 23.04
C ILE C 154 -18.94 -27.93 22.84
N GLN C 155 -20.10 -27.84 23.49
CA GLN C 155 -21.12 -28.88 23.32
C GLN C 155 -21.82 -28.81 21.97
N ASP C 156 -21.46 -27.86 21.11
CA ASP C 156 -21.94 -27.82 19.74
C ASP C 156 -20.86 -28.18 18.73
N ILE C 157 -19.69 -27.54 18.82
CA ILE C 157 -18.55 -27.85 17.97
C ILE C 157 -17.33 -28.07 18.84
N ASN C 158 -16.61 -29.15 18.61
CA ASN C 158 -15.40 -29.48 19.33
C ASN C 158 -14.29 -29.75 18.33
N ILE C 159 -13.05 -29.53 18.75
CA ILE C 159 -11.90 -29.58 17.84
C ILE C 159 -10.92 -30.64 18.32
N SER C 160 -10.21 -31.22 17.37
CA SER C 160 -9.24 -32.29 17.66
C SER C 160 -8.22 -32.35 16.53
N LEU C 161 -7.15 -33.09 16.76
CA LEU C 161 -6.09 -33.22 15.78
C LEU C 161 -6.36 -34.37 14.81
N TRP C 162 -6.13 -34.11 13.53
CA TRP C 162 -6.22 -35.18 12.54
C TRP C 162 -5.13 -36.22 12.76
N ARG C 163 -3.90 -35.76 13.02
CA ARG C 163 -2.75 -36.63 13.18
C ARG C 163 -2.27 -36.59 14.63
N LEU C 164 -1.34 -37.49 14.94
CA LEU C 164 -0.75 -37.51 16.26
C LEU C 164 0.04 -36.22 16.49
N PRO C 165 0.07 -35.71 17.72
CA PRO C 165 0.76 -34.42 17.95
C PRO C 165 2.22 -34.43 17.55
N GLU C 166 2.93 -35.54 17.79
CA GLU C 166 4.34 -35.59 17.42
C GLU C 166 4.53 -35.55 15.92
N LYS C 167 3.63 -36.17 15.16
CA LYS C 167 3.78 -36.19 13.71
C LYS C 167 3.61 -34.80 13.12
N VAL C 168 2.59 -34.06 13.56
CA VAL C 168 2.42 -32.68 13.11
C VAL C 168 3.58 -31.82 13.60
N LYS C 169 4.07 -32.11 14.80
CA LYS C 169 5.19 -31.34 15.35
C LYS C 169 6.44 -31.49 14.51
N SER C 170 6.69 -32.69 13.99
CA SER C 170 7.89 -32.98 13.21
C SER C 170 7.66 -32.84 11.71
N ASP C 171 6.47 -32.44 11.27
CA ASP C 171 6.13 -32.45 9.85
C ASP C 171 6.67 -31.18 9.18
N ARG C 172 7.63 -31.35 8.27
CA ARG C 172 8.09 -30.28 7.40
C ARG C 172 8.23 -30.80 5.96
N SER C 173 7.26 -31.61 5.53
CA SER C 173 7.35 -32.26 4.22
C SER C 173 7.34 -31.24 3.08
N VAL C 174 6.47 -30.24 3.16
CA VAL C 174 6.23 -29.32 2.06
C VAL C 174 6.73 -27.92 2.35
N PHE C 175 7.33 -27.68 3.52
CA PHE C 175 7.78 -26.35 3.88
C PHE C 175 8.77 -25.82 2.85
N MET C 176 8.57 -24.57 2.42
CA MET C 176 9.48 -23.92 1.50
C MET C 176 10.70 -23.41 2.25
N ASN C 177 11.78 -24.19 2.22
CA ASN C 177 12.88 -23.95 3.15
C ASN C 177 13.67 -22.69 2.80
N GLN C 178 14.05 -22.53 1.53
CA GLN C 178 14.96 -21.44 1.18
C GLN C 178 14.31 -20.10 1.50
N GLY C 179 14.82 -19.43 2.52
CA GLY C 179 14.24 -18.17 2.95
C GLY C 179 14.90 -17.73 4.24
N GLU C 180 14.51 -16.53 4.69
CA GLU C 180 15.17 -15.95 5.85
C GLU C 180 14.84 -16.71 7.12
N TRP C 181 13.68 -17.37 7.18
CA TRP C 181 13.21 -18.03 8.39
C TRP C 181 13.09 -19.54 8.15
N GLU C 182 13.58 -20.31 9.12
CA GLU C 182 13.39 -21.75 9.14
C GLU C 182 12.62 -22.10 10.40
N LEU C 183 11.61 -22.96 10.29
CA LEU C 183 10.72 -23.26 11.40
C LEU C 183 11.19 -24.52 12.10
N LEU C 184 11.33 -24.44 13.42
CA LEU C 184 11.77 -25.58 14.21
C LEU C 184 10.64 -26.56 14.51
N GLY C 185 9.38 -26.11 14.43
CA GLY C 185 8.27 -27.00 14.65
C GLY C 185 7.02 -26.21 14.98
N VAL C 186 5.89 -26.90 14.88
CA VAL C 186 4.59 -26.38 15.27
C VAL C 186 4.07 -27.27 16.39
N LEU C 187 3.73 -26.65 17.52
CA LEU C 187 3.34 -27.40 18.71
C LEU C 187 1.84 -27.27 18.95
N PRO C 188 1.05 -28.32 18.79
CA PRO C 188 -0.38 -28.21 19.06
C PRO C 188 -0.69 -28.26 20.55
N TYR C 189 -1.79 -27.61 20.93
CA TYR C 189 -2.20 -27.56 22.33
C TYR C 189 -3.70 -27.26 22.38
N PHE C 190 -4.43 -28.06 23.14
CA PHE C 190 -5.88 -27.96 23.23
C PHE C 190 -6.29 -27.45 24.61
N ARG C 191 -7.28 -26.55 24.63
CA ARG C 191 -7.78 -26.00 25.88
C ARG C 191 -9.23 -25.57 25.70
N GLU C 192 -9.93 -25.43 26.82
CA GLU C 192 -11.34 -25.02 26.83
C GLU C 192 -11.40 -23.56 27.29
N PHE C 193 -11.32 -22.65 26.32
CA PHE C 193 -11.38 -21.24 26.61
C PHE C 193 -12.76 -20.83 27.11
N SER C 194 -12.79 -19.83 27.98
CA SER C 194 -14.04 -19.30 28.49
C SER C 194 -13.80 -17.96 29.14
N MET C 195 -14.66 -16.98 28.81
CA MET C 195 -14.65 -15.68 29.46
C MET C 195 -15.90 -15.44 30.29
N GLU C 196 -16.84 -16.38 30.29
CA GLU C 196 -18.04 -16.28 31.12
C GLU C 196 -18.49 -17.71 31.40
N SER C 197 -18.61 -18.07 32.68
CA SER C 197 -18.61 -19.46 33.09
C SER C 197 -19.70 -20.29 32.44
N SER C 198 -20.80 -19.67 32.01
CA SER C 198 -21.89 -20.44 31.43
C SER C 198 -21.53 -21.06 30.08
N ASN C 199 -20.48 -20.56 29.42
CA ASN C 199 -20.11 -21.03 28.09
C ASN C 199 -18.64 -21.40 28.05
N TYR C 200 -18.35 -22.53 27.41
CA TYR C 200 -16.99 -23.00 27.20
C TYR C 200 -16.74 -23.20 25.71
N TYR C 201 -15.57 -22.79 25.25
CA TYR C 201 -15.22 -22.83 23.84
C TYR C 201 -13.97 -23.67 23.66
N ALA C 202 -14.01 -24.61 22.71
CA ALA C 202 -12.86 -25.42 22.39
C ALA C 202 -11.97 -24.68 21.40
N GLU C 203 -10.67 -24.66 21.67
CA GLU C 203 -9.70 -24.01 20.80
C GLU C 203 -8.43 -24.83 20.76
N MET C 204 -7.69 -24.69 19.67
CA MET C 204 -6.50 -25.49 19.38
C MET C 204 -5.36 -24.55 18.99
N LYS C 205 -4.42 -24.34 19.90
CA LYS C 205 -3.28 -23.48 19.62
C LYS C 205 -2.19 -24.25 18.89
N PHE C 206 -1.66 -23.66 17.83
CA PHE C 206 -0.46 -24.14 17.16
C PHE C 206 0.62 -23.09 17.29
N TYR C 207 1.69 -23.42 18.02
CA TYR C 207 2.82 -22.50 18.21
C TYR C 207 3.83 -22.77 17.11
N VAL C 208 3.85 -21.90 16.09
CA VAL C 208 4.86 -22.00 15.05
C VAL C 208 6.14 -21.37 15.57
N VAL C 209 7.22 -22.16 15.59
CA VAL C 209 8.51 -21.73 16.12
C VAL C 209 9.45 -21.56 14.94
N ILE C 210 10.01 -20.37 14.80
CA ILE C 210 10.87 -20.03 13.67
C ILE C 210 12.06 -19.25 14.18
N ARG C 211 13.24 -19.52 13.60
CA ARG C 211 14.45 -18.79 13.95
C ARG C 211 15.11 -18.24 12.69
N ARG C 212 15.54 -17.00 12.77
CA ARG C 212 16.23 -16.37 11.65
C ARG C 212 17.57 -17.05 11.40
N ARG C 213 17.87 -17.35 10.13
CA ARG C 213 19.18 -17.89 9.81
C ARG C 213 20.15 -16.75 9.60
N PRO C 214 21.21 -16.62 10.42
CA PRO C 214 21.92 -15.34 10.52
C PRO C 214 22.95 -15.07 9.44
N LEU C 215 23.35 -16.06 8.65
CA LEU C 215 24.60 -15.94 7.90
C LEU C 215 24.66 -14.66 7.07
N PHE C 216 23.54 -14.23 6.50
CA PHE C 216 23.54 -12.99 5.74
C PHE C 216 23.96 -11.81 6.61
N TYR C 217 23.42 -11.74 7.83
CA TYR C 217 23.76 -10.64 8.72
C TYR C 217 25.13 -10.82 9.34
N VAL C 218 25.59 -12.05 9.51
CA VAL C 218 26.97 -12.28 9.94
C VAL C 218 27.93 -11.70 8.92
N VAL C 219 27.69 -11.97 7.64
CA VAL C 219 28.55 -11.44 6.59
C VAL C 219 28.37 -9.93 6.44
N SER C 220 27.13 -9.45 6.48
CA SER C 220 26.85 -8.07 6.10
C SER C 220 27.01 -7.09 7.25
N LEU C 221 26.68 -7.49 8.48
CA LEU C 221 26.71 -6.57 9.63
C LEU C 221 27.82 -6.87 10.60
N LEU C 222 27.95 -8.12 11.05
CA LEU C 222 28.86 -8.41 12.15
C LEU C 222 30.32 -8.30 11.73
N LEU C 223 30.68 -8.86 10.58
CA LEU C 223 32.08 -8.81 10.16
C LEU C 223 32.57 -7.40 9.88
N PRO C 224 31.86 -6.56 9.13
CA PRO C 224 32.34 -5.17 8.97
C PRO C 224 32.44 -4.42 10.28
N SER C 225 31.48 -4.61 11.18
CA SER C 225 31.55 -3.94 12.47
C SER C 225 32.76 -4.40 13.27
N ILE C 226 33.03 -5.71 13.26
CA ILE C 226 34.22 -6.23 13.91
C ILE C 226 35.50 -5.66 13.30
N PHE C 227 35.56 -5.56 11.98
CA PHE C 227 36.75 -5.00 11.34
C PHE C 227 36.95 -3.55 11.74
N LEU C 228 35.87 -2.76 11.75
CA LEU C 228 35.99 -1.36 12.14
C LEU C 228 36.40 -1.23 13.60
N MET C 229 35.86 -2.09 14.47
CA MET C 229 36.26 -2.06 15.88
C MET C 229 37.74 -2.40 16.04
N VAL C 230 38.22 -3.40 15.29
CA VAL C 230 39.63 -3.76 15.37
C VAL C 230 40.50 -2.60 14.89
N MET C 231 40.10 -1.95 13.80
CA MET C 231 40.86 -0.81 13.30
C MET C 231 40.87 0.32 14.33
N ASP C 232 39.74 0.59 14.96
CA ASP C 232 39.72 1.65 15.96
C ASP C 232 40.58 1.29 17.16
N ILE C 233 40.61 0.01 17.52
CA ILE C 233 41.49 -0.42 18.61
C ILE C 233 42.95 -0.19 18.23
N VAL C 234 43.34 -0.57 17.01
CA VAL C 234 44.72 -0.37 16.60
C VAL C 234 45.04 1.12 16.53
N GLY C 235 44.03 1.94 16.25
CA GLY C 235 44.27 3.37 16.13
C GLY C 235 44.89 3.99 17.37
N PHE C 236 44.63 3.42 18.54
CA PHE C 236 45.15 3.99 19.77
C PHE C 236 46.64 3.77 19.96
N TYR C 237 47.30 3.00 19.09
CA TYR C 237 48.75 2.88 19.14
C TYR C 237 49.45 4.13 18.64
N LEU C 238 48.73 5.04 17.98
CA LEU C 238 49.29 6.32 17.60
C LEU C 238 49.19 7.30 18.77
N PRO C 239 50.20 8.12 19.01
CA PRO C 239 50.11 9.08 20.11
C PRO C 239 49.01 10.09 19.85
N PRO C 240 48.36 10.59 20.90
CA PRO C 240 47.31 11.60 20.69
C PRO C 240 47.86 12.90 20.13
N ASN C 241 49.12 13.24 20.43
CA ASN C 241 49.74 14.47 19.97
C ASN C 241 50.23 14.39 18.53
N SER C 242 49.81 13.38 17.77
CA SER C 242 50.27 13.17 16.40
C SER C 242 49.10 13.34 15.46
N GLY C 243 49.28 14.15 14.41
CA GLY C 243 48.20 14.35 13.44
C GLY C 243 47.82 13.07 12.72
N GLU C 244 48.75 12.12 12.63
CA GLU C 244 48.44 10.83 12.04
C GLU C 244 47.20 10.24 12.69
N ARG C 245 47.10 10.38 14.02
CA ARG C 245 45.98 9.80 14.74
C ARG C 245 44.65 10.43 14.32
N VAL C 246 44.62 11.75 14.18
CA VAL C 246 43.36 12.41 13.81
C VAL C 246 42.98 12.04 12.39
N SER C 247 43.96 11.96 11.49
CA SER C 247 43.65 11.55 10.12
C SER C 247 43.08 10.13 10.10
N PHE C 248 43.71 9.22 10.85
CA PHE C 248 43.25 7.84 10.92
C PHE C 248 41.84 7.77 11.52
N LYS C 249 41.58 8.57 12.55
CA LYS C 249 40.25 8.61 13.14
C LYS C 249 39.22 9.09 12.13
N ILE C 250 39.59 10.08 11.31
CA ILE C 250 38.69 10.56 10.27
C ILE C 250 38.38 9.44 9.28
N THR C 251 39.41 8.69 8.89
CA THR C 251 39.16 7.56 7.99
C THR C 251 38.17 6.57 8.60
N LEU C 252 38.34 6.25 9.88
CA LEU C 252 37.41 5.28 10.48
C LEU C 252 36.02 5.85 10.65
N LEU C 253 35.90 7.14 10.93
CA LEU C 253 34.56 7.74 11.01
C LEU C 253 33.88 7.73 9.64
N LEU C 254 34.65 7.95 8.57
CA LEU C 254 34.09 7.79 7.23
C LEU C 254 33.62 6.36 7.01
N GLY C 255 34.43 5.39 7.43
CA GLY C 255 34.02 4.01 7.33
C GLY C 255 32.73 3.73 8.09
N TYR C 256 32.61 4.28 9.29
CA TYR C 256 31.38 4.10 10.07
C TYR C 256 30.19 4.79 9.41
N SER C 257 30.41 5.94 8.77
CA SER C 257 29.33 6.58 8.04
C SER C 257 28.80 5.65 6.95
N VAL C 258 29.72 5.09 6.16
CA VAL C 258 29.32 4.17 5.11
C VAL C 258 28.60 2.96 5.70
N PHE C 259 29.15 2.40 6.78
CA PHE C 259 28.55 1.23 7.41
C PHE C 259 27.16 1.53 7.93
N LEU C 260 26.97 2.70 8.52
CA LEU C 260 25.65 3.07 9.03
C LEU C 260 24.66 3.20 7.88
N ILE C 261 25.09 3.77 6.76
CA ILE C 261 24.18 3.88 5.62
C ILE C 261 23.79 2.49 5.13
N ILE C 262 24.74 1.58 5.03
CA ILE C 262 24.42 0.21 4.62
C ILE C 262 23.49 -0.45 5.63
N VAL C 263 23.72 -0.21 6.93
CA VAL C 263 22.88 -0.80 7.96
C VAL C 263 21.46 -0.29 7.84
N SER C 264 21.29 1.00 7.50
CA SER C 264 19.95 1.56 7.36
C SER C 264 19.11 0.77 6.37
N ASP C 265 19.74 0.21 5.33
CA ASP C 265 19.01 -0.58 4.36
C ASP C 265 18.62 -1.95 4.90
N THR C 266 19.22 -2.38 6.01
CA THR C 266 19.12 -3.77 6.45
C THR C 266 18.53 -3.94 7.84
N LEU C 267 18.92 -3.11 8.80
CA LEU C 267 18.50 -3.33 10.18
C LEU C 267 16.99 -3.12 10.32
N PRO C 268 16.26 -4.03 10.96
CA PRO C 268 14.81 -3.89 11.02
C PRO C 268 14.38 -2.71 11.89
N ALA C 269 13.34 -2.02 11.44
CA ALA C 269 12.73 -0.97 12.24
C ALA C 269 11.77 -1.57 13.25
N THR C 270 11.50 -0.82 14.31
CA THR C 270 10.55 -1.24 15.33
C THR C 270 10.22 -0.04 16.21
N ALA C 271 9.29 -0.28 17.15
CA ALA C 271 8.94 0.72 18.14
C ALA C 271 8.94 0.17 19.57
N ILE C 272 9.10 -1.14 19.76
CA ILE C 272 9.09 -1.71 21.10
C ILE C 272 10.49 -1.81 21.68
N GLY C 273 11.53 -1.91 20.86
CA GLY C 273 12.88 -1.97 21.36
C GLY C 273 13.91 -2.43 20.34
N THR C 274 15.08 -1.82 20.34
CA THR C 274 16.13 -2.16 19.40
C THR C 274 16.97 -3.33 19.92
N PRO C 275 17.68 -4.02 19.03
CA PRO C 275 18.54 -5.13 19.47
C PRO C 275 19.73 -4.64 20.27
N LEU C 276 20.32 -5.57 21.03
CA LEU C 276 21.57 -5.28 21.71
C LEU C 276 22.63 -4.84 20.71
N ILE C 277 22.58 -5.39 19.50
CA ILE C 277 23.54 -5.04 18.46
C ILE C 277 23.52 -3.55 18.20
N GLY C 278 22.33 -2.94 18.17
CA GLY C 278 22.24 -1.50 17.99
C GLY C 278 22.87 -0.73 19.13
N VAL C 279 22.66 -1.21 20.37
CA VAL C 279 23.26 -0.56 21.53
C VAL C 279 24.78 -0.55 21.39
N TYR C 280 25.36 -1.71 21.06
CA TYR C 280 26.81 -1.76 20.91
C TYR C 280 27.27 -0.89 19.74
N PHE C 281 26.52 -0.87 18.64
CA PHE C 281 26.87 0.00 17.53
C PHE C 281 26.99 1.45 17.99
N VAL C 282 25.97 1.95 18.67
CA VAL C 282 25.99 3.36 19.04
C VAL C 282 27.07 3.61 20.09
N VAL C 283 27.29 2.67 21.00
CA VAL C 283 28.32 2.86 22.02
C VAL C 283 29.70 2.94 21.37
N CYS C 284 29.98 2.05 20.44
CA CYS C 284 31.27 2.07 19.77
C CYS C 284 31.45 3.34 18.96
N MET C 285 30.41 3.76 18.23
CA MET C 285 30.51 4.99 17.45
C MET C 285 30.73 6.19 18.38
N ALA C 286 30.05 6.21 19.53
CA ALA C 286 30.25 7.29 20.49
C ALA C 286 31.67 7.30 21.03
N LEU C 287 32.23 6.14 21.35
CA LEU C 287 33.60 6.09 21.83
C LEU C 287 34.55 6.61 20.75
N LEU C 288 34.33 6.21 19.51
CA LEU C 288 35.18 6.70 18.41
C LEU C 288 35.10 8.21 18.30
N VAL C 289 33.89 8.77 18.38
CA VAL C 289 33.72 10.22 18.24
C VAL C 289 34.38 10.94 19.41
N ILE C 290 34.22 10.42 20.62
CA ILE C 290 34.85 11.05 21.79
C ILE C 290 36.37 11.00 21.66
N SER C 291 36.91 9.91 21.14
CA SER C 291 38.35 9.84 20.93
C SER C 291 38.81 10.84 19.88
N LEU C 292 38.03 11.01 18.81
CA LEU C 292 38.36 12.04 17.82
C LEU C 292 38.36 13.43 18.44
N ALA C 293 37.36 13.72 19.27
CA ALA C 293 37.33 15.00 19.96
C ALA C 293 38.57 15.17 20.84
N GLU C 294 38.93 14.10 21.57
CA GLU C 294 40.12 14.14 22.42
C GLU C 294 41.36 14.47 21.60
N THR C 295 41.52 13.81 20.46
CA THR C 295 42.72 13.99 19.66
C THR C 295 42.79 15.40 19.07
N ILE C 296 41.67 15.90 18.53
CA ILE C 296 41.69 17.24 17.96
C ILE C 296 41.89 18.28 19.06
N PHE C 297 41.45 17.99 20.28
CA PHE C 297 41.64 18.91 21.38
C PHE C 297 43.10 18.93 21.83
N ILE C 298 43.72 17.75 21.89
CA ILE C 298 45.11 17.66 22.35
C ILE C 298 46.06 18.25 21.33
N VAL C 299 45.94 17.81 20.08
CA VAL C 299 46.88 18.23 19.04
C VAL C 299 46.66 19.71 18.72
N GLY C 365 46.38 15.80 30.53
CA GLY C 365 45.26 14.95 30.18
C GLY C 365 45.67 13.79 29.29
N SER C 366 46.97 13.48 29.27
CA SER C 366 47.45 12.38 28.43
C SER C 366 46.92 11.04 28.89
N VAL C 367 46.65 10.89 30.19
CA VAL C 367 46.15 9.61 30.70
C VAL C 367 44.80 9.26 30.12
N LEU C 368 44.03 10.26 29.65
CA LEU C 368 42.75 9.95 29.02
C LEU C 368 42.94 9.01 27.83
N ASP C 369 44.10 9.03 27.21
CA ASP C 369 44.36 8.15 26.07
C ASP C 369 44.20 6.69 26.46
N LYS C 370 44.85 6.28 27.55
CA LYS C 370 44.78 4.88 27.97
C LYS C 370 43.46 4.56 28.68
N LEU C 371 42.84 5.55 29.33
CA LEU C 371 41.53 5.31 29.92
C LEU C 371 40.50 5.01 28.84
N LEU C 372 40.43 5.88 27.82
CA LEU C 372 39.47 5.66 26.74
C LEU C 372 39.77 4.36 26.01
N PHE C 373 41.05 4.03 25.87
CA PHE C 373 41.42 2.77 25.24
C PHE C 373 40.88 1.59 26.03
N HIS C 374 41.00 1.64 27.37
CA HIS C 374 40.48 0.56 28.19
C HIS C 374 38.97 0.44 28.08
N ILE C 375 38.27 1.57 28.06
CA ILE C 375 36.82 1.54 27.85
C ILE C 375 36.52 0.91 26.50
N TYR C 376 37.26 1.31 25.46
CA TYR C 376 37.05 0.73 24.15
C TYR C 376 37.32 -0.78 24.16
N LEU C 377 38.39 -1.19 24.82
CA LEU C 377 38.67 -2.62 24.91
C LEU C 377 37.57 -3.35 25.68
N LEU C 378 37.05 -2.71 26.74
CA LEU C 378 35.95 -3.30 27.49
C LEU C 378 34.71 -3.46 26.61
N ALA C 379 34.37 -2.42 25.85
CA ALA C 379 33.18 -2.47 25.01
C ALA C 379 33.28 -3.59 23.99
N VAL C 380 34.43 -3.73 23.33
CA VAL C 380 34.59 -4.75 22.32
C VAL C 380 34.43 -6.13 22.93
N LEU C 381 35.02 -6.35 24.10
CA LEU C 381 34.87 -7.64 24.78
C LEU C 381 33.40 -7.89 25.15
N ALA C 382 32.71 -6.87 25.65
CA ALA C 382 31.29 -7.03 25.94
C ALA C 382 30.51 -7.33 24.67
N TYR C 383 30.85 -6.64 23.57
CA TYR C 383 30.21 -6.92 22.29
C TYR C 383 30.51 -8.34 21.84
N SER C 384 31.75 -8.80 22.06
CA SER C 384 32.14 -10.13 21.60
C SER C 384 31.38 -11.22 22.36
N ILE C 385 31.38 -11.15 23.69
CA ILE C 385 30.70 -12.18 24.47
C ILE C 385 29.20 -12.12 24.29
N THR C 386 28.64 -10.95 23.98
CA THR C 386 27.22 -10.88 23.66
C THR C 386 26.90 -11.73 22.44
N LEU C 387 27.74 -11.64 21.41
CA LEU C 387 27.52 -12.44 20.21
C LEU C 387 27.59 -13.93 20.53
N VAL C 388 28.54 -14.33 21.37
CA VAL C 388 28.63 -15.74 21.75
C VAL C 388 27.37 -16.16 22.51
N MET C 389 26.88 -15.31 23.41
CA MET C 389 25.65 -15.63 24.12
C MET C 389 24.47 -15.72 23.17
N LEU C 390 24.30 -14.73 22.30
CA LEU C 390 23.17 -14.74 21.37
C LEU C 390 23.23 -15.97 20.47
N TRP C 391 24.42 -16.33 19.99
CA TRP C 391 24.55 -17.53 19.17
C TRP C 391 24.21 -18.77 19.97
N SER C 392 24.59 -18.80 21.25
CA SER C 392 24.29 -19.97 22.09
C SER C 392 22.77 -20.16 22.24
N ILE C 393 22.04 -19.06 22.44
CA ILE C 393 20.59 -19.16 22.53
C ILE C 393 20.01 -19.65 21.20
N TRP C 394 20.53 -19.13 20.09
CA TRP C 394 20.03 -19.50 18.78
C TRP C 394 20.17 -20.99 18.50
N GLN C 395 21.05 -21.68 19.22
CA GLN C 395 21.08 -23.14 19.21
C GLN C 395 20.57 -23.69 20.54
N ARG D 3 -38.26 -21.36 -32.08
CA ARG D 3 -37.22 -20.59 -31.36
C ARG D 3 -35.87 -20.74 -32.05
N PRO D 4 -34.99 -19.75 -31.90
CA PRO D 4 -33.70 -19.82 -32.58
C PRO D 4 -32.84 -20.96 -32.06
N ALA D 5 -31.93 -21.42 -32.92
CA ALA D 5 -31.15 -22.61 -32.61
C ALA D 5 -30.36 -22.44 -31.32
N LEU D 6 -29.66 -21.30 -31.17
CA LEU D 6 -28.81 -21.11 -30.00
C LEU D 6 -29.63 -21.19 -28.71
N LEU D 7 -30.77 -20.51 -28.68
CA LEU D 7 -31.55 -20.43 -27.45
C LEU D 7 -32.04 -21.82 -27.02
N ARG D 8 -32.61 -22.58 -27.95
CA ARG D 8 -33.16 -23.88 -27.58
C ARG D 8 -32.04 -24.89 -27.33
N LEU D 9 -30.91 -24.76 -28.00
CA LEU D 9 -29.76 -25.60 -27.68
C LEU D 9 -29.29 -25.35 -26.25
N SER D 10 -29.16 -24.08 -25.87
CA SER D 10 -28.72 -23.75 -24.51
C SER D 10 -29.73 -24.26 -23.49
N ASP D 11 -31.02 -24.12 -23.76
CA ASP D 11 -32.02 -24.68 -22.87
C ASP D 11 -31.87 -26.19 -22.75
N TYR D 12 -31.79 -26.88 -23.89
CA TYR D 12 -31.64 -28.32 -23.89
C TYR D 12 -30.48 -28.76 -23.01
N LEU D 13 -29.33 -28.12 -23.17
CA LEU D 13 -28.17 -28.48 -22.37
C LEU D 13 -28.37 -28.16 -20.89
N LEU D 14 -28.67 -26.91 -20.57
CA LEU D 14 -28.49 -26.43 -19.20
C LEU D 14 -29.72 -26.61 -18.31
N THR D 15 -30.90 -26.92 -18.86
CA THR D 15 -32.04 -27.20 -17.99
C THR D 15 -31.91 -28.58 -17.35
N ASN D 16 -31.25 -29.52 -18.02
CA ASN D 16 -31.00 -30.84 -17.48
C ASN D 16 -29.69 -30.89 -16.69
N TYR D 17 -28.74 -30.03 -17.04
CA TYR D 17 -27.42 -30.06 -16.44
C TYR D 17 -27.48 -29.71 -14.96
N ARG D 18 -26.50 -30.20 -14.21
CA ARG D 18 -26.39 -29.93 -12.78
C ARG D 18 -24.91 -29.79 -12.44
N LYS D 19 -24.45 -28.55 -12.35
CA LYS D 19 -23.08 -28.30 -11.92
C LYS D 19 -22.89 -28.81 -10.50
N GLY D 20 -21.63 -29.07 -10.15
CA GLY D 20 -21.30 -29.59 -8.84
C GLY D 20 -21.06 -31.08 -8.78
N VAL D 21 -21.16 -31.78 -9.90
CA VAL D 21 -20.80 -33.19 -10.00
C VAL D 21 -19.81 -33.35 -11.15
N ARG D 22 -18.74 -34.09 -10.92
CA ARG D 22 -17.74 -34.26 -11.95
C ARG D 22 -18.40 -34.87 -13.19
N PRO D 23 -18.26 -34.25 -14.36
CA PRO D 23 -19.08 -34.66 -15.53
C PRO D 23 -18.55 -35.92 -16.22
N VAL D 24 -18.81 -37.07 -15.58
CA VAL D 24 -18.55 -38.37 -16.18
C VAL D 24 -19.71 -39.29 -15.82
N ARG D 25 -20.19 -40.03 -16.82
CA ARG D 25 -21.27 -40.98 -16.58
C ARG D 25 -20.78 -42.33 -16.08
N ASP D 26 -19.46 -42.53 -16.04
CA ASP D 26 -18.84 -43.65 -15.34
C ASP D 26 -17.86 -43.07 -14.33
N TRP D 27 -18.20 -43.19 -13.05
CA TRP D 27 -17.46 -42.46 -12.02
C TRP D 27 -16.03 -42.94 -11.86
N ARG D 28 -15.69 -44.12 -12.38
CA ARG D 28 -14.31 -44.60 -12.28
C ARG D 28 -13.38 -43.91 -13.27
N LYS D 29 -13.92 -43.26 -14.28
CA LYS D 29 -13.08 -42.62 -15.29
C LYS D 29 -12.63 -41.25 -14.81
N PRO D 30 -11.33 -40.96 -14.81
CA PRO D 30 -10.89 -39.61 -14.42
C PRO D 30 -11.16 -38.59 -15.51
N THR D 31 -11.25 -37.33 -15.10
CA THR D 31 -11.39 -36.21 -16.01
C THR D 31 -10.01 -35.63 -16.29
N THR D 32 -9.56 -35.73 -17.54
CA THR D 32 -8.24 -35.27 -17.91
C THR D 32 -8.33 -33.82 -18.36
N VAL D 33 -7.67 -32.92 -17.62
CA VAL D 33 -7.67 -31.49 -17.92
C VAL D 33 -6.37 -31.17 -18.64
N SER D 34 -6.48 -30.82 -19.93
CA SER D 34 -5.32 -30.46 -20.73
C SER D 34 -5.10 -28.96 -20.59
N ILE D 35 -4.04 -28.57 -19.89
CA ILE D 35 -3.78 -27.17 -19.61
C ILE D 35 -2.69 -26.66 -20.53
N ASP D 36 -2.54 -25.34 -20.55
CA ASP D 36 -1.50 -24.68 -21.34
C ASP D 36 -1.24 -23.32 -20.72
N VAL D 37 0.00 -22.85 -20.83
CA VAL D 37 0.41 -21.59 -20.23
C VAL D 37 1.25 -20.82 -21.23
N ILE D 38 0.90 -19.54 -21.42
CA ILE D 38 1.68 -18.61 -22.23
C ILE D 38 2.02 -17.42 -21.35
N VAL D 39 3.31 -17.15 -21.19
CA VAL D 39 3.76 -16.05 -20.35
C VAL D 39 3.62 -14.75 -21.13
N TYR D 40 2.89 -13.79 -20.56
CA TYR D 40 2.71 -12.50 -21.21
C TYR D 40 3.69 -11.46 -20.71
N ALA D 41 4.00 -11.45 -19.42
CA ALA D 41 4.94 -10.48 -18.87
C ALA D 41 5.30 -10.86 -17.45
N ILE D 42 6.57 -10.67 -17.09
CA ILE D 42 7.02 -10.79 -15.70
C ILE D 42 6.86 -9.40 -15.11
N LEU D 43 5.69 -9.15 -14.50
CA LEU D 43 5.35 -7.81 -14.06
C LEU D 43 6.28 -7.33 -12.95
N ASN D 44 6.73 -8.21 -12.07
CA ASN D 44 7.52 -7.79 -10.93
C ASN D 44 8.29 -8.98 -10.38
N VAL D 45 9.46 -8.70 -9.81
CA VAL D 45 10.27 -9.73 -9.16
C VAL D 45 10.86 -9.16 -7.87
N ASP D 46 10.29 -9.52 -6.74
CA ASP D 46 10.76 -9.06 -5.43
C ASP D 46 11.79 -10.04 -4.90
N GLU D 47 13.07 -9.71 -5.08
CA GLU D 47 14.11 -10.47 -4.41
C GLU D 47 14.11 -10.22 -2.90
N LYS D 48 13.52 -9.11 -2.46
CA LYS D 48 13.36 -8.85 -1.04
C LYS D 48 12.36 -9.82 -0.43
N ASN D 49 11.13 -9.82 -0.94
CA ASN D 49 10.05 -10.63 -0.38
C ASN D 49 10.03 -12.06 -0.92
N GLN D 50 10.91 -12.40 -1.86
CA GLN D 50 10.97 -13.74 -2.43
C GLN D 50 9.66 -14.10 -3.12
N VAL D 51 9.10 -13.15 -3.87
CA VAL D 51 7.93 -13.39 -4.70
C VAL D 51 8.12 -12.71 -6.04
N LEU D 52 7.44 -13.23 -7.05
CA LEU D 52 7.43 -12.62 -8.38
C LEU D 52 6.02 -12.65 -8.94
N THR D 53 5.70 -11.63 -9.72
CA THR D 53 4.37 -11.48 -10.32
C THR D 53 4.48 -11.73 -11.81
N THR D 54 3.83 -12.79 -12.29
CA THR D 54 3.86 -13.17 -13.70
C THR D 54 2.45 -13.10 -14.25
N TYR D 55 2.29 -12.36 -15.35
CA TYR D 55 1.01 -12.27 -16.05
C TYR D 55 1.04 -13.30 -17.17
N ILE D 56 0.24 -14.36 -17.03
CA ILE D 56 0.26 -15.51 -17.93
C ILE D 56 -1.14 -15.73 -18.47
N TRP D 57 -1.24 -16.00 -19.77
CA TRP D 57 -2.50 -16.43 -20.37
C TRP D 57 -2.62 -17.93 -20.19
N TYR D 58 -3.63 -18.35 -19.42
CA TYR D 58 -3.82 -19.74 -19.04
C TYR D 58 -5.09 -20.25 -19.70
N ARG D 59 -4.97 -21.37 -20.41
CA ARG D 59 -6.12 -21.97 -21.10
C ARG D 59 -6.10 -23.47 -20.88
N GLN D 60 -7.26 -24.03 -20.59
CA GLN D 60 -7.41 -25.44 -20.23
C GLN D 60 -8.70 -25.97 -20.85
N TYR D 61 -8.69 -27.25 -21.23
CA TYR D 61 -9.90 -27.87 -21.75
C TYR D 61 -10.08 -29.25 -21.15
N TRP D 62 -11.33 -29.67 -21.03
CA TRP D 62 -11.67 -30.98 -20.50
C TRP D 62 -12.96 -31.44 -21.16
N THR D 63 -13.18 -32.75 -21.15
CA THR D 63 -14.37 -33.33 -21.75
C THR D 63 -15.49 -33.41 -20.73
N ASP D 64 -16.63 -32.81 -21.05
CA ASP D 64 -17.83 -32.89 -20.22
C ASP D 64 -18.80 -33.83 -20.93
N GLU D 65 -19.13 -34.94 -20.29
CA GLU D 65 -19.94 -35.97 -20.92
C GLU D 65 -21.43 -35.66 -20.90
N PHE D 66 -21.86 -34.61 -20.20
CA PHE D 66 -23.26 -34.22 -20.20
C PHE D 66 -23.57 -33.14 -21.24
N LEU D 67 -22.63 -32.24 -21.51
CA LEU D 67 -22.83 -31.17 -22.49
C LEU D 67 -22.49 -31.68 -23.90
N GLN D 68 -23.28 -32.64 -24.36
CA GLN D 68 -23.14 -33.18 -25.71
C GLN D 68 -24.48 -33.06 -26.43
N TRP D 69 -24.41 -32.82 -27.74
CA TRP D 69 -25.60 -32.67 -28.56
C TRP D 69 -25.29 -33.11 -29.98
N ASN D 70 -26.35 -33.35 -30.75
CA ASN D 70 -26.23 -33.71 -32.15
C ASN D 70 -26.44 -32.46 -32.99
N PRO D 71 -25.44 -31.96 -33.70
CA PRO D 71 -25.63 -30.69 -34.44
C PRO D 71 -26.77 -30.73 -35.42
N GLU D 72 -27.13 -31.90 -35.96
CA GLU D 72 -28.20 -31.97 -36.94
C GLU D 72 -29.51 -31.47 -36.37
N ASP D 73 -29.72 -31.63 -35.06
CA ASP D 73 -30.96 -31.19 -34.44
C ASP D 73 -30.97 -29.70 -34.13
N PHE D 74 -29.81 -29.05 -34.13
CA PHE D 74 -29.68 -27.66 -33.69
C PHE D 74 -29.03 -26.80 -34.77
N ASP D 75 -29.48 -26.93 -36.01
CA ASP D 75 -29.06 -26.04 -37.10
C ASP D 75 -27.55 -26.05 -37.28
N ASN D 76 -26.95 -27.24 -37.26
CA ASN D 76 -25.53 -27.41 -37.56
C ASN D 76 -24.62 -26.70 -36.58
N ILE D 77 -25.13 -26.31 -35.41
CA ILE D 77 -24.28 -25.63 -34.43
C ILE D 77 -23.18 -26.58 -33.98
N THR D 78 -21.93 -26.22 -34.27
CA THR D 78 -20.81 -27.08 -33.88
C THR D 78 -20.31 -26.74 -32.49
N LYS D 79 -20.26 -25.47 -32.13
CA LYS D 79 -19.84 -25.05 -30.81
C LYS D 79 -20.57 -23.77 -30.42
N LEU D 80 -20.74 -23.58 -29.11
CA LEU D 80 -21.39 -22.40 -28.58
C LEU D 80 -20.73 -22.00 -27.28
N SER D 81 -20.94 -20.75 -26.89
CA SER D 81 -20.39 -20.20 -25.67
C SER D 81 -21.47 -20.09 -24.61
N ILE D 82 -21.13 -20.49 -23.38
CA ILE D 82 -22.06 -20.42 -22.25
C ILE D 82 -21.32 -19.87 -21.04
N PRO D 83 -22.05 -19.30 -20.09
CA PRO D 83 -21.38 -18.71 -18.92
C PRO D 83 -20.55 -19.75 -18.18
N THR D 84 -19.36 -19.33 -17.74
CA THR D 84 -18.45 -20.25 -17.07
C THR D 84 -19.05 -20.78 -15.78
N ASP D 85 -19.73 -19.93 -15.01
CA ASP D 85 -20.29 -20.33 -13.73
C ASP D 85 -21.52 -21.23 -13.89
N SER D 86 -21.93 -21.53 -15.11
CA SER D 86 -23.10 -22.38 -15.34
C SER D 86 -22.76 -23.86 -15.39
N ILE D 87 -21.48 -24.23 -15.35
CA ILE D 87 -21.05 -25.62 -15.53
C ILE D 87 -19.95 -25.95 -14.55
N TRP D 88 -19.71 -27.25 -14.40
CA TRP D 88 -18.62 -27.73 -13.54
C TRP D 88 -17.28 -27.31 -14.12
N VAL D 89 -16.43 -26.73 -13.28
CA VAL D 89 -15.12 -26.23 -13.68
C VAL D 89 -14.07 -26.87 -12.78
N PRO D 90 -13.07 -27.57 -13.31
CA PRO D 90 -12.10 -28.24 -12.44
C PRO D 90 -11.36 -27.23 -11.57
N ASP D 91 -11.06 -27.64 -10.35
CA ASP D 91 -10.41 -26.76 -9.39
C ASP D 91 -8.90 -26.80 -9.53
N ILE D 92 -8.38 -26.61 -10.75
CA ILE D 92 -6.94 -26.55 -10.94
C ILE D 92 -6.41 -25.31 -10.27
N LEU D 93 -5.38 -25.49 -9.44
CA LEU D 93 -4.86 -24.42 -8.61
C LEU D 93 -3.34 -24.54 -8.56
N ILE D 94 -2.67 -23.40 -8.40
CA ILE D 94 -1.21 -23.34 -8.44
C ILE D 94 -0.70 -23.27 -7.02
N ASN D 95 0.18 -24.20 -6.66
CA ASN D 95 0.52 -24.42 -5.25
C ASN D 95 1.15 -23.19 -4.62
N GLU D 96 2.18 -22.63 -5.24
CA GLU D 96 2.99 -21.60 -4.61
C GLU D 96 2.41 -20.21 -4.76
N PHE D 97 1.11 -20.07 -4.99
CA PHE D 97 0.50 -18.75 -5.03
C PHE D 97 0.65 -18.06 -3.67
N VAL D 98 0.70 -16.74 -3.71
CA VAL D 98 0.79 -15.93 -2.50
C VAL D 98 -0.43 -15.02 -2.41
N ASP D 99 -1.01 -14.70 -3.56
CA ASP D 99 -2.26 -13.94 -3.62
C ASP D 99 -3.04 -14.47 -4.82
N VAL D 100 -4.34 -14.68 -4.62
CA VAL D 100 -5.17 -15.29 -5.65
C VAL D 100 -5.06 -14.50 -6.95
N GLY D 101 -4.74 -13.22 -6.84
CA GLY D 101 -4.56 -12.38 -8.01
C GLY D 101 -5.74 -11.45 -8.23
N LYS D 102 -5.46 -10.31 -8.87
CA LYS D 102 -6.47 -9.31 -9.15
C LYS D 102 -6.99 -9.40 -10.60
N SER D 103 -7.04 -10.61 -11.17
CA SER D 103 -7.42 -10.81 -12.55
C SER D 103 -8.94 -10.94 -12.70
N PRO D 104 -9.47 -10.71 -13.90
CA PRO D 104 -10.92 -10.74 -14.10
C PRO D 104 -11.45 -12.17 -14.22
N ASN D 105 -12.75 -12.26 -14.48
CA ASN D 105 -13.45 -13.55 -14.39
C ASN D 105 -13.66 -14.20 -15.76
N ILE D 106 -13.72 -13.43 -16.83
CA ILE D 106 -13.96 -14.00 -18.17
C ILE D 106 -15.24 -14.82 -18.13
N PRO D 107 -16.41 -14.20 -18.16
CA PRO D 107 -17.66 -14.91 -17.83
C PRO D 107 -17.92 -16.17 -18.64
N TYR D 108 -17.37 -16.34 -19.83
CA TYR D 108 -17.84 -17.37 -20.76
C TYR D 108 -16.79 -18.44 -21.01
N VAL D 109 -17.28 -19.59 -21.49
CA VAL D 109 -16.46 -20.70 -21.94
C VAL D 109 -17.08 -21.26 -23.22
N TYR D 110 -16.26 -21.96 -24.00
CA TYR D 110 -16.71 -22.59 -25.23
C TYR D 110 -17.00 -24.07 -25.02
N ILE D 111 -18.13 -24.53 -25.56
CA ILE D 111 -18.48 -25.94 -25.59
C ILE D 111 -18.57 -26.38 -27.05
N ARG D 112 -17.89 -27.47 -27.38
CA ARG D 112 -18.04 -28.10 -28.69
C ARG D 112 -18.93 -29.34 -28.58
N HIS D 113 -19.58 -29.68 -29.68
CA HIS D 113 -20.62 -30.71 -29.63
C HIS D 113 -20.07 -32.06 -29.17
N GLN D 114 -18.75 -32.25 -29.25
CA GLN D 114 -18.15 -33.46 -28.70
C GLN D 114 -18.19 -33.48 -27.17
N GLY D 115 -18.56 -32.38 -26.54
CA GLY D 115 -18.51 -32.26 -25.10
C GLY D 115 -17.28 -31.55 -24.58
N GLU D 116 -16.31 -31.27 -25.44
CA GLU D 116 -15.09 -30.61 -24.99
C GLU D 116 -15.39 -29.18 -24.57
N VAL D 117 -14.91 -28.80 -23.39
CA VAL D 117 -15.08 -27.46 -22.85
C VAL D 117 -13.72 -26.78 -22.86
N GLN D 118 -13.66 -25.61 -23.47
CA GLN D 118 -12.44 -24.81 -23.52
C GLN D 118 -12.60 -23.59 -22.64
N ASN D 119 -11.61 -23.33 -21.80
CA ASN D 119 -11.67 -22.22 -20.84
C ASN D 119 -10.38 -21.42 -20.94
N TYR D 120 -10.49 -20.18 -21.41
CA TYR D 120 -9.37 -19.25 -21.50
C TYR D 120 -9.52 -18.21 -20.39
N LYS D 121 -8.45 -17.99 -19.63
CA LYS D 121 -8.51 -17.03 -18.55
C LYS D 121 -7.13 -16.42 -18.33
N PRO D 122 -7.04 -15.11 -18.10
CA PRO D 122 -5.75 -14.52 -17.74
C PRO D 122 -5.50 -14.64 -16.24
N LEU D 123 -4.26 -14.94 -15.88
CA LEU D 123 -3.85 -15.08 -14.49
C LEU D 123 -2.74 -14.08 -14.21
N GLN D 124 -3.02 -13.11 -13.33
CA GLN D 124 -2.00 -12.21 -12.81
C GLN D 124 -1.49 -12.75 -11.48
N VAL D 125 -0.93 -13.94 -11.54
CA VAL D 125 -0.56 -14.70 -10.35
C VAL D 125 0.76 -14.19 -9.79
N VAL D 126 0.83 -14.13 -8.46
CA VAL D 126 2.07 -13.82 -7.74
C VAL D 126 2.39 -15.01 -6.86
N THR D 127 3.59 -15.56 -7.02
CA THR D 127 3.97 -16.82 -6.39
C THR D 127 5.23 -16.65 -5.56
N ALA D 128 5.33 -17.45 -4.50
CA ALA D 128 6.56 -17.50 -3.72
C ALA D 128 7.64 -18.18 -4.56
N CYS D 129 8.86 -17.62 -4.51
CA CYS D 129 9.93 -18.08 -5.39
C CYS D 129 11.25 -17.97 -4.66
N SER D 130 12.19 -18.84 -5.04
CA SER D 130 13.55 -18.81 -4.47
C SER D 130 14.44 -17.93 -5.34
N LEU D 131 14.25 -16.63 -5.19
CA LEU D 131 15.01 -15.64 -5.96
C LEU D 131 16.36 -15.43 -5.29
N ASP D 132 17.44 -15.71 -6.02
CA ASP D 132 18.80 -15.63 -5.51
C ASP D 132 19.60 -14.69 -6.41
N ILE D 133 20.15 -13.62 -5.82
CA ILE D 133 20.83 -12.58 -6.57
C ILE D 133 22.34 -12.72 -6.46
N TYR D 134 22.82 -13.93 -6.17
CA TYR D 134 24.24 -14.14 -5.98
C TYR D 134 25.05 -13.62 -7.16
N ASN D 135 24.50 -13.73 -8.37
CA ASN D 135 25.15 -13.29 -9.60
C ASN D 135 24.60 -11.95 -10.08
N PHE D 136 24.27 -11.04 -9.16
CA PHE D 136 23.26 -10.01 -9.38
C PHE D 136 23.14 -9.49 -10.81
N PRO D 137 24.17 -8.84 -11.36
CA PRO D 137 23.98 -8.26 -12.70
C PRO D 137 23.76 -9.31 -13.76
N PHE D 138 24.57 -10.35 -13.76
CA PHE D 138 24.45 -11.45 -14.71
C PHE D 138 23.69 -12.62 -14.08
N ASP D 139 22.42 -12.34 -13.77
CA ASP D 139 21.60 -13.19 -12.94
C ASP D 139 20.52 -13.88 -13.76
N VAL D 140 20.38 -15.20 -13.58
CA VAL D 140 19.34 -15.98 -14.23
C VAL D 140 18.54 -16.68 -13.14
N GLN D 141 17.25 -16.37 -13.07
CA GLN D 141 16.35 -16.94 -12.07
C GLN D 141 15.55 -18.06 -12.70
N ASN D 142 15.37 -19.15 -11.96
CA ASN D 142 14.70 -20.35 -12.44
C ASN D 142 13.50 -20.62 -11.53
N CYS D 143 12.40 -19.93 -11.80
CA CYS D 143 11.19 -20.06 -11.00
C CYS D 143 10.24 -21.08 -11.63
N SER D 144 9.23 -21.48 -10.87
CA SER D 144 8.34 -22.54 -11.32
C SER D 144 6.90 -22.27 -10.90
N LEU D 145 5.98 -22.78 -11.71
CA LEU D 145 4.55 -22.77 -11.43
C LEU D 145 4.05 -24.20 -11.49
N THR D 146 3.24 -24.60 -10.51
CA THR D 146 2.79 -25.99 -10.38
C THR D 146 1.27 -26.03 -10.33
N PHE D 147 0.64 -26.26 -11.48
CA PHE D 147 -0.81 -26.39 -11.53
C PHE D 147 -1.23 -27.78 -11.07
N THR D 148 -2.05 -27.85 -10.03
CA THR D 148 -2.49 -29.12 -9.48
C THR D 148 -3.95 -29.03 -9.07
N SER D 149 -4.70 -30.10 -9.29
CA SER D 149 -6.07 -30.19 -8.80
C SER D 149 -6.02 -30.19 -7.28
N TRP D 150 -6.48 -29.10 -6.67
CA TRP D 150 -6.25 -28.90 -5.24
C TRP D 150 -6.86 -30.04 -4.41
N LEU D 151 -8.12 -30.36 -4.66
CA LEU D 151 -8.82 -31.40 -3.89
C LEU D 151 -8.71 -32.77 -4.56
N HIS D 152 -9.12 -32.86 -5.82
CA HIS D 152 -9.29 -34.15 -6.46
C HIS D 152 -7.96 -34.89 -6.58
N THR D 153 -7.99 -36.20 -6.33
CA THR D 153 -6.83 -37.03 -6.57
C THR D 153 -6.77 -37.41 -8.04
N ILE D 154 -5.69 -38.11 -8.42
CA ILE D 154 -5.52 -38.51 -9.81
C ILE D 154 -6.64 -39.43 -10.27
N GLN D 155 -7.34 -40.07 -9.33
CA GLN D 155 -8.47 -40.92 -9.70
C GLN D 155 -9.66 -40.09 -10.17
N ASP D 156 -9.69 -38.80 -9.88
CA ASP D 156 -10.78 -37.92 -10.28
C ASP D 156 -10.38 -36.94 -11.36
N ILE D 157 -9.28 -36.20 -11.19
CA ILE D 157 -8.81 -35.25 -12.18
C ILE D 157 -7.34 -35.52 -12.46
N ASN D 158 -7.00 -35.65 -13.74
CA ASN D 158 -5.63 -35.78 -14.20
C ASN D 158 -5.30 -34.61 -15.11
N ILE D 159 -4.03 -34.23 -15.16
CA ILE D 159 -3.58 -33.03 -15.86
C ILE D 159 -2.63 -33.44 -16.98
N SER D 160 -2.68 -32.71 -18.09
CA SER D 160 -1.85 -32.99 -19.25
C SER D 160 -1.58 -31.69 -19.99
N LEU D 161 -0.70 -31.75 -20.98
CA LEU D 161 -0.37 -30.58 -21.78
C LEU D 161 -1.27 -30.49 -23.00
N TRP D 162 -1.78 -29.28 -23.27
CA TRP D 162 -2.55 -29.04 -24.48
C TRP D 162 -1.69 -29.22 -25.72
N ARG D 163 -0.53 -28.56 -25.74
CA ARG D 163 0.39 -28.60 -26.87
C ARG D 163 1.54 -29.56 -26.60
N LEU D 164 2.30 -29.84 -27.63
CA LEU D 164 3.51 -30.63 -27.47
C LEU D 164 4.49 -29.85 -26.59
N PRO D 165 5.26 -30.54 -25.73
CA PRO D 165 6.18 -29.81 -24.85
C PRO D 165 7.15 -28.92 -25.59
N GLU D 166 7.62 -29.34 -26.77
CA GLU D 166 8.59 -28.55 -27.51
C GLU D 166 8.03 -27.18 -27.86
N LYS D 167 6.74 -27.11 -28.17
CA LYS D 167 6.13 -25.83 -28.50
C LYS D 167 6.11 -24.90 -27.30
N VAL D 168 5.64 -25.40 -26.15
CA VAL D 168 5.53 -24.54 -24.98
C VAL D 168 6.90 -24.11 -24.48
N LYS D 169 7.92 -24.96 -24.66
CA LYS D 169 9.27 -24.56 -24.28
C LYS D 169 9.73 -23.34 -25.05
N SER D 170 9.52 -23.34 -26.36
CA SER D 170 10.04 -22.29 -27.24
C SER D 170 9.07 -21.15 -27.48
N ASP D 171 7.84 -21.24 -26.98
CA ASP D 171 6.83 -20.22 -27.27
C ASP D 171 7.14 -18.90 -26.60
N ARG D 172 7.49 -17.88 -27.39
CA ARG D 172 7.59 -16.50 -26.94
C ARG D 172 6.90 -15.59 -27.94
N SER D 173 5.70 -15.97 -28.37
CA SER D 173 5.01 -15.25 -29.42
C SER D 173 4.47 -13.91 -28.93
N VAL D 174 3.92 -13.87 -27.72
CA VAL D 174 3.24 -12.69 -27.20
C VAL D 174 3.92 -12.11 -25.97
N PHE D 175 5.08 -12.63 -25.58
CA PHE D 175 5.76 -12.13 -24.39
C PHE D 175 6.16 -10.67 -24.58
N MET D 176 5.94 -9.86 -23.55
CA MET D 176 6.37 -8.46 -23.57
C MET D 176 7.88 -8.44 -23.36
N ASN D 177 8.64 -8.28 -24.45
CA ASN D 177 10.09 -8.43 -24.37
C ASN D 177 10.72 -7.30 -23.58
N GLN D 178 10.29 -6.06 -23.80
CA GLN D 178 10.90 -4.93 -23.12
C GLN D 178 10.62 -5.00 -21.62
N GLY D 179 11.64 -4.79 -20.82
CA GLY D 179 11.54 -4.92 -19.38
C GLY D 179 12.86 -5.37 -18.81
N GLU D 180 12.89 -5.44 -17.48
CA GLU D 180 14.14 -5.80 -16.80
C GLU D 180 14.49 -7.27 -17.04
N TRP D 181 13.50 -8.12 -17.31
CA TRP D 181 13.70 -9.55 -17.43
C TRP D 181 13.29 -10.05 -18.81
N GLU D 182 14.06 -10.99 -19.35
CA GLU D 182 13.71 -11.71 -20.55
C GLU D 182 13.74 -13.21 -20.24
N LEU D 183 12.74 -13.93 -20.72
CA LEU D 183 12.57 -15.34 -20.36
C LEU D 183 13.13 -16.23 -21.46
N LEU D 184 13.87 -17.26 -21.05
CA LEU D 184 14.47 -18.20 -21.99
C LEU D 184 13.53 -19.34 -22.35
N GLY D 185 12.58 -19.67 -21.49
CA GLY D 185 11.62 -20.71 -21.79
C GLY D 185 10.91 -21.17 -20.55
N VAL D 186 9.80 -21.87 -20.77
CA VAL D 186 9.02 -22.49 -19.70
C VAL D 186 9.03 -23.98 -19.95
N LEU D 187 9.53 -24.75 -18.98
CA LEU D 187 9.74 -26.18 -19.16
C LEU D 187 8.64 -26.95 -18.43
N PRO D 188 7.75 -27.64 -19.13
CA PRO D 188 6.74 -28.44 -18.45
C PRO D 188 7.33 -29.73 -17.86
N TYR D 189 6.66 -30.23 -16.83
CA TYR D 189 7.08 -31.46 -16.17
C TYR D 189 5.92 -32.03 -15.38
N PHE D 190 5.55 -33.28 -15.68
CA PHE D 190 4.46 -33.95 -14.99
C PHE D 190 4.99 -34.87 -13.90
N ARG D 191 4.24 -34.98 -12.81
CA ARG D 191 4.61 -35.85 -11.70
C ARG D 191 3.39 -36.12 -10.84
N GLU D 192 3.41 -37.25 -10.14
CA GLU D 192 2.31 -37.63 -9.25
C GLU D 192 2.70 -37.30 -7.81
N PHE D 193 2.42 -36.07 -7.42
CA PHE D 193 2.70 -35.61 -6.06
C PHE D 193 1.92 -36.44 -5.06
N SER D 194 2.58 -36.81 -3.95
CA SER D 194 1.91 -37.60 -2.92
C SER D 194 2.71 -37.54 -1.63
N MET D 195 2.06 -37.06 -0.56
CA MET D 195 2.59 -37.13 0.79
C MET D 195 1.60 -37.80 1.72
N GLU D 196 0.81 -38.74 1.19
CA GLU D 196 -0.29 -39.36 1.92
C GLU D 196 -0.27 -40.85 1.67
N SER D 197 -1.00 -41.58 2.53
CA SER D 197 -1.00 -43.03 2.46
C SER D 197 -1.41 -43.53 1.08
N SER D 198 -2.54 -43.05 0.57
CA SER D 198 -3.09 -43.61 -0.67
C SER D 198 -3.64 -42.54 -1.62
N ASN D 199 -3.18 -41.31 -1.53
CA ASN D 199 -3.62 -40.23 -2.40
C ASN D 199 -2.47 -39.80 -3.30
N TYR D 200 -2.68 -39.90 -4.61
CA TYR D 200 -1.73 -39.41 -5.60
C TYR D 200 -2.38 -38.30 -6.40
N TYR D 201 -1.78 -37.12 -6.38
CA TYR D 201 -2.30 -35.95 -7.08
C TYR D 201 -1.43 -35.67 -8.29
N ALA D 202 -2.05 -35.54 -9.46
CA ALA D 202 -1.33 -35.13 -10.65
C ALA D 202 -1.07 -33.64 -10.61
N GLU D 203 0.19 -33.25 -10.81
CA GLU D 203 0.55 -31.84 -10.86
C GLU D 203 1.51 -31.60 -12.02
N MET D 204 1.37 -30.43 -12.64
CA MET D 204 2.14 -30.06 -13.82
C MET D 204 3.00 -28.85 -13.46
N LYS D 205 4.32 -29.06 -13.41
CA LYS D 205 5.24 -27.96 -13.11
C LYS D 205 5.70 -27.31 -14.40
N PHE D 206 5.62 -25.98 -14.45
CA PHE D 206 6.27 -25.18 -15.48
C PHE D 206 7.39 -24.39 -14.81
N TYR D 207 8.63 -24.67 -15.19
CA TYR D 207 9.77 -23.88 -14.76
C TYR D 207 9.94 -22.72 -15.72
N VAL D 208 9.61 -21.50 -15.26
CA VAL D 208 9.80 -20.30 -16.06
C VAL D 208 11.22 -19.80 -15.80
N VAL D 209 12.07 -19.85 -16.81
CA VAL D 209 13.45 -19.42 -16.70
C VAL D 209 13.54 -17.99 -17.23
N ILE D 210 14.02 -17.08 -16.39
CA ILE D 210 14.11 -15.66 -16.72
C ILE D 210 15.48 -15.16 -16.31
N ARG D 211 16.09 -14.33 -17.14
CA ARG D 211 17.41 -13.77 -16.85
C ARG D 211 17.37 -12.25 -16.97
N ARG D 212 17.97 -11.59 -15.99
CA ARG D 212 18.05 -10.14 -16.00
C ARG D 212 18.92 -9.67 -17.17
N ARG D 213 18.51 -8.58 -17.82
CA ARG D 213 19.37 -7.98 -18.83
C ARG D 213 20.26 -6.93 -18.16
N PRO D 214 21.59 -7.10 -18.16
CA PRO D 214 22.42 -6.36 -17.20
C PRO D 214 22.80 -4.94 -17.60
N LEU D 215 22.59 -4.53 -18.85
CA LEU D 215 23.34 -3.40 -19.39
C LEU D 215 23.30 -2.19 -18.46
N PHE D 216 22.12 -1.85 -17.93
CA PHE D 216 22.05 -0.70 -17.04
C PHE D 216 22.98 -0.87 -15.85
N TYR D 217 22.98 -2.06 -15.25
CA TYR D 217 23.85 -2.31 -14.11
C TYR D 217 25.31 -2.42 -14.53
N VAL D 218 25.58 -2.89 -15.75
CA VAL D 218 26.96 -2.89 -16.23
C VAL D 218 27.50 -1.47 -16.28
N VAL D 219 26.70 -0.55 -16.82
CA VAL D 219 27.15 0.83 -16.95
C VAL D 219 27.20 1.53 -15.60
N SER D 220 26.28 1.19 -14.70
CA SER D 220 26.17 1.92 -13.43
C SER D 220 27.14 1.43 -12.37
N LEU D 221 27.33 0.11 -12.24
CA LEU D 221 28.17 -0.48 -11.20
C LEU D 221 29.52 -0.92 -11.74
N LEU D 222 29.52 -1.81 -12.73
CA LEU D 222 30.76 -2.53 -13.06
C LEU D 222 31.82 -1.60 -13.64
N LEU D 223 31.46 -0.77 -14.62
CA LEU D 223 32.46 0.11 -15.21
C LEU D 223 33.02 1.11 -14.21
N PRO D 224 32.21 1.84 -13.43
CA PRO D 224 32.81 2.71 -12.41
C PRO D 224 33.64 1.96 -11.38
N SER D 225 33.20 0.77 -10.97
CA SER D 225 33.98 0.00 -10.01
C SER D 225 35.33 -0.39 -10.61
N ILE D 226 35.33 -0.82 -11.87
CA ILE D 226 36.59 -1.12 -12.54
C ILE D 226 37.48 0.11 -12.66
N PHE D 227 36.90 1.26 -12.97
CA PHE D 227 37.67 2.50 -13.03
C PHE D 227 38.34 2.79 -11.70
N LEU D 228 37.57 2.70 -10.61
CA LEU D 228 38.13 2.99 -9.29
C LEU D 228 39.23 1.99 -8.93
N MET D 229 38.99 0.70 -9.19
CA MET D 229 39.99 -0.31 -8.84
C MET D 229 41.27 -0.11 -9.64
N VAL D 230 41.15 0.24 -10.92
CA VAL D 230 42.33 0.51 -11.74
C VAL D 230 43.06 1.73 -11.22
N MET D 231 42.33 2.80 -10.92
CA MET D 231 42.95 4.01 -10.40
C MET D 231 43.70 3.73 -9.11
N ASP D 232 43.17 2.81 -8.30
CA ASP D 232 43.81 2.52 -7.01
C ASP D 232 45.22 1.95 -7.18
N ILE D 233 45.50 1.33 -8.32
CA ILE D 233 46.85 0.79 -8.54
C ILE D 233 47.87 1.92 -8.55
N VAL D 234 47.46 3.10 -9.01
CA VAL D 234 48.40 4.23 -9.09
C VAL D 234 48.89 4.64 -7.71
N GLY D 235 48.12 4.34 -6.66
CA GLY D 235 48.53 4.73 -5.32
C GLY D 235 49.74 3.95 -4.86
N PHE D 236 50.15 2.97 -5.66
CA PHE D 236 51.28 2.12 -5.32
C PHE D 236 52.49 2.38 -6.20
N TYR D 237 52.41 3.34 -7.12
CA TYR D 237 53.56 3.81 -7.88
C TYR D 237 54.01 5.21 -7.48
N LEU D 238 53.14 6.00 -6.87
CA LEU D 238 53.56 7.26 -6.28
C LEU D 238 54.60 6.97 -5.21
N PRO D 239 55.51 7.89 -4.93
CA PRO D 239 56.65 7.59 -4.06
C PRO D 239 56.18 7.06 -2.71
N PRO D 240 56.93 6.11 -2.11
CA PRO D 240 56.37 5.28 -1.04
C PRO D 240 55.76 6.05 0.14
N ASN D 241 56.54 6.91 0.79
CA ASN D 241 56.11 7.56 2.02
C ASN D 241 55.78 9.04 1.82
N SER D 242 55.62 9.48 0.58
CA SER D 242 55.33 10.88 0.32
C SER D 242 53.94 11.25 0.83
N GLY D 243 53.80 12.49 1.28
CA GLY D 243 52.48 13.00 1.59
C GLY D 243 51.58 13.01 0.39
N GLU D 244 52.17 13.11 -0.81
CA GLU D 244 51.38 13.05 -2.04
C GLU D 244 50.65 11.71 -2.14
N ARG D 245 51.34 10.62 -1.86
CA ARG D 245 50.72 9.29 -1.94
C ARG D 245 49.63 9.13 -0.90
N VAL D 246 49.86 9.59 0.33
CA VAL D 246 48.85 9.47 1.37
C VAL D 246 47.61 10.28 1.00
N SER D 247 47.83 11.49 0.48
CA SER D 247 46.70 12.31 0.04
C SER D 247 45.93 11.62 -1.08
N PHE D 248 46.65 11.04 -2.05
CA PHE D 248 46.00 10.32 -3.14
C PHE D 248 45.15 9.18 -2.61
N LYS D 249 45.72 8.37 -1.72
CA LYS D 249 44.98 7.22 -1.21
C LYS D 249 43.76 7.68 -0.43
N ILE D 250 43.89 8.73 0.37
CA ILE D 250 42.74 9.24 1.12
C ILE D 250 41.64 9.69 0.17
N THR D 251 41.99 10.44 -0.88
CA THR D 251 40.95 10.94 -1.77
C THR D 251 40.29 9.80 -2.53
N LEU D 252 41.07 8.80 -2.95
CA LEU D 252 40.46 7.69 -3.68
C LEU D 252 39.61 6.83 -2.76
N LEU D 253 39.98 6.71 -1.49
CA LEU D 253 39.13 6.04 -0.51
C LEU D 253 37.83 6.79 -0.34
N LEU D 254 37.88 8.12 -0.32
CA LEU D 254 36.65 8.91 -0.24
C LEU D 254 35.79 8.67 -1.48
N GLY D 255 36.42 8.62 -2.65
CA GLY D 255 35.67 8.33 -3.87
C GLY D 255 35.01 6.97 -3.82
N TYR D 256 35.73 5.96 -3.33
CA TYR D 256 35.16 4.63 -3.19
C TYR D 256 33.98 4.65 -2.22
N SER D 257 34.13 5.36 -1.11
CA SER D 257 33.06 5.44 -0.12
C SER D 257 31.81 6.06 -0.71
N VAL D 258 31.97 7.15 -1.47
CA VAL D 258 30.79 7.77 -2.06
C VAL D 258 30.19 6.87 -3.14
N PHE D 259 31.03 6.12 -3.87
CA PHE D 259 30.51 5.19 -4.86
C PHE D 259 29.65 4.11 -4.21
N LEU D 260 30.09 3.61 -3.05
CA LEU D 260 29.32 2.55 -2.38
C LEU D 260 27.93 3.03 -2.00
N ILE D 261 27.74 4.34 -1.82
CA ILE D 261 26.40 4.87 -1.55
C ILE D 261 25.50 4.66 -2.77
N ILE D 262 26.02 4.97 -3.96
CA ILE D 262 25.26 4.72 -5.18
C ILE D 262 25.00 3.23 -5.35
N VAL D 263 25.99 2.40 -5.00
CA VAL D 263 25.79 0.96 -5.04
C VAL D 263 24.62 0.55 -4.15
N SER D 264 24.61 1.02 -2.91
CA SER D 264 23.51 0.75 -2.01
C SER D 264 22.18 1.18 -2.63
N ASP D 265 22.18 2.35 -3.26
CA ASP D 265 20.95 2.85 -3.89
C ASP D 265 20.48 1.90 -4.99
N THR D 266 21.40 1.39 -5.80
CA THR D 266 21.03 0.65 -7.01
C THR D 266 20.74 -0.82 -6.75
N LEU D 267 21.47 -1.46 -5.84
CA LEU D 267 21.33 -2.91 -5.68
C LEU D 267 19.96 -3.27 -5.13
N PRO D 268 19.42 -4.43 -5.50
CA PRO D 268 18.14 -4.86 -4.92
C PRO D 268 18.32 -5.36 -3.50
N ALA D 269 17.38 -4.98 -2.63
CA ALA D 269 17.44 -5.39 -1.25
C ALA D 269 17.10 -6.87 -1.12
N THR D 270 17.82 -7.56 -0.24
CA THR D 270 17.53 -8.96 0.05
C THR D 270 18.09 -9.31 1.42
N ALA D 271 17.61 -10.42 1.96
CA ALA D 271 18.12 -10.97 3.20
C ALA D 271 18.63 -12.40 3.05
N ILE D 272 18.63 -12.94 1.83
CA ILE D 272 19.03 -14.32 1.62
C ILE D 272 20.55 -14.42 1.47
N GLY D 273 21.13 -13.57 0.63
CA GLY D 273 22.56 -13.61 0.41
C GLY D 273 23.09 -12.41 -0.36
N THR D 274 24.27 -11.94 0.03
CA THR D 274 24.88 -10.81 -0.65
C THR D 274 25.42 -11.24 -2.02
N PRO D 275 25.30 -10.40 -3.04
CA PRO D 275 25.89 -10.74 -4.34
C PRO D 275 27.41 -10.67 -4.30
N LEU D 276 28.04 -11.42 -5.21
CA LEU D 276 29.50 -11.40 -5.29
C LEU D 276 30.03 -10.01 -5.54
N ILE D 277 29.26 -9.18 -6.27
CA ILE D 277 29.69 -7.81 -6.55
C ILE D 277 29.91 -7.06 -5.23
N GLY D 278 28.94 -7.14 -4.33
CA GLY D 278 29.08 -6.50 -3.03
C GLY D 278 30.22 -7.07 -2.22
N VAL D 279 30.42 -8.38 -2.29
CA VAL D 279 31.51 -9.02 -1.57
C VAL D 279 32.84 -8.42 -2.02
N TYR D 280 33.05 -8.35 -3.33
CA TYR D 280 34.31 -7.80 -3.84
C TYR D 280 34.44 -6.32 -3.51
N PHE D 281 33.35 -5.57 -3.59
CA PHE D 281 33.43 -4.14 -3.24
C PHE D 281 33.89 -3.96 -1.80
N VAL D 282 33.26 -4.68 -0.86
CA VAL D 282 33.60 -4.50 0.55
C VAL D 282 35.02 -5.02 0.81
N VAL D 283 35.42 -6.09 0.14
CA VAL D 283 36.78 -6.59 0.31
C VAL D 283 37.79 -5.56 -0.15
N CYS D 284 37.54 -4.93 -1.31
CA CYS D 284 38.44 -3.89 -1.79
C CYS D 284 38.47 -2.71 -0.82
N MET D 285 37.32 -2.34 -0.26
CA MET D 285 37.29 -1.28 0.73
C MET D 285 38.18 -1.63 1.92
N ALA D 286 38.07 -2.86 2.42
CA ALA D 286 38.88 -3.27 3.55
C ALA D 286 40.36 -3.26 3.22
N LEU D 287 40.73 -3.77 2.04
CA LEU D 287 42.12 -3.78 1.64
C LEU D 287 42.68 -2.36 1.54
N LEU D 288 41.90 -1.45 0.95
CA LEU D 288 42.33 -0.07 0.85
C LEU D 288 42.52 0.55 2.22
N VAL D 289 41.59 0.30 3.14
CA VAL D 289 41.73 0.85 4.50
C VAL D 289 43.01 0.32 5.14
N ILE D 290 43.27 -0.97 5.00
CA ILE D 290 44.46 -1.56 5.62
C ILE D 290 45.72 -0.93 5.04
N SER D 291 45.77 -0.78 3.71
CA SER D 291 46.94 -0.18 3.08
C SER D 291 47.14 1.26 3.54
N LEU D 292 46.04 2.03 3.64
CA LEU D 292 46.14 3.41 4.09
C LEU D 292 46.65 3.47 5.52
N ALA D 293 46.15 2.58 6.39
CA ALA D 293 46.63 2.54 7.76
C ALA D 293 48.12 2.21 7.80
N GLU D 294 48.57 1.28 6.95
CA GLU D 294 49.98 0.95 6.90
C GLU D 294 50.82 2.17 6.53
N THR D 295 50.38 2.91 5.51
CA THR D 295 51.10 4.13 5.15
C THR D 295 51.13 5.12 6.32
N ILE D 296 50.00 5.31 6.99
CA ILE D 296 49.94 6.26 8.10
C ILE D 296 50.93 5.86 9.18
N PHE D 297 50.96 4.58 9.54
CA PHE D 297 51.85 4.12 10.60
C PHE D 297 53.31 4.27 10.19
N ILE D 298 53.66 3.80 8.99
CA ILE D 298 55.05 3.88 8.55
C ILE D 298 55.52 5.33 8.48
N VAL D 299 54.63 6.22 8.03
CA VAL D 299 54.98 7.65 8.01
C VAL D 299 55.28 8.12 9.43
N ARG D 300 54.52 7.64 10.41
CA ARG D 300 54.80 7.96 11.80
C ARG D 300 56.19 7.48 12.21
N LEU D 301 56.56 6.27 11.78
CA LEU D 301 57.85 5.71 12.18
C LEU D 301 59.00 6.39 11.42
N VAL D 302 58.98 6.28 10.10
CA VAL D 302 60.07 6.82 9.28
C VAL D 302 60.06 8.34 9.33
N LEU D 362 62.13 1.62 7.36
CA LEU D 362 61.86 1.87 5.96
C LEU D 362 61.84 0.55 5.18
N ARG D 363 62.78 -0.34 5.51
CA ARG D 363 62.82 -1.65 4.86
C ARG D 363 61.51 -2.39 5.09
N VAL D 364 61.05 -2.40 6.35
CA VAL D 364 59.75 -2.99 6.67
C VAL D 364 58.67 -2.33 5.83
N GLY D 365 58.73 -1.00 5.72
CA GLY D 365 57.75 -0.30 4.91
C GLY D 365 57.75 -0.77 3.47
N SER D 366 58.93 -0.93 2.87
CA SER D 366 59.01 -1.37 1.49
C SER D 366 58.42 -2.75 1.31
N VAL D 367 58.80 -3.70 2.18
CA VAL D 367 58.32 -5.06 2.00
C VAL D 367 56.82 -5.13 2.25
N LEU D 368 56.32 -4.42 3.26
CA LEU D 368 54.88 -4.40 3.51
C LEU D 368 54.14 -3.78 2.33
N ASP D 369 54.71 -2.73 1.74
CA ASP D 369 54.08 -2.10 0.59
C ASP D 369 53.97 -3.08 -0.57
N LYS D 370 55.04 -3.83 -0.83
CA LYS D 370 54.98 -4.81 -1.91
C LYS D 370 53.97 -5.91 -1.61
N LEU D 371 53.93 -6.38 -0.37
CA LEU D 371 52.93 -7.39 -0.01
C LEU D 371 51.52 -6.88 -0.25
N LEU D 372 51.23 -5.65 0.21
CA LEU D 372 49.88 -5.12 0.06
C LEU D 372 49.54 -4.87 -1.41
N PHE D 373 50.52 -4.43 -2.20
CA PHE D 373 50.30 -4.26 -3.64
C PHE D 373 49.98 -5.58 -4.31
N HIS D 374 50.72 -6.64 -3.95
CA HIS D 374 50.46 -7.92 -4.59
C HIS D 374 49.10 -8.47 -4.20
N ILE D 375 48.70 -8.32 -2.93
CA ILE D 375 47.38 -8.80 -2.54
C ILE D 375 46.29 -7.99 -3.24
N TYR D 376 46.48 -6.67 -3.38
CA TYR D 376 45.49 -5.87 -4.08
C TYR D 376 45.37 -6.28 -5.54
N LEU D 377 46.51 -6.50 -6.21
CA LEU D 377 46.47 -6.93 -7.60
C LEU D 377 45.77 -8.27 -7.71
N LEU D 378 46.05 -9.20 -6.78
CA LEU D 378 45.39 -10.48 -6.77
C LEU D 378 43.87 -10.32 -6.64
N ALA D 379 43.45 -9.44 -5.73
CA ALA D 379 42.02 -9.24 -5.51
C ALA D 379 41.34 -8.69 -6.75
N VAL D 380 41.94 -7.69 -7.41
CA VAL D 380 41.31 -7.12 -8.58
C VAL D 380 41.31 -8.11 -9.75
N LEU D 381 42.37 -8.90 -9.89
CA LEU D 381 42.36 -9.96 -10.90
C LEU D 381 41.24 -10.95 -10.64
N ALA D 382 41.06 -11.36 -9.38
CA ALA D 382 39.97 -12.26 -9.05
C ALA D 382 38.64 -11.63 -9.39
N TYR D 383 38.47 -10.34 -9.10
CA TYR D 383 37.22 -9.66 -9.41
C TYR D 383 36.93 -9.67 -10.90
N SER D 384 37.94 -9.35 -11.71
CA SER D 384 37.73 -9.32 -13.16
C SER D 384 37.41 -10.71 -13.70
N ILE D 385 38.15 -11.73 -13.26
CA ILE D 385 37.89 -13.09 -13.70
C ILE D 385 36.49 -13.51 -13.27
N THR D 386 36.06 -13.09 -12.08
CA THR D 386 34.71 -13.40 -11.62
C THR D 386 33.66 -12.74 -12.50
N LEU D 387 33.89 -11.49 -12.90
CA LEU D 387 32.95 -10.85 -13.82
C LEU D 387 32.86 -11.63 -15.13
N VAL D 388 34.00 -12.03 -15.68
CA VAL D 388 33.97 -12.79 -16.93
C VAL D 388 33.23 -14.11 -16.73
N MET D 389 33.48 -14.79 -15.61
CA MET D 389 32.81 -16.06 -15.34
C MET D 389 31.30 -15.87 -15.20
N LEU D 390 30.89 -14.84 -14.48
CA LEU D 390 29.46 -14.57 -14.32
C LEU D 390 28.81 -14.29 -15.66
N TRP D 391 29.47 -13.49 -16.51
CA TRP D 391 28.93 -13.25 -17.84
C TRP D 391 28.83 -14.55 -18.63
N SER D 392 29.82 -15.43 -18.50
CA SER D 392 29.78 -16.70 -19.20
C SER D 392 28.60 -17.54 -18.74
N ILE D 393 28.33 -17.58 -17.43
CA ILE D 393 27.17 -18.30 -16.93
C ILE D 393 25.89 -17.70 -17.48
N TRP D 394 25.81 -16.38 -17.54
CA TRP D 394 24.59 -15.71 -17.96
C TRP D 394 24.31 -15.91 -19.45
N GLN D 395 25.34 -16.10 -20.26
CA GLN D 395 25.15 -16.35 -21.68
C GLN D 395 25.71 -17.71 -22.07
N ARG E 3 -51.68 -2.67 -16.27
CA ARG E 3 -50.33 -2.35 -15.71
C ARG E 3 -49.68 -1.21 -16.49
N PRO E 4 -48.74 -0.51 -15.86
CA PRO E 4 -48.06 0.59 -16.54
C PRO E 4 -47.21 0.08 -17.69
N ALA E 5 -46.99 0.96 -18.68
CA ALA E 5 -46.33 0.54 -19.91
C ALA E 5 -44.94 -0.03 -19.64
N LEU E 6 -44.15 0.67 -18.82
CA LEU E 6 -42.77 0.23 -18.59
C LEU E 6 -42.74 -1.16 -17.98
N LEU E 7 -43.59 -1.40 -16.98
CA LEU E 7 -43.55 -2.67 -16.26
C LEU E 7 -43.89 -3.83 -17.17
N ARG E 8 -44.97 -3.70 -17.95
CA ARG E 8 -45.36 -4.81 -18.81
C ARG E 8 -44.44 -4.94 -20.02
N LEU E 9 -43.80 -3.86 -20.47
CA LEU E 9 -42.77 -3.99 -21.49
C LEU E 9 -41.57 -4.78 -20.98
N SER E 10 -41.12 -4.47 -19.76
CA SER E 10 -40.03 -5.24 -19.16
C SER E 10 -40.44 -6.69 -18.99
N ASP E 11 -41.68 -6.93 -18.57
CA ASP E 11 -42.18 -8.30 -18.46
C ASP E 11 -42.11 -9.01 -19.81
N TYR E 12 -42.57 -8.35 -20.88
CA TYR E 12 -42.55 -8.97 -22.19
C TYR E 12 -41.12 -9.30 -22.60
N LEU E 13 -40.19 -8.39 -22.35
CA LEU E 13 -38.82 -8.59 -22.81
C LEU E 13 -38.13 -9.71 -22.04
N LEU E 14 -38.21 -9.69 -20.71
CA LEU E 14 -37.29 -10.45 -19.88
C LEU E 14 -37.87 -11.75 -19.30
N THR E 15 -39.14 -12.07 -19.52
CA THR E 15 -39.64 -13.33 -18.99
C THR E 15 -38.97 -14.54 -19.64
N ASN E 16 -38.84 -14.52 -20.97
CA ASN E 16 -38.27 -15.65 -21.69
C ASN E 16 -36.89 -15.34 -22.26
N TYR E 17 -36.36 -14.14 -22.04
CA TYR E 17 -34.97 -13.88 -22.35
C TYR E 17 -34.07 -14.67 -21.42
N ARG E 18 -32.95 -15.15 -21.95
CA ARG E 18 -32.02 -15.99 -21.19
C ARG E 18 -30.59 -15.56 -21.50
N LYS E 19 -30.01 -14.78 -20.59
CA LYS E 19 -28.62 -14.38 -20.73
C LYS E 19 -27.73 -15.61 -20.87
N GLY E 20 -26.57 -15.41 -21.48
CA GLY E 20 -25.65 -16.49 -21.71
C GLY E 20 -25.49 -16.82 -23.18
N VAL E 21 -26.60 -16.87 -23.92
CA VAL E 21 -26.53 -17.15 -25.34
C VAL E 21 -26.29 -15.84 -26.09
N ARG E 22 -25.32 -15.87 -27.00
CA ARG E 22 -25.04 -14.69 -27.79
C ARG E 22 -26.30 -14.27 -28.54
N PRO E 23 -26.75 -13.02 -28.42
CA PRO E 23 -28.10 -12.67 -28.90
C PRO E 23 -28.19 -12.50 -30.40
N VAL E 24 -28.21 -13.63 -31.10
CA VAL E 24 -28.51 -13.66 -32.53
C VAL E 24 -29.44 -14.83 -32.79
N ARG E 25 -30.44 -14.60 -33.65
CA ARG E 25 -31.33 -15.66 -34.07
C ARG E 25 -30.82 -16.38 -35.31
N ASP E 26 -29.59 -16.10 -35.74
CA ASP E 26 -28.89 -16.89 -36.76
C ASP E 26 -27.43 -16.94 -36.32
N TRP E 27 -27.02 -18.08 -35.77
CA TRP E 27 -25.74 -18.15 -35.07
C TRP E 27 -24.56 -17.84 -35.98
N ARG E 28 -24.73 -17.96 -37.31
CA ARG E 28 -23.63 -17.65 -38.21
C ARG E 28 -23.31 -16.17 -38.27
N LYS E 29 -24.19 -15.32 -37.76
CA LYS E 29 -23.95 -13.88 -37.83
C LYS E 29 -23.09 -13.42 -36.65
N PRO E 30 -21.98 -12.72 -36.88
CA PRO E 30 -21.19 -12.23 -35.77
C PRO E 30 -21.85 -11.02 -35.11
N THR E 31 -21.61 -10.86 -33.81
CA THR E 31 -22.13 -9.73 -33.06
C THR E 31 -21.11 -8.59 -33.10
N THR E 32 -21.47 -7.49 -33.74
CA THR E 32 -20.57 -6.36 -33.89
C THR E 32 -20.73 -5.41 -32.71
N VAL E 33 -19.67 -5.26 -31.92
CA VAL E 33 -19.70 -4.43 -30.73
C VAL E 33 -18.98 -3.12 -31.06
N SER E 34 -19.75 -2.07 -31.32
CA SER E 34 -19.17 -0.75 -31.50
C SER E 34 -18.74 -0.20 -30.15
N ILE E 35 -17.54 0.38 -30.08
CA ILE E 35 -16.99 0.87 -28.83
C ILE E 35 -16.45 2.28 -29.03
N ASP E 36 -16.31 2.99 -27.91
CA ASP E 36 -15.72 4.31 -27.90
C ASP E 36 -15.02 4.50 -26.56
N VAL E 37 -13.94 5.28 -26.57
CA VAL E 37 -13.17 5.51 -25.35
C VAL E 37 -12.82 6.99 -25.29
N ILE E 38 -13.06 7.60 -24.14
CA ILE E 38 -12.73 9.00 -23.87
C ILE E 38 -11.84 9.03 -22.65
N VAL E 39 -10.65 9.60 -22.78
CA VAL E 39 -9.74 9.68 -21.64
C VAL E 39 -10.14 10.87 -20.77
N TYR E 40 -10.44 10.59 -19.50
CA TYR E 40 -10.85 11.63 -18.57
C TYR E 40 -9.67 12.16 -17.75
N ALA E 41 -8.74 11.30 -17.36
CA ALA E 41 -7.59 11.75 -16.59
C ALA E 41 -6.53 10.67 -16.61
N ILE E 42 -5.26 11.10 -16.58
CA ILE E 42 -4.13 10.19 -16.41
C ILE E 42 -3.76 10.27 -14.93
N LEU E 43 -4.25 9.30 -14.15
CA LEU E 43 -4.13 9.39 -12.70
C LEU E 43 -2.71 9.15 -12.23
N ASN E 44 -1.97 8.26 -12.89
CA ASN E 44 -0.63 7.92 -12.44
C ASN E 44 0.19 7.42 -13.61
N VAL E 45 1.49 7.69 -13.57
CA VAL E 45 2.46 7.13 -14.51
C VAL E 45 3.64 6.69 -13.67
N ASP E 46 3.68 5.40 -13.34
CA ASP E 46 4.65 4.84 -12.40
C ASP E 46 5.73 4.13 -13.21
N GLU E 47 6.85 4.83 -13.45
CA GLU E 47 7.92 4.25 -14.24
C GLU E 47 8.69 3.18 -13.48
N LYS E 48 8.68 3.24 -12.15
CA LYS E 48 9.36 2.22 -11.38
C LYS E 48 8.74 0.85 -11.62
N ASN E 49 7.40 0.79 -11.68
CA ASN E 49 6.69 -0.44 -11.97
C ASN E 49 6.29 -0.58 -13.43
N GLN E 50 6.47 0.46 -14.24
CA GLN E 50 6.13 0.44 -15.66
C GLN E 50 4.64 0.20 -15.87
N VAL E 51 3.81 0.86 -15.06
CA VAL E 51 2.36 0.77 -15.18
C VAL E 51 1.79 2.18 -15.27
N LEU E 52 0.81 2.34 -16.15
CA LEU E 52 0.12 3.62 -16.35
C LEU E 52 -1.34 3.46 -15.97
N THR E 53 -1.85 4.38 -15.16
CA THR E 53 -3.22 4.34 -14.66
C THR E 53 -4.00 5.48 -15.28
N THR E 54 -5.03 5.16 -16.05
CA THR E 54 -5.90 6.15 -16.67
C THR E 54 -7.34 5.85 -16.28
N TYR E 55 -8.11 6.90 -16.05
CA TYR E 55 -9.54 6.81 -15.77
C TYR E 55 -10.27 7.32 -17.00
N ILE E 56 -10.94 6.42 -17.71
CA ILE E 56 -11.48 6.70 -19.03
C ILE E 56 -12.94 6.33 -19.07
N TRP E 57 -13.74 7.16 -19.72
CA TRP E 57 -15.16 6.89 -19.92
C TRP E 57 -15.32 5.99 -21.14
N TYR E 58 -15.74 4.76 -20.92
CA TYR E 58 -15.85 3.75 -21.96
C TYR E 58 -17.32 3.47 -22.24
N ARG E 59 -17.71 3.55 -23.51
CA ARG E 59 -19.09 3.30 -23.92
C ARG E 59 -19.09 2.36 -25.11
N GLN E 60 -20.06 1.45 -25.14
CA GLN E 60 -20.13 0.44 -26.18
C GLN E 60 -21.59 0.08 -26.44
N TYR E 61 -21.90 -0.24 -27.68
CA TYR E 61 -23.26 -0.64 -28.03
C TYR E 61 -23.22 -1.82 -29.00
N TRP E 62 -24.26 -2.64 -28.94
CA TRP E 62 -24.41 -3.78 -29.84
C TRP E 62 -25.91 -4.02 -30.04
N THR E 63 -26.23 -4.79 -31.07
CA THR E 63 -27.63 -5.14 -31.35
C THR E 63 -27.94 -6.49 -30.72
N ASP E 64 -28.92 -6.50 -29.82
CA ASP E 64 -29.43 -7.73 -29.23
C ASP E 64 -30.73 -8.08 -29.95
N GLU E 65 -30.71 -9.18 -30.70
CA GLU E 65 -31.82 -9.49 -31.59
C GLU E 65 -33.02 -10.08 -30.87
N PHE E 66 -32.90 -10.38 -29.57
CA PHE E 66 -34.04 -10.85 -28.80
C PHE E 66 -34.79 -9.73 -28.10
N LEU E 67 -34.10 -8.65 -27.70
CA LEU E 67 -34.74 -7.53 -27.02
C LEU E 67 -35.28 -6.52 -28.02
N GLN E 68 -36.36 -6.91 -28.69
CA GLN E 68 -37.02 -6.06 -29.67
C GLN E 68 -38.51 -6.05 -29.41
N TRP E 69 -39.14 -4.90 -29.67
CA TRP E 69 -40.57 -4.75 -29.44
C TRP E 69 -41.13 -3.69 -30.37
N ASN E 70 -42.44 -3.69 -30.54
CA ASN E 70 -43.14 -2.64 -31.27
C ASN E 70 -43.58 -1.55 -30.31
N PRO E 71 -43.12 -0.31 -30.45
CA PRO E 71 -43.54 0.73 -29.51
C PRO E 71 -45.05 0.92 -29.45
N GLU E 72 -45.74 0.73 -30.58
CA GLU E 72 -47.18 0.93 -30.62
C GLU E 72 -47.88 0.06 -29.58
N ASP E 73 -47.34 -1.12 -29.30
CA ASP E 73 -47.97 -2.03 -28.35
C ASP E 73 -47.72 -1.64 -26.90
N PHE E 74 -46.76 -0.77 -26.63
CA PHE E 74 -46.32 -0.48 -25.28
C PHE E 74 -46.29 1.01 -25.03
N ASP E 75 -47.39 1.68 -25.34
CA ASP E 75 -47.56 3.10 -25.06
C ASP E 75 -46.51 3.95 -25.77
N ASN E 76 -46.06 3.48 -26.93
CA ASN E 76 -45.13 4.23 -27.78
C ASN E 76 -43.76 4.40 -27.11
N ILE E 77 -43.40 3.48 -26.23
CA ILE E 77 -42.07 3.51 -25.59
C ILE E 77 -41.01 3.21 -26.65
N THR E 78 -40.12 4.17 -26.88
CA THR E 78 -39.03 3.98 -27.83
C THR E 78 -37.76 3.49 -27.16
N LYS E 79 -37.58 3.75 -25.86
CA LYS E 79 -36.35 3.41 -25.17
C LYS E 79 -36.66 3.20 -23.69
N LEU E 80 -35.97 2.23 -23.09
CA LEU E 80 -36.13 1.93 -21.68
C LEU E 80 -34.79 1.41 -21.14
N SER E 81 -34.63 1.51 -19.82
CA SER E 81 -33.42 1.06 -19.15
C SER E 81 -33.71 -0.19 -18.33
N ILE E 82 -32.83 -1.17 -18.43
CA ILE E 82 -32.95 -2.41 -17.67
C ILE E 82 -31.60 -2.75 -17.06
N PRO E 83 -31.58 -3.54 -15.99
CA PRO E 83 -30.32 -3.83 -15.32
C PRO E 83 -29.32 -4.48 -16.25
N THR E 84 -28.05 -4.09 -16.11
CA THR E 84 -27.02 -4.66 -16.96
C THR E 84 -26.86 -6.15 -16.72
N ASP E 85 -27.08 -6.60 -15.49
CA ASP E 85 -26.95 -8.00 -15.14
C ASP E 85 -28.05 -8.86 -15.76
N SER E 86 -29.07 -8.26 -16.34
CA SER E 86 -30.23 -8.99 -16.85
C SER E 86 -30.10 -9.35 -18.33
N ILE E 87 -29.00 -9.02 -18.99
CA ILE E 87 -28.83 -9.27 -20.41
C ILE E 87 -27.43 -9.78 -20.70
N TRP E 88 -27.28 -10.41 -21.87
CA TRP E 88 -25.97 -10.80 -22.34
C TRP E 88 -25.11 -9.56 -22.59
N VAL E 89 -23.86 -9.61 -22.12
CA VAL E 89 -22.93 -8.50 -22.24
C VAL E 89 -21.62 -9.03 -22.79
N PRO E 90 -21.09 -8.48 -23.88
CA PRO E 90 -19.87 -9.05 -24.47
C PRO E 90 -18.70 -8.95 -23.51
N ASP E 91 -17.81 -9.94 -23.58
CA ASP E 91 -16.62 -9.96 -22.75
C ASP E 91 -15.47 -9.15 -23.33
N ILE E 92 -15.72 -7.89 -23.68
CA ILE E 92 -14.67 -7.03 -24.23
C ILE E 92 -13.70 -6.72 -23.10
N LEU E 93 -12.50 -7.28 -23.18
CA LEU E 93 -11.49 -7.16 -22.14
C LEU E 93 -10.29 -6.39 -22.67
N ILE E 94 -9.80 -5.45 -21.88
CA ILE E 94 -8.57 -4.73 -22.21
C ILE E 94 -7.37 -5.61 -21.88
N ASN E 95 -6.56 -5.92 -22.88
CA ASN E 95 -5.34 -6.67 -22.63
C ASN E 95 -4.35 -5.79 -21.85
N GLU E 96 -3.22 -6.39 -21.48
CA GLU E 96 -2.16 -5.73 -20.73
C GLU E 96 -2.68 -5.00 -19.49
N PHE E 97 -3.79 -5.46 -18.92
CA PHE E 97 -4.17 -4.97 -17.61
C PHE E 97 -3.21 -5.51 -16.56
N VAL E 98 -3.16 -4.82 -15.42
CA VAL E 98 -2.41 -5.28 -14.26
C VAL E 98 -3.34 -5.56 -13.08
N ASP E 99 -4.33 -4.69 -12.86
CA ASP E 99 -5.41 -4.93 -11.92
C ASP E 99 -6.75 -4.76 -12.63
N VAL E 100 -7.75 -5.52 -12.19
CA VAL E 100 -9.08 -5.36 -12.77
C VAL E 100 -9.58 -3.94 -12.53
N GLY E 101 -9.12 -3.29 -11.47
CA GLY E 101 -9.38 -1.88 -11.25
C GLY E 101 -10.61 -1.62 -10.40
N LYS E 102 -10.65 -0.39 -9.88
CA LYS E 102 -11.74 0.07 -9.03
C LYS E 102 -12.87 0.70 -9.86
N SER E 103 -13.44 -0.07 -10.78
CA SER E 103 -14.56 0.43 -11.58
C SER E 103 -15.87 0.12 -10.89
N PRO E 104 -16.79 1.09 -10.76
CA PRO E 104 -18.10 0.79 -10.16
C PRO E 104 -18.96 -0.04 -11.11
N ASN E 105 -20.08 -0.52 -10.57
CA ASN E 105 -20.85 -1.55 -11.24
C ASN E 105 -21.79 -0.99 -12.32
N ILE E 106 -22.27 0.24 -12.17
CA ILE E 106 -23.12 0.86 -13.19
C ILE E 106 -24.31 -0.04 -13.50
N PRO E 107 -25.32 -0.10 -12.63
CA PRO E 107 -26.33 -1.18 -12.74
C PRO E 107 -27.04 -1.27 -14.08
N TYR E 108 -27.35 -0.16 -14.76
CA TYR E 108 -28.33 -0.16 -15.83
C TYR E 108 -27.69 0.07 -17.20
N VAL E 109 -28.40 -0.36 -18.23
CA VAL E 109 -28.08 -0.07 -19.63
C VAL E 109 -29.36 0.33 -20.34
N TYR E 110 -29.22 1.06 -21.44
CA TYR E 110 -30.37 1.42 -22.27
C TYR E 110 -30.63 0.38 -23.34
N ILE E 111 -31.91 0.22 -23.67
CA ILE E 111 -32.35 -0.60 -24.80
C ILE E 111 -33.27 0.25 -25.66
N ARG E 112 -33.10 0.16 -26.97
CA ARG E 112 -33.98 0.84 -27.92
C ARG E 112 -34.73 -0.20 -28.74
N HIS E 113 -35.95 0.18 -29.16
CA HIS E 113 -36.89 -0.82 -29.66
C HIS E 113 -36.32 -1.61 -30.85
N GLN E 114 -35.37 -1.04 -31.57
CA GLN E 114 -34.74 -1.81 -32.63
C GLN E 114 -33.75 -2.84 -32.11
N GLY E 115 -33.56 -2.91 -30.79
CA GLY E 115 -32.69 -3.90 -30.18
C GLY E 115 -31.31 -3.40 -29.79
N GLU E 116 -30.97 -2.16 -30.10
CA GLU E 116 -29.64 -1.65 -29.80
C GLU E 116 -29.49 -1.48 -28.29
N VAL E 117 -28.41 -1.99 -27.74
CA VAL E 117 -28.11 -1.87 -26.31
C VAL E 117 -26.94 -0.91 -26.17
N GLN E 118 -27.09 0.10 -25.31
CA GLN E 118 -26.05 1.08 -25.05
C GLN E 118 -25.57 0.89 -23.62
N ASN E 119 -24.26 0.68 -23.45
CA ASN E 119 -23.67 0.44 -22.14
C ASN E 119 -22.55 1.45 -21.92
N TYR E 120 -22.76 2.35 -20.97
CA TYR E 120 -21.76 3.32 -20.56
C TYR E 120 -21.17 2.88 -19.24
N LYS E 121 -19.84 2.89 -19.13
CA LYS E 121 -19.21 2.48 -17.90
C LYS E 121 -17.85 3.17 -17.77
N PRO E 122 -17.50 3.68 -16.59
CA PRO E 122 -16.17 4.28 -16.41
C PRO E 122 -15.16 3.22 -16.01
N LEU E 123 -14.00 3.23 -16.68
CA LEU E 123 -12.96 2.24 -16.45
C LEU E 123 -11.72 2.92 -15.87
N GLN E 124 -11.28 2.46 -14.70
CA GLN E 124 -10.00 2.90 -14.14
C GLN E 124 -8.94 1.85 -14.46
N VAL E 125 -8.57 1.83 -15.74
CA VAL E 125 -7.62 0.83 -16.22
C VAL E 125 -6.22 1.18 -15.72
N VAL E 126 -5.53 0.18 -15.18
CA VAL E 126 -4.11 0.27 -14.87
C VAL E 126 -3.40 -0.79 -15.70
N THR E 127 -2.54 -0.35 -16.60
CA THR E 127 -2.00 -1.21 -17.65
C THR E 127 -0.48 -1.17 -17.62
N ALA E 128 0.13 -2.26 -18.09
CA ALA E 128 1.58 -2.37 -18.19
C ALA E 128 2.01 -1.99 -19.60
N CYS E 129 2.86 -0.97 -19.71
CA CYS E 129 3.34 -0.52 -20.99
C CYS E 129 4.71 0.14 -20.81
N SER E 130 5.44 0.28 -21.91
CA SER E 130 6.85 0.65 -21.88
C SER E 130 6.99 2.16 -21.69
N LEU E 131 7.02 2.56 -20.42
CA LEU E 131 7.42 3.92 -20.09
C LEU E 131 8.94 4.01 -19.99
N ASP E 132 9.47 5.18 -20.34
CA ASP E 132 10.90 5.43 -20.21
C ASP E 132 11.11 6.90 -19.87
N ILE E 133 12.11 7.16 -19.05
CA ILE E 133 12.39 8.51 -18.56
C ILE E 133 13.70 8.99 -19.16
N TYR E 134 14.02 8.51 -20.37
CA TYR E 134 15.26 8.92 -21.02
C TYR E 134 15.34 10.42 -21.17
N ASN E 135 14.20 11.10 -21.29
CA ASN E 135 14.14 12.55 -21.46
C ASN E 135 13.41 13.21 -20.30
N PHE E 136 13.71 12.78 -19.07
CA PHE E 136 12.80 12.91 -17.93
C PHE E 136 11.96 14.18 -17.95
N PRO E 137 12.55 15.37 -17.86
CA PRO E 137 11.72 16.58 -17.83
C PRO E 137 10.93 16.81 -19.09
N PHE E 138 11.35 16.23 -20.22
CA PHE E 138 10.71 16.42 -21.52
C PHE E 138 10.17 15.12 -22.07
N ASP E 139 9.65 14.26 -21.19
CA ASP E 139 9.18 12.94 -21.62
C ASP E 139 7.97 13.07 -22.54
N VAL E 140 7.89 12.15 -23.50
CA VAL E 140 6.66 11.90 -24.25
C VAL E 140 6.45 10.39 -24.30
N GLN E 141 5.31 9.93 -23.81
CA GLN E 141 5.02 8.51 -23.68
C GLN E 141 3.93 8.11 -24.65
N ASN E 142 4.01 6.86 -25.13
CA ASN E 142 3.10 6.33 -26.15
C ASN E 142 2.64 4.97 -25.63
N CYS E 143 1.56 4.97 -24.87
CA CYS E 143 1.07 3.79 -24.15
C CYS E 143 -0.23 3.31 -24.78
N SER E 144 -0.36 2.00 -24.92
CA SER E 144 -1.47 1.43 -25.66
C SER E 144 -2.57 0.89 -24.74
N LEU E 145 -3.81 1.01 -25.18
CA LEU E 145 -4.94 0.27 -24.65
C LEU E 145 -5.57 -0.48 -25.80
N THR E 146 -5.63 -1.81 -25.69
CA THR E 146 -6.21 -2.66 -26.73
C THR E 146 -7.38 -3.44 -26.14
N PHE E 147 -8.54 -3.33 -26.79
CA PHE E 147 -9.75 -4.00 -26.35
C PHE E 147 -10.03 -5.17 -27.27
N THR E 148 -10.30 -6.34 -26.69
CA THR E 148 -10.56 -7.53 -27.48
C THR E 148 -11.50 -8.44 -26.72
N SER E 149 -12.40 -9.10 -27.45
CA SER E 149 -13.24 -10.13 -26.85
C SER E 149 -12.36 -11.29 -26.44
N TRP E 150 -12.23 -11.52 -25.13
CA TRP E 150 -11.21 -12.44 -24.64
C TRP E 150 -11.44 -13.85 -25.16
N LEU E 151 -12.67 -14.35 -25.05
CA LEU E 151 -12.97 -15.70 -25.52
C LEU E 151 -13.38 -15.71 -26.99
N HIS E 152 -14.38 -14.91 -27.34
CA HIS E 152 -15.03 -15.05 -28.63
C HIS E 152 -14.10 -14.68 -29.77
N THR E 153 -14.10 -15.49 -30.82
CA THR E 153 -13.35 -15.17 -32.02
C THR E 153 -14.13 -14.19 -32.88
N ILE E 154 -13.50 -13.75 -33.97
CA ILE E 154 -14.13 -12.77 -34.84
C ILE E 154 -15.40 -13.30 -35.47
N GLN E 155 -15.58 -14.62 -35.49
CA GLN E 155 -16.82 -15.20 -35.98
C GLN E 155 -17.96 -15.04 -34.98
N ASP E 156 -17.67 -14.67 -33.74
CA ASP E 156 -18.69 -14.45 -32.72
C ASP E 156 -18.82 -12.98 -32.34
N ILE E 157 -17.72 -12.31 -31.99
CA ILE E 157 -17.73 -10.91 -31.61
C ILE E 157 -16.73 -10.16 -32.47
N ASN E 158 -17.19 -9.08 -33.10
CA ASN E 158 -16.35 -8.18 -33.87
C ASN E 158 -16.48 -6.78 -33.28
N ILE E 159 -15.40 -6.00 -33.39
CA ILE E 159 -15.32 -4.70 -32.73
C ILE E 159 -15.18 -3.61 -33.78
N SER E 160 -15.73 -2.44 -33.49
CA SER E 160 -15.70 -1.31 -34.39
C SER E 160 -15.78 -0.03 -33.57
N LEU E 161 -15.54 1.10 -34.23
CA LEU E 161 -15.58 2.39 -33.56
C LEU E 161 -16.98 3.00 -33.62
N TRP E 162 -17.41 3.57 -32.49
CA TRP E 162 -18.69 4.28 -32.45
C TRP E 162 -18.63 5.53 -33.30
N ARG E 163 -17.56 6.30 -33.18
CA ARG E 163 -17.39 7.57 -33.88
C ARG E 163 -16.30 7.45 -34.94
N LEU E 164 -16.23 8.46 -35.79
CA LEU E 164 -15.20 8.47 -36.82
C LEU E 164 -13.82 8.54 -36.19
N PRO E 165 -12.82 7.88 -36.79
CA PRO E 165 -11.51 7.82 -36.13
C PRO E 165 -10.92 9.17 -35.81
N GLU E 166 -11.07 10.15 -36.70
CA GLU E 166 -10.48 11.45 -36.46
C GLU E 166 -11.15 12.16 -35.30
N LYS E 167 -12.47 12.00 -35.16
CA LYS E 167 -13.18 12.65 -34.07
C LYS E 167 -12.72 12.10 -32.72
N VAL E 168 -12.67 10.77 -32.59
CA VAL E 168 -12.18 10.18 -31.34
C VAL E 168 -10.72 10.55 -31.12
N LYS E 169 -9.96 10.71 -32.20
CA LYS E 169 -8.55 11.06 -32.08
C LYS E 169 -8.37 12.45 -31.48
N SER E 170 -9.08 13.43 -32.02
CA SER E 170 -8.93 14.81 -31.57
C SER E 170 -9.80 15.17 -30.38
N ASP E 171 -10.61 14.24 -29.88
CA ASP E 171 -11.55 14.55 -28.81
C ASP E 171 -10.80 14.69 -27.50
N ARG E 172 -10.80 15.89 -26.93
CA ARG E 172 -10.27 16.17 -25.60
C ARG E 172 -11.26 17.03 -24.82
N SER E 173 -12.53 16.64 -24.85
CA SER E 173 -13.58 17.52 -24.34
C SER E 173 -13.64 17.54 -22.82
N VAL E 174 -13.32 16.41 -22.17
CA VAL E 174 -13.52 16.27 -20.72
C VAL E 174 -12.24 15.98 -19.97
N PHE E 175 -11.08 16.03 -20.63
CA PHE E 175 -9.83 15.69 -19.98
C PHE E 175 -9.53 16.66 -18.85
N MET E 176 -9.04 16.12 -17.73
CA MET E 176 -8.60 16.94 -16.59
C MET E 176 -7.23 17.53 -16.95
N ASN E 177 -7.27 18.66 -17.65
CA ASN E 177 -6.06 19.21 -18.24
C ASN E 177 -5.08 19.72 -17.20
N GLN E 178 -5.56 20.08 -16.01
CA GLN E 178 -4.71 20.68 -14.98
C GLN E 178 -4.00 19.56 -14.23
N GLY E 179 -2.90 19.09 -14.81
CA GLY E 179 -2.12 18.02 -14.21
C GLY E 179 -0.74 17.97 -14.80
N GLU E 180 0.02 16.97 -14.36
CA GLU E 180 1.39 16.83 -14.83
C GLU E 180 1.46 16.41 -16.28
N TRP E 181 0.47 15.66 -16.76
CA TRP E 181 0.48 15.09 -18.10
C TRP E 181 -0.61 15.72 -18.97
N GLU E 182 -0.26 15.99 -20.21
CA GLU E 182 -1.22 16.41 -21.23
C GLU E 182 -1.15 15.43 -22.39
N LEU E 183 -2.31 14.96 -22.85
CA LEU E 183 -2.38 13.94 -23.87
C LEU E 183 -2.59 14.60 -25.23
N LEU E 184 -1.75 14.23 -26.20
CA LEU E 184 -1.86 14.80 -27.55
C LEU E 184 -3.04 14.20 -28.30
N GLY E 185 -3.27 12.90 -28.16
CA GLY E 185 -4.40 12.26 -28.80
C GLY E 185 -4.39 10.78 -28.52
N VAL E 186 -5.51 10.13 -28.85
CA VAL E 186 -5.65 8.69 -28.77
C VAL E 186 -5.92 8.19 -30.19
N LEU E 187 -5.05 7.30 -30.68
CA LEU E 187 -5.12 6.85 -32.06
C LEU E 187 -5.71 5.45 -32.12
N PRO E 188 -6.90 5.26 -32.67
CA PRO E 188 -7.43 3.91 -32.81
C PRO E 188 -6.73 3.14 -33.91
N TYR E 189 -6.81 1.81 -33.80
CA TYR E 189 -6.18 0.93 -34.78
C TYR E 189 -6.78 -0.46 -34.65
N PHE E 190 -7.29 -1.01 -35.75
CA PHE E 190 -7.98 -2.29 -35.74
C PHE E 190 -7.11 -3.34 -36.44
N ARG E 191 -7.09 -4.55 -35.87
CA ARG E 191 -6.32 -5.65 -36.44
C ARG E 191 -6.92 -6.97 -35.98
N GLU E 192 -6.68 -8.02 -36.76
CA GLU E 192 -7.17 -9.37 -36.44
C GLU E 192 -6.05 -10.17 -35.80
N PHE E 193 -5.99 -10.13 -34.47
CA PHE E 193 -5.00 -10.93 -33.76
C PHE E 193 -5.24 -12.41 -34.02
N SER E 194 -4.14 -13.18 -33.99
CA SER E 194 -4.20 -14.60 -34.32
C SER E 194 -3.16 -15.33 -33.47
N MET E 195 -3.61 -15.99 -32.41
CA MET E 195 -2.73 -16.84 -31.62
C MET E 195 -2.57 -18.22 -32.23
N GLU E 196 -3.47 -18.61 -33.14
CA GLU E 196 -3.40 -19.89 -33.82
C GLU E 196 -3.90 -19.70 -35.24
N SER E 197 -3.36 -20.51 -36.15
CA SER E 197 -3.69 -20.34 -37.57
C SER E 197 -5.19 -20.49 -37.82
N SER E 198 -5.89 -21.27 -37.00
CA SER E 198 -7.29 -21.57 -37.26
C SER E 198 -8.24 -20.52 -36.69
N ASN E 199 -7.79 -19.67 -35.78
CA ASN E 199 -8.66 -18.76 -35.07
C ASN E 199 -8.16 -17.32 -35.20
N TYR E 200 -9.09 -16.39 -35.34
CA TYR E 200 -8.78 -14.97 -35.45
C TYR E 200 -9.61 -14.18 -34.45
N TYR E 201 -8.98 -13.21 -33.81
CA TYR E 201 -9.62 -12.39 -32.78
C TYR E 201 -9.57 -10.93 -33.21
N ALA E 202 -10.72 -10.25 -33.14
CA ALA E 202 -10.76 -8.82 -33.42
C ALA E 202 -10.32 -8.04 -32.20
N GLU E 203 -9.43 -7.07 -32.39
CA GLU E 203 -8.97 -6.22 -31.30
C GLU E 203 -8.80 -4.79 -31.81
N MET E 204 -8.98 -3.84 -30.90
CA MET E 204 -8.98 -2.42 -31.22
C MET E 204 -7.98 -1.73 -30.30
N LYS E 205 -6.83 -1.31 -30.86
CA LYS E 205 -5.82 -0.62 -30.09
C LYS E 205 -6.06 0.89 -30.10
N PHE E 206 -5.97 1.50 -28.93
CA PHE E 206 -5.97 2.96 -28.77
C PHE E 206 -4.62 3.38 -28.22
N TYR E 207 -3.82 4.05 -29.04
CA TYR E 207 -2.52 4.56 -28.60
C TYR E 207 -2.72 5.91 -27.94
N VAL E 208 -2.66 5.93 -26.61
CA VAL E 208 -2.74 7.18 -25.86
C VAL E 208 -1.35 7.82 -25.84
N VAL E 209 -1.24 9.02 -26.39
CA VAL E 209 0.02 9.74 -26.51
C VAL E 209 -0.01 10.88 -25.51
N ILE E 210 0.93 10.88 -24.57
CA ILE E 210 0.97 11.85 -23.50
C ILE E 210 2.40 12.36 -23.35
N ARG E 211 2.55 13.61 -22.93
CA ARG E 211 3.86 14.20 -22.71
C ARG E 211 3.85 14.99 -21.41
N ARG E 212 4.93 14.85 -20.64
CA ARG E 212 5.11 15.62 -19.42
C ARG E 212 5.27 17.09 -19.77
N ARG E 213 4.63 17.96 -18.99
CA ARG E 213 4.83 19.40 -19.16
C ARG E 213 5.95 19.87 -18.23
N PRO E 214 7.05 20.44 -18.74
CA PRO E 214 8.28 20.49 -17.96
C PRO E 214 8.43 21.68 -17.03
N LEU E 215 7.59 22.72 -17.17
CA LEU E 215 7.93 24.01 -16.57
C LEU E 215 8.31 23.89 -15.10
N PHE E 216 7.59 23.06 -14.35
CA PHE E 216 7.95 22.82 -12.96
C PHE E 216 9.41 22.35 -12.85
N TYR E 217 9.79 21.38 -13.67
CA TYR E 217 11.13 20.83 -13.57
C TYR E 217 12.18 21.79 -14.12
N VAL E 218 11.81 22.63 -15.08
CA VAL E 218 12.72 23.69 -15.51
C VAL E 218 13.03 24.62 -14.36
N VAL E 219 11.99 25.05 -13.63
CA VAL E 219 12.21 25.92 -12.48
C VAL E 219 12.87 25.15 -11.34
N SER E 220 12.38 23.94 -11.05
CA SER E 220 12.81 23.23 -9.85
C SER E 220 14.22 22.65 -10.00
N LEU E 221 14.55 22.07 -11.15
CA LEU E 221 15.76 21.28 -11.31
C LEU E 221 16.77 21.91 -12.26
N LEU E 222 16.37 22.26 -13.47
CA LEU E 222 17.34 22.61 -14.50
C LEU E 222 18.06 23.92 -14.18
N LEU E 223 17.32 24.96 -13.82
CA LEU E 223 17.96 26.23 -13.53
C LEU E 223 18.90 26.16 -12.34
N PRO E 224 18.50 25.62 -11.18
CA PRO E 224 19.48 25.50 -10.08
C PRO E 224 20.70 24.67 -10.42
N SER E 225 20.51 23.59 -11.20
CA SER E 225 21.65 22.77 -11.59
C SER E 225 22.62 23.56 -12.45
N ILE E 226 22.09 24.34 -13.40
CA ILE E 226 22.95 25.21 -14.20
C ILE E 226 23.65 26.25 -13.35
N PHE E 227 22.96 26.83 -12.36
CA PHE E 227 23.59 27.75 -11.44
C PHE E 227 24.80 27.09 -10.76
N LEU E 228 24.59 25.91 -10.19
CA LEU E 228 25.66 25.23 -9.49
C LEU E 228 26.82 24.88 -10.42
N MET E 229 26.51 24.41 -11.62
CA MET E 229 27.56 24.04 -12.57
C MET E 229 28.37 25.27 -12.99
N VAL E 230 27.69 26.39 -13.26
CA VAL E 230 28.39 27.60 -13.64
C VAL E 230 29.27 28.08 -12.50
N MET E 231 28.79 28.00 -11.27
CA MET E 231 29.60 28.39 -10.13
C MET E 231 30.81 27.48 -9.98
N ASP E 232 30.65 26.17 -10.22
CA ASP E 232 31.79 25.28 -10.17
C ASP E 232 32.82 25.66 -11.23
N ILE E 233 32.36 26.02 -12.43
CA ILE E 233 33.28 26.48 -13.46
C ILE E 233 34.00 27.75 -12.99
N VAL E 234 33.26 28.68 -12.41
CA VAL E 234 33.85 29.94 -11.96
C VAL E 234 34.91 29.70 -10.90
N GLY E 235 34.67 28.72 -10.02
CA GLY E 235 35.57 28.50 -8.90
C GLY E 235 36.97 28.08 -9.30
N PHE E 236 37.17 27.67 -10.55
CA PHE E 236 38.49 27.24 -10.98
C PHE E 236 39.52 28.35 -10.92
N TYR E 237 39.10 29.62 -11.05
CA TYR E 237 40.05 30.71 -11.05
C TYR E 237 40.73 30.92 -9.71
N LEU E 238 40.22 30.35 -8.63
CA LEU E 238 40.98 30.34 -7.39
C LEU E 238 42.11 29.32 -7.50
N PRO E 239 43.30 29.63 -6.96
CA PRO E 239 44.45 28.77 -7.22
C PRO E 239 44.25 27.38 -6.64
N PRO E 240 44.91 26.37 -7.21
CA PRO E 240 44.71 25.00 -6.75
C PRO E 240 45.30 24.66 -5.38
N ASN E 241 46.21 25.47 -4.84
CA ASN E 241 46.80 25.22 -3.51
C ASN E 241 46.17 26.05 -2.41
N SER E 242 45.28 26.97 -2.74
CA SER E 242 44.85 28.00 -1.81
C SER E 242 43.65 27.54 -0.99
N GLY E 243 43.57 28.06 0.24
CA GLY E 243 42.41 27.84 1.08
C GLY E 243 41.15 28.51 0.57
N GLU E 244 41.31 29.54 -0.26
CA GLU E 244 40.15 30.16 -0.90
C GLU E 244 39.37 29.15 -1.71
N ARG E 245 40.09 28.32 -2.48
CA ARG E 245 39.44 27.28 -3.27
C ARG E 245 38.72 26.27 -2.37
N VAL E 246 39.33 25.93 -1.24
CA VAL E 246 38.69 24.99 -0.32
C VAL E 246 37.39 25.56 0.21
N SER E 247 37.41 26.82 0.64
CA SER E 247 36.19 27.46 1.14
C SER E 247 35.12 27.51 0.06
N PHE E 248 35.52 27.88 -1.16
CA PHE E 248 34.57 27.93 -2.27
C PHE E 248 33.98 26.55 -2.53
N LYS E 249 34.80 25.50 -2.47
CA LYS E 249 34.31 24.15 -2.69
C LYS E 249 33.33 23.74 -1.61
N ILE E 250 33.57 24.13 -0.35
CA ILE E 250 32.62 23.82 0.71
C ILE E 250 31.29 24.53 0.48
N THR E 251 31.35 25.81 0.07
CA THR E 251 30.13 26.53 -0.27
C THR E 251 29.34 25.78 -1.34
N LEU E 252 30.02 25.41 -2.43
CA LEU E 252 29.37 24.69 -3.50
C LEU E 252 28.85 23.33 -3.03
N LEU E 253 29.56 22.69 -2.10
CA LEU E 253 29.13 21.41 -1.58
C LEU E 253 27.83 21.54 -0.81
N LEU E 254 27.69 22.59 -0.01
CA LEU E 254 26.43 22.81 0.69
C LEU E 254 25.30 23.10 -0.30
N GLY E 255 25.61 23.89 -1.34
CA GLY E 255 24.63 24.10 -2.40
C GLY E 255 24.13 22.79 -2.97
N TYR E 256 25.06 21.89 -3.32
CA TYR E 256 24.67 20.58 -3.84
C TYR E 256 23.95 19.74 -2.78
N SER E 257 24.30 19.92 -1.51
CA SER E 257 23.63 19.16 -0.46
C SER E 257 22.14 19.47 -0.45
N VAL E 258 21.79 20.76 -0.59
CA VAL E 258 20.37 21.11 -0.67
C VAL E 258 19.78 20.65 -2.00
N PHE E 259 20.52 20.86 -3.09
CA PHE E 259 19.96 20.53 -4.40
C PHE E 259 19.64 19.05 -4.52
N LEU E 260 20.45 18.18 -3.93
CA LEU E 260 20.23 16.75 -4.11
C LEU E 260 19.04 16.23 -3.32
N ILE E 261 18.74 16.80 -2.15
CA ILE E 261 17.51 16.40 -1.48
C ILE E 261 16.30 16.90 -2.26
N ILE E 262 16.39 18.13 -2.80
CA ILE E 262 15.31 18.60 -3.67
C ILE E 262 15.15 17.63 -4.85
N VAL E 263 16.26 17.16 -5.41
CA VAL E 263 16.19 16.23 -6.54
C VAL E 263 15.55 14.92 -6.11
N SER E 264 16.03 14.33 -5.02
CA SER E 264 15.50 13.06 -4.55
C SER E 264 14.00 13.14 -4.32
N ASP E 265 13.51 14.30 -3.91
CA ASP E 265 12.06 14.43 -3.71
C ASP E 265 11.27 14.39 -5.02
N THR E 266 11.92 14.53 -6.18
CA THR E 266 11.18 14.69 -7.42
C THR E 266 11.61 13.78 -8.56
N LEU E 267 12.89 13.42 -8.62
CA LEU E 267 13.41 12.75 -9.81
C LEU E 267 13.01 11.27 -9.80
N PRO E 268 12.35 10.77 -10.84
CA PRO E 268 11.98 9.35 -10.86
C PRO E 268 13.18 8.45 -11.12
N ALA E 269 13.00 7.18 -10.78
CA ALA E 269 14.05 6.19 -10.94
C ALA E 269 13.44 4.86 -11.39
N THR E 270 14.13 4.18 -12.29
CA THR E 270 13.68 2.88 -12.77
C THR E 270 14.88 2.13 -13.34
N ALA E 271 14.74 0.81 -13.42
CA ALA E 271 15.84 -0.05 -13.86
C ALA E 271 15.96 -0.16 -15.37
N ILE E 272 14.98 0.31 -16.14
CA ILE E 272 15.05 0.16 -17.59
C ILE E 272 16.19 1.00 -18.16
N GLY E 273 16.40 2.18 -17.61
CA GLY E 273 17.44 3.06 -18.13
C GLY E 273 17.56 4.31 -17.30
N THR E 274 18.59 5.08 -17.63
CA THR E 274 18.90 6.31 -16.92
C THR E 274 18.17 7.50 -17.55
N PRO E 275 17.86 8.53 -16.75
CA PRO E 275 17.48 9.82 -17.35
C PRO E 275 18.72 10.66 -17.58
N LEU E 276 18.86 11.17 -18.81
CA LEU E 276 20.07 11.90 -19.17
C LEU E 276 20.35 13.03 -18.21
N ILE E 277 19.29 13.67 -17.71
CA ILE E 277 19.45 14.79 -16.80
C ILE E 277 20.03 14.32 -15.46
N GLY E 278 19.59 13.15 -14.99
CA GLY E 278 19.89 12.74 -13.64
C GLY E 278 21.36 12.45 -13.38
N VAL E 279 22.06 11.87 -14.37
CA VAL E 279 23.42 11.41 -14.13
C VAL E 279 24.34 12.57 -13.79
N TYR E 280 24.15 13.71 -14.46
CA TYR E 280 25.05 14.85 -14.27
C TYR E 280 25.03 15.33 -12.82
N PHE E 281 23.86 15.34 -12.18
CA PHE E 281 23.77 15.86 -10.83
C PHE E 281 24.68 15.07 -9.89
N VAL E 282 24.52 13.75 -9.86
CA VAL E 282 25.30 12.92 -8.95
C VAL E 282 26.77 12.92 -9.36
N VAL E 283 27.04 12.95 -10.66
CA VAL E 283 28.42 12.98 -11.11
C VAL E 283 29.11 14.23 -10.56
N CYS E 284 28.50 15.39 -10.75
CA CYS E 284 29.11 16.64 -10.32
C CYS E 284 29.25 16.69 -8.81
N MET E 285 28.25 16.19 -8.08
CA MET E 285 28.36 16.20 -6.63
C MET E 285 29.53 15.32 -6.18
N ALA E 286 29.72 14.17 -6.84
CA ALA E 286 30.83 13.29 -6.49
C ALA E 286 32.18 13.93 -6.82
N LEU E 287 32.26 14.63 -7.95
CA LEU E 287 33.53 15.20 -8.39
C LEU E 287 34.07 16.29 -7.47
N LEU E 288 33.30 16.76 -6.49
CA LEU E 288 33.87 17.68 -5.52
C LEU E 288 35.00 17.02 -4.74
N VAL E 289 35.07 15.69 -4.73
CA VAL E 289 36.21 14.98 -4.15
C VAL E 289 37.50 15.36 -4.86
N ILE E 290 37.42 15.65 -6.16
CA ILE E 290 38.61 15.81 -6.98
C ILE E 290 39.39 17.04 -6.53
N SER E 291 40.71 16.89 -6.44
CA SER E 291 41.60 18.01 -6.19
C SER E 291 42.87 17.94 -7.03
N LEU E 292 42.86 17.18 -8.11
CA LEU E 292 44.04 17.02 -8.95
C LEU E 292 44.45 18.34 -9.58
N LEU E 362 53.86 19.91 -7.02
CA LEU E 362 53.01 21.04 -7.35
C LEU E 362 53.04 21.32 -8.85
N ARG E 363 54.12 20.88 -9.51
CA ARG E 363 54.20 21.04 -10.95
C ARG E 363 53.07 20.30 -11.65
N VAL E 364 52.84 19.04 -11.26
CA VAL E 364 51.82 18.24 -11.92
C VAL E 364 50.42 18.75 -11.59
N GLY E 365 50.22 19.21 -10.35
CA GLY E 365 48.89 19.64 -9.94
C GLY E 365 48.39 20.83 -10.73
N SER E 366 49.26 21.79 -11.01
CA SER E 366 48.82 23.05 -11.63
C SER E 366 48.35 22.88 -13.07
N VAL E 367 48.71 21.79 -13.74
CA VAL E 367 48.29 21.54 -15.11
C VAL E 367 47.15 20.52 -15.17
N LEU E 368 47.15 19.55 -14.27
CA LEU E 368 45.99 18.70 -14.10
C LEU E 368 44.76 19.54 -13.80
N ASP E 369 44.96 20.70 -13.16
CA ASP E 369 43.84 21.60 -12.91
C ASP E 369 43.24 22.12 -14.22
N LYS E 370 44.09 22.50 -15.17
CA LYS E 370 43.57 22.95 -16.46
C LYS E 370 42.89 21.82 -17.21
N LEU E 371 43.45 20.61 -17.12
CA LEU E 371 42.79 19.46 -17.73
C LEU E 371 41.40 19.27 -17.14
N LEU E 372 41.30 19.32 -15.82
CA LEU E 372 40.01 19.18 -15.15
C LEU E 372 39.06 20.28 -15.58
N PHE E 373 39.58 21.50 -15.73
CA PHE E 373 38.75 22.62 -16.18
C PHE E 373 38.17 22.36 -17.56
N HIS E 374 38.98 21.83 -18.47
CA HIS E 374 38.48 21.48 -19.80
C HIS E 374 37.39 20.43 -19.70
N ILE E 375 37.60 19.41 -18.86
CA ILE E 375 36.59 18.38 -18.67
C ILE E 375 35.27 19.00 -18.22
N TYR E 376 35.34 19.86 -17.21
CA TYR E 376 34.13 20.50 -16.69
C TYR E 376 33.43 21.31 -17.77
N LEU E 377 34.19 22.11 -18.51
CA LEU E 377 33.59 22.98 -19.51
C LEU E 377 32.89 22.16 -20.60
N LEU E 378 33.54 21.11 -21.08
CA LEU E 378 32.91 20.27 -22.09
C LEU E 378 31.68 19.57 -21.54
N ALA E 379 31.72 19.16 -20.27
CA ALA E 379 30.54 18.55 -19.67
C ALA E 379 29.36 19.51 -19.67
N VAL E 380 29.61 20.76 -19.29
CA VAL E 380 28.51 21.74 -19.25
C VAL E 380 28.01 22.04 -20.66
N LEU E 381 28.92 22.10 -21.63
CA LEU E 381 28.48 22.32 -23.01
C LEU E 381 27.58 21.18 -23.47
N ALA E 382 27.98 19.94 -23.17
CA ALA E 382 27.14 18.79 -23.51
C ALA E 382 25.79 18.89 -22.84
N TYR E 383 25.77 19.28 -21.56
CA TYR E 383 24.51 19.46 -20.85
C TYR E 383 23.60 20.44 -21.57
N SER E 384 24.15 21.58 -22.00
CA SER E 384 23.33 22.59 -22.67
C SER E 384 22.75 22.05 -23.98
N ILE E 385 23.59 21.47 -24.82
CA ILE E 385 23.06 20.97 -26.09
C ILE E 385 22.09 19.83 -25.86
N THR E 386 22.29 19.04 -24.80
CA THR E 386 21.34 17.98 -24.48
C THR E 386 19.98 18.56 -24.11
N LEU E 387 19.97 19.63 -23.31
CA LEU E 387 18.70 20.27 -22.98
C LEU E 387 18.01 20.79 -24.24
N VAL E 388 18.77 21.42 -25.14
CA VAL E 388 18.16 21.92 -26.37
C VAL E 388 17.56 20.78 -27.17
N MET E 389 18.29 19.66 -27.30
CA MET E 389 17.80 18.52 -28.05
C MET E 389 16.52 17.97 -27.43
N LEU E 390 16.52 17.78 -26.11
CA LEU E 390 15.35 17.23 -25.44
C LEU E 390 14.15 18.14 -25.62
N TRP E 391 14.35 19.45 -25.53
CA TRP E 391 13.24 20.36 -25.78
C TRP E 391 12.75 20.24 -27.21
N SER E 392 13.67 20.13 -28.17
CA SER E 392 13.28 20.06 -29.57
C SER E 392 12.42 18.84 -29.86
N ILE E 393 12.81 17.68 -29.35
CA ILE E 393 12.03 16.48 -29.61
C ILE E 393 10.72 16.49 -28.82
N TRP E 394 10.63 17.30 -27.76
CA TRP E 394 9.39 17.39 -26.99
C TRP E 394 8.41 18.39 -27.61
N GLN E 395 8.92 19.49 -28.16
CA GLN E 395 8.03 20.47 -28.78
C GLN E 395 7.37 19.89 -30.02
N TYR E 396 8.16 19.25 -30.89
CA TYR E 396 7.65 18.69 -32.13
C TYR E 396 7.35 17.19 -31.96
C1 NAG F . -34.79 19.46 -13.38
C2 NAG F . -35.90 20.28 -14.04
C3 NAG F . -35.57 21.77 -14.01
C4 NAG F . -35.24 22.21 -12.59
C5 NAG F . -34.15 21.32 -12.00
C6 NAG F . -33.85 21.63 -10.56
C7 NAG F . -36.92 18.84 -15.74
C8 NAG F . -37.02 18.52 -17.21
N2 NAG F . -36.11 19.84 -15.41
O3 NAG F . -36.68 22.51 -14.50
O4 NAG F . -34.77 23.56 -12.61
O5 NAG F . -34.57 19.95 -12.05
O6 NAG F . -34.97 21.39 -9.73
O7 NAG F . -37.56 18.21 -14.89
C1 NAG F . -35.61 24.39 -11.80
C2 NAG F . -35.07 25.81 -11.88
C3 NAG F . -35.92 26.76 -11.05
C4 NAG F . -37.38 26.66 -11.47
C5 NAG F . -37.85 25.20 -11.45
C6 NAG F . -39.24 25.03 -12.02
C7 NAG F . -33.25 25.51 -10.25
C8 NAG F . -31.78 25.64 -10.00
N2 NAG F . -33.67 25.87 -11.47
O3 NAG F . -35.45 28.09 -11.21
O4 NAG F . -38.19 27.42 -10.59
O5 NAG F . -36.98 24.38 -12.24
O6 NAG F . -39.27 25.30 -13.41
O7 NAG F . -34.03 25.12 -9.39
C1 NAG G . -15.05 28.36 -5.32
C2 NAG G . -15.10 29.83 -4.91
C3 NAG G . -16.53 30.35 -4.97
C4 NAG G . -17.13 30.09 -6.34
C5 NAG G . -16.98 28.61 -6.71
C6 NAG G . -17.43 28.32 -8.13
C7 NAG G . -13.24 30.19 -3.35
C8 NAG G . -12.84 30.41 -1.92
N2 NAG G . -14.54 30.03 -3.57
O3 NAG G . -16.53 31.74 -4.69
O4 NAG G . -18.52 30.42 -6.33
O5 NAG G . -15.61 28.21 -6.62
O6 NAG G . -16.79 29.18 -9.06
O7 NAG G . -12.40 30.16 -4.25
C1 NAG G . -18.82 31.37 -7.37
C2 NAG G . -20.34 31.48 -7.46
C3 NAG G . -20.74 32.51 -8.52
C4 NAG G . -20.06 33.84 -8.24
C5 NAG G . -18.55 33.65 -8.10
C6 NAG G . -17.83 34.91 -7.70
C7 NAG G . -21.57 29.45 -6.85
C8 NAG G . -22.11 28.13 -7.33
N2 NAG G . -20.92 30.18 -7.76
O3 NAG G . -22.15 32.67 -8.53
O4 NAG G . -20.32 34.75 -9.31
O5 NAG G . -18.28 32.67 -7.09
O6 NAG G . -18.02 35.95 -8.66
O7 NAG G . -21.70 29.81 -5.69
C1 NAG H . -33.13 3.67 24.78
C2 NAG H . -34.21 4.24 25.71
C3 NAG H . -33.58 4.92 26.92
C4 NAG H . -32.58 3.99 27.60
C5 NAG H . -31.56 3.51 26.59
C6 NAG H . -30.56 2.53 27.16
C7 NAG H . -36.23 4.81 24.43
C8 NAG H . -36.98 5.90 23.73
N2 NAG H . -35.06 5.16 25.00
O3 NAG H . -34.60 5.29 27.83
O4 NAG H . -31.91 4.68 28.66
O5 NAG H . -32.24 2.83 25.52
O6 NAG H . -31.20 1.36 27.65
O7 NAG H . -36.65 3.66 24.48
C1 NAG H . -32.24 4.10 29.94
C2 NAG H . -31.14 4.47 30.93
C3 NAG H . -31.47 3.91 32.30
C4 NAG H . -32.85 4.37 32.74
C5 NAG H . -33.88 4.02 31.68
C6 NAG H . -35.26 4.57 31.99
C7 NAG H . -28.86 4.79 30.09
C8 NAG H . -27.59 4.12 29.65
N2 NAG H . -29.84 3.98 30.47
O3 NAG H . -30.49 4.35 33.24
O4 NAG H . -33.21 3.72 33.96
O5 NAG H . -33.50 4.58 30.41
O6 NAG H . -35.73 4.13 33.26
O7 NAG H . -28.97 6.01 30.08
C1 NAG I . -11.77 10.36 27.22
C2 NAG I . -11.22 10.79 28.57
C3 NAG I . -12.25 10.50 29.66
C4 NAG I . -13.59 11.13 29.31
C5 NAG I . -14.01 10.82 27.87
C6 NAG I . -15.18 11.66 27.41
C7 NAG I . -8.96 10.78 29.51
C8 NAG I . -7.72 9.96 29.76
N2 NAG I . -9.96 10.15 28.89
O3 NAG I . -11.78 11.02 30.90
O4 NAG I . -14.59 10.59 30.16
O5 NAG I . -12.94 11.09 26.94
O6 NAG I . -14.99 13.03 27.70
O7 NAG I . -9.05 11.94 29.87
C1 NAG I . -15.38 11.61 30.79
C2 NAG I . -16.56 10.92 31.46
C3 NAG I . -17.42 11.95 32.20
C4 NAG I . -16.55 12.74 33.18
C5 NAG I . -15.36 13.35 32.45
C6 NAG I . -14.39 14.02 33.39
C7 NAG I . -17.61 8.89 30.61
C8 NAG I . -18.46 8.29 29.51
N2 NAG I . -17.37 10.19 30.50
O3 NAG I . -18.45 11.28 32.90
O4 NAG I . -17.33 13.77 33.78
O5 NAG I . -14.62 12.33 31.77
O6 NAG I . -13.78 13.09 34.28
O7 NAG I . -17.18 8.21 31.53
C1 NAG J . -13.42 -32.34 22.84
C2 NAG J . -13.83 -33.54 23.70
C3 NAG J . -12.73 -33.88 24.70
C4 NAG J . -11.41 -34.09 23.97
C5 NAG J . -11.10 -32.87 23.11
C6 NAG J . -9.85 -33.04 22.28
C7 NAG J . -15.26 -32.31 25.28
C8 NAG J . -16.63 -32.21 25.89
N2 NAG J . -15.09 -33.30 24.39
O3 NAG J . -13.08 -35.05 25.42
O4 NAG J . -10.35 -34.30 24.90
O5 NAG J . -12.18 -32.62 22.21
O6 NAG J . -9.89 -34.24 21.52
O7 NAG J . -14.35 -31.55 25.59
C1 NAG J . -9.89 -35.66 24.82
C2 NAG J . -8.57 -35.76 25.58
C3 NAG J . -8.08 -37.20 25.61
C4 NAG J . -9.16 -38.13 26.14
C5 NAG J . -10.44 -37.94 25.33
C6 NAG J . -11.60 -38.76 25.85
C7 NAG J . -7.18 -33.74 25.53
C8 NAG J . -6.12 -32.98 24.78
N2 NAG J . -7.56 -34.89 24.99
O3 NAG J . -6.91 -37.30 26.44
O4 NAG J . -8.74 -39.49 26.03
O5 NAG J . -10.84 -36.56 25.39
O6 NAG J . -11.40 -40.14 25.61
O7 NAG J . -7.65 -33.32 26.59
C1 NAG K . 7.45 -21.76 22.15
C2 NAG K . 8.51 -22.60 22.85
C3 NAG K . 7.91 -23.91 23.32
C4 NAG K . 6.69 -23.65 24.19
C5 NAG K . 5.71 -22.69 23.50
C6 NAG K . 4.59 -22.23 24.40
C7 NAG K . 10.68 -22.02 21.85
C8 NAG K . 11.76 -22.43 20.90
N2 NAG K . 9.65 -22.85 21.96
O3 NAG K . 8.88 -24.64 24.06
O4 NAG K . 6.02 -24.87 24.43
O5 NAG K . 6.39 -21.50 23.06
O6 NAG K . 5.09 -21.67 25.60
O7 NAG K . 10.74 -20.97 22.49
C1 NAG K . 5.98 -25.18 25.84
C2 NAG K . 5.21 -26.48 25.99
C3 NAG K . 5.14 -26.87 27.46
C4 NAG K . 6.53 -26.95 28.05
C5 NAG K . 7.30 -25.66 27.79
C6 NAG K . 8.75 -25.73 28.22
C7 NAG K . 3.51 -26.96 24.30
C8 NAG K . 2.09 -26.74 23.86
N2 NAG K . 3.87 -26.36 25.43
O3 NAG K . 4.48 -28.13 27.58
O4 NAG K . 6.47 -27.19 29.45
O5 NAG K . 7.30 -25.33 26.40
O6 NAG K . 9.43 -26.78 27.54
O7 NAG K . 4.28 -27.67 23.66
C1 NAG L . -2.30 -38.87 -16.11
C2 NAG L . -2.16 -40.37 -16.47
C3 NAG L . -0.74 -40.68 -16.91
C4 NAG L . -0.30 -39.75 -18.02
C5 NAG L . -0.47 -38.31 -17.57
C6 NAG L . -0.13 -37.30 -18.65
C7 NAG L . -3.81 -41.54 -15.06
C8 NAG L . -4.01 -42.41 -13.87
N2 NAG L . -2.54 -41.20 -15.34
O3 NAG L . -0.68 -42.03 -17.35
O4 NAG L . 1.06 -39.98 -18.36
O5 NAG L . -1.84 -38.08 -17.21
O6 NAG L . -1.03 -37.40 -19.75
O7 NAG L . -4.74 -41.14 -15.75
C1 NAG L . 1.18 -40.37 -19.74
C2 NAG L . 2.63 -40.15 -20.19
C3 NAG L . 2.81 -40.58 -21.63
C4 NAG L . 2.35 -42.02 -21.81
C5 NAG L . 0.92 -42.18 -21.30
C6 NAG L . 0.45 -43.61 -21.32
C7 NAG L . 3.94 -38.36 -19.11
C8 NAG L . 4.22 -36.89 -19.08
N2 NAG L . 3.03 -38.75 -20.01
O3 NAG L . 4.18 -40.47 -21.99
O4 NAG L . 2.39 -42.37 -23.19
O5 NAG L . 0.83 -41.74 -19.93
O6 NAG L . 0.25 -44.07 -22.66
O7 NAG L . 4.50 -39.15 -18.37
C1 NAG M . 15.86 -24.66 -14.55
C2 NAG M . 17.07 -25.08 -15.39
C3 NAG M . 16.70 -26.27 -16.27
C4 NAG M . 16.10 -27.40 -15.44
C5 NAG M . 14.96 -26.87 -14.57
C6 NAG M . 14.44 -27.91 -13.60
C7 NAG M . 18.37 -23.03 -15.72
C8 NAG M . 18.79 -21.97 -16.70
N2 NAG M . 17.55 -23.98 -16.19
O3 NAG M . 17.85 -26.73 -16.95
O4 NAG M . 15.56 -28.39 -16.31
O5 NAG M . 15.41 -25.76 -13.77
O6 NAG M . 15.44 -28.30 -12.67
O7 NAG M . 18.75 -23.03 -14.56
C1 NAG M . 16.25 -29.64 -16.14
C2 NAG M . 15.42 -30.70 -16.86
C3 NAG M . 16.10 -32.06 -16.73
C4 NAG M . 17.53 -31.98 -17.26
C5 NAG M . 18.29 -30.85 -16.55
C6 NAG M . 19.67 -30.63 -17.13
C7 NAG M . 13.00 -30.49 -17.06
C8 NAG M . 11.68 -30.58 -16.35
N2 NAG M . 14.07 -30.76 -16.33
O3 NAG M . 15.36 -33.02 -17.48
O4 NAG M . 18.20 -33.22 -17.02
O5 NAG M . 17.57 -29.62 -16.69
O6 NAG M . 19.59 -30.18 -18.48
O7 NAG M . 13.07 -30.19 -18.25
C1 NAG N . -15.24 -6.54 -38.39
C2 NAG N . -15.69 -6.79 -39.82
C3 NAG N . -14.73 -6.14 -40.79
C4 NAG N . -14.58 -4.65 -40.48
C5 NAG N . -14.19 -4.46 -39.02
C6 NAG N . -14.18 -3.01 -38.59
C7 NAG N . -14.78 -9.07 -40.05
C8 NAG N . -15.10 -10.50 -40.37
N2 NAG N . -15.81 -8.21 -40.10
O3 NAG N . -15.20 -6.30 -42.13
O4 NAG N . -13.58 -4.06 -41.30
O5 NAG N . -15.13 -5.13 -38.16
O6 NAG N . -13.69 -2.86 -37.27
O7 NAG N . -13.65 -8.70 -39.76
C1 NAG N . -14.16 -3.04 -42.14
C2 NAG N . -13.03 -2.12 -42.60
C3 NAG N . -13.59 -1.04 -43.54
C4 NAG N . -14.36 -1.68 -44.68
C5 NAG N . -15.43 -2.63 -44.13
C6 NAG N . -16.14 -3.41 -45.22
C7 NAG N . -11.13 -1.88 -41.08
C8 NAG N . -10.57 -1.15 -39.90
N2 NAG N . -12.35 -1.51 -41.48
O3 NAG N . -12.51 -0.27 -44.06
O4 NAG N . -15.00 -0.67 -45.46
O5 NAG N . -14.82 -3.61 -43.27
O6 NAG N . -16.78 -2.54 -46.15
O7 NAG N . -10.50 -2.76 -41.65
C1 NAG O . 2.58 6.53 -31.05
C2 NAG O . 3.13 7.56 -32.03
C3 NAG O . 2.23 7.67 -33.25
C4 NAG O . 2.00 6.29 -33.86
C5 NAG O . 1.57 5.27 -32.81
C6 NAG O . 1.54 3.86 -33.34
C7 NAG O . 4.38 9.26 -30.77
C8 NAG O . 4.35 10.63 -30.17
N2 NAG O . 3.26 8.86 -31.39
O3 NAG O . 2.81 8.55 -34.20
O4 NAG O . 0.96 6.39 -34.83
O5 NAG O . 2.49 5.28 -31.71
O6 NAG O . 2.83 3.44 -33.77
O7 NAG O . 5.37 8.54 -30.70
C1 NAG O . 1.31 5.85 -36.11
C2 NAG O . 0.17 6.19 -37.06
C3 NAG O . 0.46 5.63 -38.44
C4 NAG O . 1.81 6.14 -38.94
C5 NAG O . 2.90 5.85 -37.92
C6 NAG O . 4.22 6.50 -38.28
C7 NAG O . -1.34 4.42 -36.27
C8 NAG O . -2.72 4.11 -35.76
N2 NAG O . -1.11 5.70 -36.55
O3 NAG O . -0.58 6.03 -39.33
O4 NAG O . 2.13 5.51 -40.16
O5 NAG O . 2.54 6.37 -36.62
O6 NAG O . 4.09 7.90 -38.39
O7 NAG O . -0.50 3.54 -36.42
C1 NAG P . -53.36 6.86 12.69
C2 NAG P . -54.52 7.14 13.65
C3 NAG P . -54.80 8.64 13.71
C4 NAG P . -53.53 9.41 14.05
C5 NAG P . -52.42 9.04 13.08
C6 NAG P . -51.10 9.67 13.41
C7 NAG P . -55.96 5.15 13.65
C8 NAG P . -57.24 4.56 13.15
N2 NAG P . -55.72 6.41 13.26
O3 NAG P . -55.80 8.89 14.69
O4 NAG P . -53.78 10.81 13.99
O5 NAG P . -52.21 7.62 13.08
O6 NAG P . -50.51 9.09 14.57
O7 NAG P . -55.19 4.53 14.36
C1 NAG Q . -37.89 -31.80 28.24
C2 NAG Q . -38.24 -33.29 28.25
C3 NAG Q . -39.20 -33.60 29.39
C4 NAG Q . -38.65 -33.10 30.71
C5 NAG Q . -38.31 -31.61 30.59
C6 NAG Q . -37.66 -31.06 31.84
C7 NAG Q . -38.19 -34.51 26.12
C8 NAG Q . -38.94 -34.83 24.85
N2 NAG Q . -38.82 -33.71 26.97
O3 NAG Q . -39.42 -35.02 29.46
O4 NAG Q . -39.60 -33.29 31.75
O5 NAG Q . -37.38 -31.42 29.53
O6 NAG Q . -37.42 -29.67 31.72
O7 NAG Q . -37.08 -34.99 26.34
C1 NAG R . -19.88 -53.47 -5.45
C2 NAG R . -20.10 -54.35 -6.68
C3 NAG R . -20.46 -55.77 -6.27
C4 NAG R . -19.41 -56.32 -5.30
C5 NAG R . -19.23 -55.37 -4.13
C6 NAG R . -18.12 -55.78 -3.19
C7 NAG R . -20.86 -53.06 -8.62
C8 NAG R . -22.05 -52.57 -9.40
N2 NAG R . -21.13 -53.79 -7.54
O3 NAG R . -20.54 -56.59 -7.42
O4 NAG R . -19.82 -57.59 -4.82
O5 NAG R . -18.88 -54.06 -4.60
O6 NAG R . -16.86 -55.80 -3.85
O7 NAG R . -19.71 -52.80 -8.97
C1 NAG S . -26.16 -28.85 -42.10
C2 NAG S . -27.57 -29.31 -42.46
C3 NAG S . -27.53 -30.21 -43.68
C4 NAG S . -26.85 -29.49 -44.84
C5 NAG S . -25.47 -29.03 -44.41
C6 NAG S . -24.77 -28.18 -45.46
C7 NAG S . -29.52 -30.12 -41.20
C8 NAG S . -30.00 -30.88 -40.00
N2 NAG S . -28.19 -30.02 -41.34
O3 NAG S . -28.85 -30.58 -44.06
O4 NAG S . -26.73 -30.36 -45.96
O5 NAG S . -25.57 -28.21 -43.23
O6 NAG S . -23.55 -27.65 -44.98
O7 NAG S . -30.30 -29.60 -42.00
C1 NAG T . -45.13 8.02 -30.97
C2 NAG T . -46.28 8.79 -31.61
C3 NAG T . -45.83 9.44 -32.92
C4 NAG T . -44.58 10.29 -32.68
C5 NAG T . -43.50 9.45 -31.99
C6 NAG T . -42.29 10.27 -31.60
C7 NAG T . -48.43 7.79 -30.96
C8 NAG T . -49.53 6.86 -31.37
N2 NAG T . -47.43 7.92 -31.84
O3 NAG T . -46.87 10.24 -33.43
O4 NAG T . -44.08 10.77 -33.92
O5 NAG T . -44.01 8.88 -30.78
O6 NAG T . -41.82 11.06 -32.69
O7 NAG T . -48.43 8.38 -29.89
#